data_1PN6
# 
_entry.id   1PN6 
# 
_audit_conform.dict_name       mmcif_pdbx.dic 
_audit_conform.dict_version    5.386 
_audit_conform.dict_location   http://mmcif.pdb.org/dictionaries/ascii/mmcif_pdbx.dic 
# 
loop_
_database_2.database_id 
_database_2.database_code 
_database_2.pdbx_database_accession 
_database_2.pdbx_DOI 
PDB   1PN6         pdb_00001pn6 10.2210/pdb1pn6/pdb 
RCSB  RCSB019443   ?            ?                   
WWPDB D_1000019443 ?            ?                   
# 
loop_
_pdbx_audit_revision_history.ordinal 
_pdbx_audit_revision_history.data_content_type 
_pdbx_audit_revision_history.major_revision 
_pdbx_audit_revision_history.minor_revision 
_pdbx_audit_revision_history.revision_date 
1 'Structure model' 1 0 2003-07-15 
2 'Structure model' 1 1 2008-04-29 
3 'Structure model' 1 2 2011-07-13 
4 'Structure model' 1 3 2021-10-27 
5 'Structure model' 1 4 2024-02-14 
# 
_pdbx_audit_revision_details.ordinal             1 
_pdbx_audit_revision_details.revision_ordinal    1 
_pdbx_audit_revision_details.data_content_type   'Structure model' 
_pdbx_audit_revision_details.provider            repository 
_pdbx_audit_revision_details.type                'Initial release' 
_pdbx_audit_revision_details.description         ? 
_pdbx_audit_revision_details.details             ? 
# 
loop_
_pdbx_audit_revision_group.ordinal 
_pdbx_audit_revision_group.revision_ordinal 
_pdbx_audit_revision_group.data_content_type 
_pdbx_audit_revision_group.group 
1 2 'Structure model' 'Version format compliance' 
2 3 'Structure model' 'Version format compliance' 
3 4 'Structure model' 'Data collection'           
4 4 'Structure model' 'Database references'       
5 5 'Structure model' 'Data collection'           
6 5 'Structure model' 'Refinement description'    
# 
loop_
_pdbx_audit_revision_category.ordinal 
_pdbx_audit_revision_category.revision_ordinal 
_pdbx_audit_revision_category.data_content_type 
_pdbx_audit_revision_category.category 
1 4 'Structure model' database_2                    
2 4 'Structure model' em_image_scans                
3 4 'Structure model' struct_ref_seq_dif            
4 5 'Structure model' chem_comp_atom                
5 5 'Structure model' chem_comp_bond                
6 5 'Structure model' em_3d_fitting_list            
7 5 'Structure model' pdbx_initial_refinement_model 
# 
loop_
_pdbx_audit_revision_item.ordinal 
_pdbx_audit_revision_item.revision_ordinal 
_pdbx_audit_revision_item.data_content_type 
_pdbx_audit_revision_item.item 
1 4 'Structure model' '_database_2.pdbx_DOI'                            
2 4 'Structure model' '_database_2.pdbx_database_accession'             
3 4 'Structure model' '_struct_ref_seq_dif.details'                     
4 5 'Structure model' '_em_3d_fitting_list.accession_code'              
5 5 'Structure model' '_em_3d_fitting_list.initial_refinement_model_id' 
6 5 'Structure model' '_em_3d_fitting_list.source_name'                 
7 5 'Structure model' '_em_3d_fitting_list.type'                        
# 
_pdbx_database_status.status_code                     REL 
_pdbx_database_status.entry_id                        1PN6 
_pdbx_database_status.recvd_initial_deposition_date   2003-06-12 
_pdbx_database_status.deposit_site                    RCSB 
_pdbx_database_status.process_site                    RCSB 
_pdbx_database_status.SG_entry                        . 
_pdbx_database_status.status_code_sf                  ? 
_pdbx_database_status.status_code_mr                  ? 
_pdbx_database_status.pdb_format_compatible           Y 
_pdbx_database_status.status_code_cs                  ? 
_pdbx_database_status.status_code_nmr_data            ? 
_pdbx_database_status.methods_development_category    ? 
# 
loop_
_pdbx_database_related.db_name 
_pdbx_database_related.db_id 
_pdbx_database_related.details 
_pdbx_database_related.content_type 
PDB  1FNM     'STRUCTURE OF THERMUS THERMOPHILUS EF-G H573A' unspecified            
PDB  1PN7     
'Coordinates of S12, L11 proteins and P-tRNA, from the 70S X-ray structure aligned to the 70S Cryo-EM map of E.coli ribosome' 
unspecified            
PDB  1PN8     
;Coordinates of S12, L11 proteins and E-site tRNA from 70S crystal structure separately fitted into the Cryo-EM map of E.coli 70S.EF-G.GDPNP complex
;
unspecified            
EMDB EMD-1055 . 'other EM volume'      
EMDB EMD-1362 . 'other EM volume'      
EMDB EMD-1363 . 'associated EM volume' 
EMDB EMD-1364 . 'other EM volume'      
EMDB EMD-1365 . 'other EM volume'      
EMDB EMD-1366 . 'other EM volume'      
# 
loop_
_audit_author.name 
_audit_author.pdbx_ordinal 
'Valle, M.'     1 
'Zavialov, A.'  2 
'Sengupta, J.'  3 
'Rawat, U.'     4 
'Ehrenberg, M.' 5 
'Frank, J.'     6 
# 
loop_
_citation.id 
_citation.title 
_citation.journal_abbrev 
_citation.journal_volume 
_citation.page_first 
_citation.page_last 
_citation.year 
_citation.journal_id_ASTM 
_citation.country 
_citation.journal_id_ISSN 
_citation.journal_id_CSD 
_citation.book_publisher 
_citation.pdbx_database_id_PubMed 
_citation.pdbx_database_id_DOI 
primary 'Locking and Unlocking of Ribosomal Motions'                                                                 
'Cell(Cambridge,Mass.)' 114 123  134  2003 CELLB5 US 0092-8674 0998 ? 12859903 '10.1016/S0092-8674(03)00476-8' 
1       'STRUCTURE OF A MUTANT EF-G REVEALS DOMAIN III AND POSSIBLY THE FUSIDIC ACID BINDING SITE'                   J.Mol.Biol. 
303 593  603  2000 JMOBAK UK 0022-2836 0070 ? ?        ?                               
2       'Visualization of elongation factor G on the Escherichia coli 70S ribosome: the mechanism of translocation.' 
Proc.Natl.Acad.Sci.USA  95  6134 6138 1998 PNASA6 US 0027-8424 0040 ? ?        ?                               
3       'A posttermination ribosomal complex is the guanine exchange factor for peptide reslease factor RF3.'        
'Cell(Cambridge,Mass.)' 107 1    20   2001 CELLB5 US 0092-8674 0998 ? ?        ?                               
# 
loop_
_citation_author.citation_id 
_citation_author.name 
_citation_author.ordinal 
_citation_author.identifier_ORCID 
primary 'Valle, M.'     1 ? 
primary 'Zavialov, A.'  2 ? 
primary 'Sengupta, J.'  3 ? 
primary 'Rawat, U.'     4 ? 
primary 'Ehrenberg, M.' 5 ? 
primary 'Frank, J.'     6 ? 
# 
_entity.id                         1 
_entity.type                       polymer 
_entity.src_method                 nat 
_entity.pdbx_description           'Elongation factor G' 
_entity.formula_weight             76910.031 
_entity.pdbx_number_of_molecules   1 
_entity.pdbx_ec                    ? 
_entity.pdbx_mutation              ? 
_entity.pdbx_fragment              ? 
_entity.details                    ? 
# 
_entity_name_com.entity_id   1 
_entity_name_com.name        EF-G 
# 
_entity_poly.entity_id                      1 
_entity_poly.type                           'polypeptide(L)' 
_entity_poly.nstd_linkage                   no 
_entity_poly.nstd_monomer                   no 
_entity_poly.pdbx_seq_one_letter_code       
;MAVKVEYDLKRLRNIGIAAHIDAGKTTTTERILYYTGRIHKIGEVHEGAATMDFMEQERERGITITAAVTTCFWKDHRIN
IIDTPGHVDFTIEVERSMRVLDGAIVVFDSSQGVEPQSETVWRQAEKYKVPRIAFANKMDKTGADLWLVIRTMQERLGAR
PVVMQLPIGREDTFSGIIDVLRMKAYTYGNDLGTDIREIPIPEEYLDQAREYHEKLVEVAADFDENIMLKYLEGEEPTEE
ELVAAIRKGTIDLKITPVFLGSALKNKGVQLLLDAVVDYLPSPLDIPPIKGTTPEGEVVEIHPDPNGPLAALAFKIMADP
YVGRLTFIRVYSGTLTSGSYVYNTTKGRKERVARLLRMHANHREEVEELKAGDLGAVVGLKETITGDTLVGEDAPRVILE
SIEVPEPVIDVAIEPKTKADQEKLSQALARLAEEDPTFRVSTHPETGQTIISGMGELHLEIIVDRLKREFKVDANVGKPQ
VAYRETITKPVDVEGKFIRQTGGRGQYGHVKIKVEPLPRGSGFEFVNAIVGGVIPKEYIPAVQKGIEEAMQSGPLIGFPV
VDIKVTLYDGSYAEVDSSEMAFKIAGSMAIKEAVQKGDPVILEPIMRVEVTTPEEYMGDVIGDLNARRGQILGMEPRGNA
QVIRAFVPLAEMFGYATDLRSKTQGRGSFVMFFDHYQEVPKQVQEKLIKGQ
;
_entity_poly.pdbx_seq_one_letter_code_can   
;MAVKVEYDLKRLRNIGIAAHIDAGKTTTTERILYYTGRIHKIGEVHEGAATMDFMEQERERGITITAAVTTCFWKDHRIN
IIDTPGHVDFTIEVERSMRVLDGAIVVFDSSQGVEPQSETVWRQAEKYKVPRIAFANKMDKTGADLWLVIRTMQERLGAR
PVVMQLPIGREDTFSGIIDVLRMKAYTYGNDLGTDIREIPIPEEYLDQAREYHEKLVEVAADFDENIMLKYLEGEEPTEE
ELVAAIRKGTIDLKITPVFLGSALKNKGVQLLLDAVVDYLPSPLDIPPIKGTTPEGEVVEIHPDPNGPLAALAFKIMADP
YVGRLTFIRVYSGTLTSGSYVYNTTKGRKERVARLLRMHANHREEVEELKAGDLGAVVGLKETITGDTLVGEDAPRVILE
SIEVPEPVIDVAIEPKTKADQEKLSQALARLAEEDPTFRVSTHPETGQTIISGMGELHLEIIVDRLKREFKVDANVGKPQ
VAYRETITKPVDVEGKFIRQTGGRGQYGHVKIKVEPLPRGSGFEFVNAIVGGVIPKEYIPAVQKGIEEAMQSGPLIGFPV
VDIKVTLYDGSYAEVDSSEMAFKIAGSMAIKEAVQKGDPVILEPIMRVEVTTPEEYMGDVIGDLNARRGQILGMEPRGNA
QVIRAFVPLAEMFGYATDLRSKTQGRGSFVMFFDHYQEVPKQVQEKLIKGQ
;
_entity_poly.pdbx_strand_id                 A 
_entity_poly.pdbx_target_identifier         ? 
# 
loop_
_entity_poly_seq.entity_id 
_entity_poly_seq.num 
_entity_poly_seq.mon_id 
_entity_poly_seq.hetero 
1 1   MET n 
1 2   ALA n 
1 3   VAL n 
1 4   LYS n 
1 5   VAL n 
1 6   GLU n 
1 7   TYR n 
1 8   ASP n 
1 9   LEU n 
1 10  LYS n 
1 11  ARG n 
1 12  LEU n 
1 13  ARG n 
1 14  ASN n 
1 15  ILE n 
1 16  GLY n 
1 17  ILE n 
1 18  ALA n 
1 19  ALA n 
1 20  HIS n 
1 21  ILE n 
1 22  ASP n 
1 23  ALA n 
1 24  GLY n 
1 25  LYS n 
1 26  THR n 
1 27  THR n 
1 28  THR n 
1 29  THR n 
1 30  GLU n 
1 31  ARG n 
1 32  ILE n 
1 33  LEU n 
1 34  TYR n 
1 35  TYR n 
1 36  THR n 
1 37  GLY n 
1 38  ARG n 
1 39  ILE n 
1 40  HIS n 
1 41  LYS n 
1 42  ILE n 
1 43  GLY n 
1 44  GLU n 
1 45  VAL n 
1 46  HIS n 
1 47  GLU n 
1 48  GLY n 
1 49  ALA n 
1 50  ALA n 
1 51  THR n 
1 52  MET n 
1 53  ASP n 
1 54  PHE n 
1 55  MET n 
1 56  GLU n 
1 57  GLN n 
1 58  GLU n 
1 59  ARG n 
1 60  GLU n 
1 61  ARG n 
1 62  GLY n 
1 63  ILE n 
1 64  THR n 
1 65  ILE n 
1 66  THR n 
1 67  ALA n 
1 68  ALA n 
1 69  VAL n 
1 70  THR n 
1 71  THR n 
1 72  CYS n 
1 73  PHE n 
1 74  TRP n 
1 75  LYS n 
1 76  ASP n 
1 77  HIS n 
1 78  ARG n 
1 79  ILE n 
1 80  ASN n 
1 81  ILE n 
1 82  ILE n 
1 83  ASP n 
1 84  THR n 
1 85  PRO n 
1 86  GLY n 
1 87  HIS n 
1 88  VAL n 
1 89  ASP n 
1 90  PHE n 
1 91  THR n 
1 92  ILE n 
1 93  GLU n 
1 94  VAL n 
1 95  GLU n 
1 96  ARG n 
1 97  SER n 
1 98  MET n 
1 99  ARG n 
1 100 VAL n 
1 101 LEU n 
1 102 ASP n 
1 103 GLY n 
1 104 ALA n 
1 105 ILE n 
1 106 VAL n 
1 107 VAL n 
1 108 PHE n 
1 109 ASP n 
1 110 SER n 
1 111 SER n 
1 112 GLN n 
1 113 GLY n 
1 114 VAL n 
1 115 GLU n 
1 116 PRO n 
1 117 GLN n 
1 118 SER n 
1 119 GLU n 
1 120 THR n 
1 121 VAL n 
1 122 TRP n 
1 123 ARG n 
1 124 GLN n 
1 125 ALA n 
1 126 GLU n 
1 127 LYS n 
1 128 TYR n 
1 129 LYS n 
1 130 VAL n 
1 131 PRO n 
1 132 ARG n 
1 133 ILE n 
1 134 ALA n 
1 135 PHE n 
1 136 ALA n 
1 137 ASN n 
1 138 LYS n 
1 139 MET n 
1 140 ASP n 
1 141 LYS n 
1 142 THR n 
1 143 GLY n 
1 144 ALA n 
1 145 ASP n 
1 146 LEU n 
1 147 TRP n 
1 148 LEU n 
1 149 VAL n 
1 150 ILE n 
1 151 ARG n 
1 152 THR n 
1 153 MET n 
1 154 GLN n 
1 155 GLU n 
1 156 ARG n 
1 157 LEU n 
1 158 GLY n 
1 159 ALA n 
1 160 ARG n 
1 161 PRO n 
1 162 VAL n 
1 163 VAL n 
1 164 MET n 
1 165 GLN n 
1 166 LEU n 
1 167 PRO n 
1 168 ILE n 
1 169 GLY n 
1 170 ARG n 
1 171 GLU n 
1 172 ASP n 
1 173 THR n 
1 174 PHE n 
1 175 SER n 
1 176 GLY n 
1 177 ILE n 
1 178 ILE n 
1 179 ASP n 
1 180 VAL n 
1 181 LEU n 
1 182 ARG n 
1 183 MET n 
1 184 LYS n 
1 185 ALA n 
1 186 TYR n 
1 187 THR n 
1 188 TYR n 
1 189 GLY n 
1 190 ASN n 
1 191 ASP n 
1 192 LEU n 
1 193 GLY n 
1 194 THR n 
1 195 ASP n 
1 196 ILE n 
1 197 ARG n 
1 198 GLU n 
1 199 ILE n 
1 200 PRO n 
1 201 ILE n 
1 202 PRO n 
1 203 GLU n 
1 204 GLU n 
1 205 TYR n 
1 206 LEU n 
1 207 ASP n 
1 208 GLN n 
1 209 ALA n 
1 210 ARG n 
1 211 GLU n 
1 212 TYR n 
1 213 HIS n 
1 214 GLU n 
1 215 LYS n 
1 216 LEU n 
1 217 VAL n 
1 218 GLU n 
1 219 VAL n 
1 220 ALA n 
1 221 ALA n 
1 222 ASP n 
1 223 PHE n 
1 224 ASP n 
1 225 GLU n 
1 226 ASN n 
1 227 ILE n 
1 228 MET n 
1 229 LEU n 
1 230 LYS n 
1 231 TYR n 
1 232 LEU n 
1 233 GLU n 
1 234 GLY n 
1 235 GLU n 
1 236 GLU n 
1 237 PRO n 
1 238 THR n 
1 239 GLU n 
1 240 GLU n 
1 241 GLU n 
1 242 LEU n 
1 243 VAL n 
1 244 ALA n 
1 245 ALA n 
1 246 ILE n 
1 247 ARG n 
1 248 LYS n 
1 249 GLY n 
1 250 THR n 
1 251 ILE n 
1 252 ASP n 
1 253 LEU n 
1 254 LYS n 
1 255 ILE n 
1 256 THR n 
1 257 PRO n 
1 258 VAL n 
1 259 PHE n 
1 260 LEU n 
1 261 GLY n 
1 262 SER n 
1 263 ALA n 
1 264 LEU n 
1 265 LYS n 
1 266 ASN n 
1 267 LYS n 
1 268 GLY n 
1 269 VAL n 
1 270 GLN n 
1 271 LEU n 
1 272 LEU n 
1 273 LEU n 
1 274 ASP n 
1 275 ALA n 
1 276 VAL n 
1 277 VAL n 
1 278 ASP n 
1 279 TYR n 
1 280 LEU n 
1 281 PRO n 
1 282 SER n 
1 283 PRO n 
1 284 LEU n 
1 285 ASP n 
1 286 ILE n 
1 287 PRO n 
1 288 PRO n 
1 289 ILE n 
1 290 LYS n 
1 291 GLY n 
1 292 THR n 
1 293 THR n 
1 294 PRO n 
1 295 GLU n 
1 296 GLY n 
1 297 GLU n 
1 298 VAL n 
1 299 VAL n 
1 300 GLU n 
1 301 ILE n 
1 302 HIS n 
1 303 PRO n 
1 304 ASP n 
1 305 PRO n 
1 306 ASN n 
1 307 GLY n 
1 308 PRO n 
1 309 LEU n 
1 310 ALA n 
1 311 ALA n 
1 312 LEU n 
1 313 ALA n 
1 314 PHE n 
1 315 LYS n 
1 316 ILE n 
1 317 MET n 
1 318 ALA n 
1 319 ASP n 
1 320 PRO n 
1 321 TYR n 
1 322 VAL n 
1 323 GLY n 
1 324 ARG n 
1 325 LEU n 
1 326 THR n 
1 327 PHE n 
1 328 ILE n 
1 329 ARG n 
1 330 VAL n 
1 331 TYR n 
1 332 SER n 
1 333 GLY n 
1 334 THR n 
1 335 LEU n 
1 336 THR n 
1 337 SER n 
1 338 GLY n 
1 339 SER n 
1 340 TYR n 
1 341 VAL n 
1 342 TYR n 
1 343 ASN n 
1 344 THR n 
1 345 THR n 
1 346 LYS n 
1 347 GLY n 
1 348 ARG n 
1 349 LYS n 
1 350 GLU n 
1 351 ARG n 
1 352 VAL n 
1 353 ALA n 
1 354 ARG n 
1 355 LEU n 
1 356 LEU n 
1 357 ARG n 
1 358 MET n 
1 359 HIS n 
1 360 ALA n 
1 361 ASN n 
1 362 HIS n 
1 363 ARG n 
1 364 GLU n 
1 365 GLU n 
1 366 VAL n 
1 367 GLU n 
1 368 GLU n 
1 369 LEU n 
1 370 LYS n 
1 371 ALA n 
1 372 GLY n 
1 373 ASP n 
1 374 LEU n 
1 375 GLY n 
1 376 ALA n 
1 377 VAL n 
1 378 VAL n 
1 379 GLY n 
1 380 LEU n 
1 381 LYS n 
1 382 GLU n 
1 383 THR n 
1 384 ILE n 
1 385 THR n 
1 386 GLY n 
1 387 ASP n 
1 388 THR n 
1 389 LEU n 
1 390 VAL n 
1 391 GLY n 
1 392 GLU n 
1 393 ASP n 
1 394 ALA n 
1 395 PRO n 
1 396 ARG n 
1 397 VAL n 
1 398 ILE n 
1 399 LEU n 
1 400 GLU n 
1 401 SER n 
1 402 ILE n 
1 403 GLU n 
1 404 VAL n 
1 405 PRO n 
1 406 GLU n 
1 407 PRO n 
1 408 VAL n 
1 409 ILE n 
1 410 ASP n 
1 411 VAL n 
1 412 ALA n 
1 413 ILE n 
1 414 GLU n 
1 415 PRO n 
1 416 LYS n 
1 417 THR n 
1 418 LYS n 
1 419 ALA n 
1 420 ASP n 
1 421 GLN n 
1 422 GLU n 
1 423 LYS n 
1 424 LEU n 
1 425 SER n 
1 426 GLN n 
1 427 ALA n 
1 428 LEU n 
1 429 ALA n 
1 430 ARG n 
1 431 LEU n 
1 432 ALA n 
1 433 GLU n 
1 434 GLU n 
1 435 ASP n 
1 436 PRO n 
1 437 THR n 
1 438 PHE n 
1 439 ARG n 
1 440 VAL n 
1 441 SER n 
1 442 THR n 
1 443 HIS n 
1 444 PRO n 
1 445 GLU n 
1 446 THR n 
1 447 GLY n 
1 448 GLN n 
1 449 THR n 
1 450 ILE n 
1 451 ILE n 
1 452 SER n 
1 453 GLY n 
1 454 MET n 
1 455 GLY n 
1 456 GLU n 
1 457 LEU n 
1 458 HIS n 
1 459 LEU n 
1 460 GLU n 
1 461 ILE n 
1 462 ILE n 
1 463 VAL n 
1 464 ASP n 
1 465 ARG n 
1 466 LEU n 
1 467 LYS n 
1 468 ARG n 
1 469 GLU n 
1 470 PHE n 
1 471 LYS n 
1 472 VAL n 
1 473 ASP n 
1 474 ALA n 
1 475 ASN n 
1 476 VAL n 
1 477 GLY n 
1 478 LYS n 
1 479 PRO n 
1 480 GLN n 
1 481 VAL n 
1 482 ALA n 
1 483 TYR n 
1 484 ARG n 
1 485 GLU n 
1 486 THR n 
1 487 ILE n 
1 488 THR n 
1 489 LYS n 
1 490 PRO n 
1 491 VAL n 
1 492 ASP n 
1 493 VAL n 
1 494 GLU n 
1 495 GLY n 
1 496 LYS n 
1 497 PHE n 
1 498 ILE n 
1 499 ARG n 
1 500 GLN n 
1 501 THR n 
1 502 GLY n 
1 503 GLY n 
1 504 ARG n 
1 505 GLY n 
1 506 GLN n 
1 507 TYR n 
1 508 GLY n 
1 509 HIS n 
1 510 VAL n 
1 511 LYS n 
1 512 ILE n 
1 513 LYS n 
1 514 VAL n 
1 515 GLU n 
1 516 PRO n 
1 517 LEU n 
1 518 PRO n 
1 519 ARG n 
1 520 GLY n 
1 521 SER n 
1 522 GLY n 
1 523 PHE n 
1 524 GLU n 
1 525 PHE n 
1 526 VAL n 
1 527 ASN n 
1 528 ALA n 
1 529 ILE n 
1 530 VAL n 
1 531 GLY n 
1 532 GLY n 
1 533 VAL n 
1 534 ILE n 
1 535 PRO n 
1 536 LYS n 
1 537 GLU n 
1 538 TYR n 
1 539 ILE n 
1 540 PRO n 
1 541 ALA n 
1 542 VAL n 
1 543 GLN n 
1 544 LYS n 
1 545 GLY n 
1 546 ILE n 
1 547 GLU n 
1 548 GLU n 
1 549 ALA n 
1 550 MET n 
1 551 GLN n 
1 552 SER n 
1 553 GLY n 
1 554 PRO n 
1 555 LEU n 
1 556 ILE n 
1 557 GLY n 
1 558 PHE n 
1 559 PRO n 
1 560 VAL n 
1 561 VAL n 
1 562 ASP n 
1 563 ILE n 
1 564 LYS n 
1 565 VAL n 
1 566 THR n 
1 567 LEU n 
1 568 TYR n 
1 569 ASP n 
1 570 GLY n 
1 571 SER n 
1 572 TYR n 
1 573 ALA n 
1 574 GLU n 
1 575 VAL n 
1 576 ASP n 
1 577 SER n 
1 578 SER n 
1 579 GLU n 
1 580 MET n 
1 581 ALA n 
1 582 PHE n 
1 583 LYS n 
1 584 ILE n 
1 585 ALA n 
1 586 GLY n 
1 587 SER n 
1 588 MET n 
1 589 ALA n 
1 590 ILE n 
1 591 LYS n 
1 592 GLU n 
1 593 ALA n 
1 594 VAL n 
1 595 GLN n 
1 596 LYS n 
1 597 GLY n 
1 598 ASP n 
1 599 PRO n 
1 600 VAL n 
1 601 ILE n 
1 602 LEU n 
1 603 GLU n 
1 604 PRO n 
1 605 ILE n 
1 606 MET n 
1 607 ARG n 
1 608 VAL n 
1 609 GLU n 
1 610 VAL n 
1 611 THR n 
1 612 THR n 
1 613 PRO n 
1 614 GLU n 
1 615 GLU n 
1 616 TYR n 
1 617 MET n 
1 618 GLY n 
1 619 ASP n 
1 620 VAL n 
1 621 ILE n 
1 622 GLY n 
1 623 ASP n 
1 624 LEU n 
1 625 ASN n 
1 626 ALA n 
1 627 ARG n 
1 628 ARG n 
1 629 GLY n 
1 630 GLN n 
1 631 ILE n 
1 632 LEU n 
1 633 GLY n 
1 634 MET n 
1 635 GLU n 
1 636 PRO n 
1 637 ARG n 
1 638 GLY n 
1 639 ASN n 
1 640 ALA n 
1 641 GLN n 
1 642 VAL n 
1 643 ILE n 
1 644 ARG n 
1 645 ALA n 
1 646 PHE n 
1 647 VAL n 
1 648 PRO n 
1 649 LEU n 
1 650 ALA n 
1 651 GLU n 
1 652 MET n 
1 653 PHE n 
1 654 GLY n 
1 655 TYR n 
1 656 ALA n 
1 657 THR n 
1 658 ASP n 
1 659 LEU n 
1 660 ARG n 
1 661 SER n 
1 662 LYS n 
1 663 THR n 
1 664 GLN n 
1 665 GLY n 
1 666 ARG n 
1 667 GLY n 
1 668 SER n 
1 669 PHE n 
1 670 VAL n 
1 671 MET n 
1 672 PHE n 
1 673 PHE n 
1 674 ASP n 
1 675 HIS n 
1 676 TYR n 
1 677 GLN n 
1 678 GLU n 
1 679 VAL n 
1 680 PRO n 
1 681 LYS n 
1 682 GLN n 
1 683 VAL n 
1 684 GLN n 
1 685 GLU n 
1 686 LYS n 
1 687 LEU n 
1 688 ILE n 
1 689 LYS n 
1 690 GLY n 
1 691 GLN n 
# 
_entity_src_nat.entity_id                  1 
_entity_src_nat.pdbx_src_id                1 
_entity_src_nat.pdbx_alt_source_flag       sample 
_entity_src_nat.pdbx_beg_seq_num           ? 
_entity_src_nat.pdbx_end_seq_num           ? 
_entity_src_nat.common_name                ? 
_entity_src_nat.pdbx_organism_scientific   'Thermus thermophilus' 
_entity_src_nat.pdbx_ncbi_taxonomy_id      274 
_entity_src_nat.genus                      Thermus 
_entity_src_nat.species                    ? 
_entity_src_nat.strain                     ? 
_entity_src_nat.tissue                     ? 
_entity_src_nat.tissue_fraction            ? 
_entity_src_nat.pdbx_secretion             ? 
_entity_src_nat.pdbx_fragment              ? 
_entity_src_nat.pdbx_variant               ? 
_entity_src_nat.pdbx_cell_line             ? 
_entity_src_nat.pdbx_atcc                  ? 
_entity_src_nat.pdbx_cellular_location     ? 
_entity_src_nat.pdbx_organ                 ? 
_entity_src_nat.pdbx_organelle             ? 
_entity_src_nat.pdbx_cell                  ? 
_entity_src_nat.pdbx_plasmid_name          ? 
_entity_src_nat.pdbx_plasmid_details       ? 
_entity_src_nat.details                    ? 
# 
loop_
_chem_comp.id 
_chem_comp.type 
_chem_comp.mon_nstd_flag 
_chem_comp.name 
_chem_comp.pdbx_synonyms 
_chem_comp.formula 
_chem_comp.formula_weight 
ALA 'L-peptide linking' y ALANINE         ? 'C3 H7 N O2'     89.093  
ARG 'L-peptide linking' y ARGININE        ? 'C6 H15 N4 O2 1' 175.209 
ASN 'L-peptide linking' y ASPARAGINE      ? 'C4 H8 N2 O3'    132.118 
ASP 'L-peptide linking' y 'ASPARTIC ACID' ? 'C4 H7 N O4'     133.103 
CYS 'L-peptide linking' y CYSTEINE        ? 'C3 H7 N O2 S'   121.158 
GLN 'L-peptide linking' y GLUTAMINE       ? 'C5 H10 N2 O3'   146.144 
GLU 'L-peptide linking' y 'GLUTAMIC ACID' ? 'C5 H9 N O4'     147.129 
GLY 'peptide linking'   y GLYCINE         ? 'C2 H5 N O2'     75.067  
HIS 'L-peptide linking' y HISTIDINE       ? 'C6 H10 N3 O2 1' 156.162 
ILE 'L-peptide linking' y ISOLEUCINE      ? 'C6 H13 N O2'    131.173 
LEU 'L-peptide linking' y LEUCINE         ? 'C6 H13 N O2'    131.173 
LYS 'L-peptide linking' y LYSINE          ? 'C6 H15 N2 O2 1' 147.195 
MET 'L-peptide linking' y METHIONINE      ? 'C5 H11 N O2 S'  149.211 
PHE 'L-peptide linking' y PHENYLALANINE   ? 'C9 H11 N O2'    165.189 
PRO 'L-peptide linking' y PROLINE         ? 'C5 H9 N O2'     115.130 
SER 'L-peptide linking' y SERINE          ? 'C3 H7 N O3'     105.093 
THR 'L-peptide linking' y THREONINE       ? 'C4 H9 N O3'     119.119 
TRP 'L-peptide linking' y TRYPTOPHAN      ? 'C11 H12 N2 O2'  204.225 
TYR 'L-peptide linking' y TYROSINE        ? 'C9 H11 N O3'    181.189 
VAL 'L-peptide linking' y VALINE          ? 'C5 H11 N O2'    117.146 
# 
loop_
_pdbx_poly_seq_scheme.asym_id 
_pdbx_poly_seq_scheme.entity_id 
_pdbx_poly_seq_scheme.seq_id 
_pdbx_poly_seq_scheme.mon_id 
_pdbx_poly_seq_scheme.ndb_seq_num 
_pdbx_poly_seq_scheme.pdb_seq_num 
_pdbx_poly_seq_scheme.auth_seq_num 
_pdbx_poly_seq_scheme.pdb_mon_id 
_pdbx_poly_seq_scheme.auth_mon_id 
_pdbx_poly_seq_scheme.pdb_strand_id 
_pdbx_poly_seq_scheme.pdb_ins_code 
_pdbx_poly_seq_scheme.hetero 
A 1 1   MET 1   1   ?   ?   ?   A . n 
A 1 2   ALA 2   2   ?   ?   ?   A . n 
A 1 3   VAL 3   3   ?   ?   ?   A . n 
A 1 4   LYS 4   4   ?   ?   ?   A . n 
A 1 5   VAL 5   5   ?   ?   ?   A . n 
A 1 6   GLU 6   6   6   GLU GLU A . n 
A 1 7   TYR 7   7   7   TYR TYR A . n 
A 1 8   ASP 8   8   8   ASP ASP A . n 
A 1 9   LEU 9   9   9   LEU LEU A . n 
A 1 10  LYS 10  10  10  LYS LYS A . n 
A 1 11  ARG 11  11  11  ARG ARG A . n 
A 1 12  LEU 12  12  12  LEU LEU A . n 
A 1 13  ARG 13  13  13  ARG ARG A . n 
A 1 14  ASN 14  14  14  ASN ASN A . n 
A 1 15  ILE 15  15  15  ILE ILE A . n 
A 1 16  GLY 16  16  16  GLY GLY A . n 
A 1 17  ILE 17  17  17  ILE ILE A . n 
A 1 18  ALA 18  18  18  ALA ALA A . n 
A 1 19  ALA 19  19  19  ALA ALA A . n 
A 1 20  HIS 20  20  20  HIS HIS A . n 
A 1 21  ILE 21  21  21  ILE ILE A . n 
A 1 22  ASP 22  22  22  ASP ASP A . n 
A 1 23  ALA 23  23  23  ALA ALA A . n 
A 1 24  GLY 24  24  24  GLY GLY A . n 
A 1 25  LYS 25  25  25  LYS LYS A . n 
A 1 26  THR 26  26  26  THR THR A . n 
A 1 27  THR 27  27  27  THR THR A . n 
A 1 28  THR 28  28  28  THR THR A . n 
A 1 29  THR 29  29  29  THR THR A . n 
A 1 30  GLU 30  30  30  GLU GLU A . n 
A 1 31  ARG 31  31  31  ARG ARG A . n 
A 1 32  ILE 32  32  32  ILE ILE A . n 
A 1 33  LEU 33  33  33  LEU LEU A . n 
A 1 34  TYR 34  34  34  TYR TYR A . n 
A 1 35  TYR 35  35  35  TYR TYR A . n 
A 1 36  THR 36  36  36  THR THR A . n 
A 1 37  GLY 37  37  37  GLY GLY A . n 
A 1 38  ARG 38  38  38  ARG ARG A . n 
A 1 39  ILE 39  39  39  ILE ILE A . n 
A 1 40  HIS 40  40  ?   ?   ?   A . n 
A 1 41  LYS 41  41  ?   ?   ?   A . n 
A 1 42  ILE 42  42  ?   ?   ?   A . n 
A 1 43  GLY 43  43  ?   ?   ?   A . n 
A 1 44  GLU 44  44  ?   ?   ?   A . n 
A 1 45  VAL 45  45  ?   ?   ?   A . n 
A 1 46  HIS 46  46  ?   ?   ?   A . n 
A 1 47  GLU 47  47  ?   ?   ?   A . n 
A 1 48  GLY 48  48  ?   ?   ?   A . n 
A 1 49  ALA 49  49  ?   ?   ?   A . n 
A 1 50  ALA 50  50  ?   ?   ?   A . n 
A 1 51  THR 51  51  ?   ?   ?   A . n 
A 1 52  MET 52  52  ?   ?   ?   A . n 
A 1 53  ASP 53  53  ?   ?   ?   A . n 
A 1 54  PHE 54  54  ?   ?   ?   A . n 
A 1 55  MET 55  55  ?   ?   ?   A . n 
A 1 56  GLU 56  56  ?   ?   ?   A . n 
A 1 57  GLN 57  57  ?   ?   ?   A . n 
A 1 58  GLU 58  58  ?   ?   ?   A . n 
A 1 59  ARG 59  59  ?   ?   ?   A . n 
A 1 60  GLU 60  60  ?   ?   ?   A . n 
A 1 61  ARG 61  61  ?   ?   ?   A . n 
A 1 62  GLY 62  62  ?   ?   ?   A . n 
A 1 63  ILE 63  63  ?   ?   ?   A . n 
A 1 64  THR 64  64  ?   ?   ?   A . n 
A 1 65  ILE 65  65  ?   ?   ?   A . n 
A 1 66  THR 66  66  ?   ?   ?   A . n 
A 1 67  ALA 67  67  ?   ?   ?   A . n 
A 1 68  ALA 68  68  68  ALA ALA A . n 
A 1 69  VAL 69  69  69  VAL VAL A . n 
A 1 70  THR 70  70  70  THR THR A . n 
A 1 71  THR 71  71  71  THR THR A . n 
A 1 72  CYS 72  72  72  CYS CYS A . n 
A 1 73  PHE 73  73  73  PHE PHE A . n 
A 1 74  TRP 74  74  74  TRP TRP A . n 
A 1 75  LYS 75  75  75  LYS LYS A . n 
A 1 76  ASP 76  76  76  ASP ASP A . n 
A 1 77  HIS 77  77  77  HIS HIS A . n 
A 1 78  ARG 78  78  78  ARG ARG A . n 
A 1 79  ILE 79  79  79  ILE ILE A . n 
A 1 80  ASN 80  80  80  ASN ASN A . n 
A 1 81  ILE 81  81  81  ILE ILE A . n 
A 1 82  ILE 82  82  82  ILE ILE A . n 
A 1 83  ASP 83  83  83  ASP ASP A . n 
A 1 84  THR 84  84  84  THR THR A . n 
A 1 85  PRO 85  85  85  PRO PRO A . n 
A 1 86  GLY 86  86  86  GLY GLY A . n 
A 1 87  HIS 87  87  87  HIS HIS A . n 
A 1 88  VAL 88  88  88  VAL VAL A . n 
A 1 89  ASP 89  89  89  ASP ASP A . n 
A 1 90  PHE 90  90  90  PHE PHE A . n 
A 1 91  THR 91  91  91  THR THR A . n 
A 1 92  ILE 92  92  92  ILE ILE A . n 
A 1 93  GLU 93  93  93  GLU GLU A . n 
A 1 94  VAL 94  94  94  VAL VAL A . n 
A 1 95  GLU 95  95  95  GLU GLU A . n 
A 1 96  ARG 96  96  96  ARG ARG A . n 
A 1 97  SER 97  97  97  SER SER A . n 
A 1 98  MET 98  98  98  MET MET A . n 
A 1 99  ARG 99  99  99  ARG ARG A . n 
A 1 100 VAL 100 100 100 VAL VAL A . n 
A 1 101 LEU 101 101 101 LEU LEU A . n 
A 1 102 ASP 102 102 102 ASP ASP A . n 
A 1 103 GLY 103 103 103 GLY GLY A . n 
A 1 104 ALA 104 104 104 ALA ALA A . n 
A 1 105 ILE 105 105 105 ILE ILE A . n 
A 1 106 VAL 106 106 106 VAL VAL A . n 
A 1 107 VAL 107 107 107 VAL VAL A . n 
A 1 108 PHE 108 108 108 PHE PHE A . n 
A 1 109 ASP 109 109 109 ASP ASP A . n 
A 1 110 SER 110 110 110 SER SER A . n 
A 1 111 SER 111 111 111 SER SER A . n 
A 1 112 GLN 112 112 112 GLN GLN A . n 
A 1 113 GLY 113 113 113 GLY GLY A . n 
A 1 114 VAL 114 114 114 VAL VAL A . n 
A 1 115 GLU 115 115 115 GLU GLU A . n 
A 1 116 PRO 116 116 116 PRO PRO A . n 
A 1 117 GLN 117 117 117 GLN GLN A . n 
A 1 118 SER 118 118 118 SER SER A . n 
A 1 119 GLU 119 119 119 GLU GLU A . n 
A 1 120 THR 120 120 120 THR THR A . n 
A 1 121 VAL 121 121 121 VAL VAL A . n 
A 1 122 TRP 122 122 122 TRP TRP A . n 
A 1 123 ARG 123 123 123 ARG ARG A . n 
A 1 124 GLN 124 124 124 GLN GLN A . n 
A 1 125 ALA 125 125 125 ALA ALA A . n 
A 1 126 GLU 126 126 126 GLU GLU A . n 
A 1 127 LYS 127 127 127 LYS LYS A . n 
A 1 128 TYR 128 128 128 TYR TYR A . n 
A 1 129 LYS 129 129 129 LYS LYS A . n 
A 1 130 VAL 130 130 130 VAL VAL A . n 
A 1 131 PRO 131 131 131 PRO PRO A . n 
A 1 132 ARG 132 132 132 ARG ARG A . n 
A 1 133 ILE 133 133 133 ILE ILE A . n 
A 1 134 ALA 134 134 134 ALA ALA A . n 
A 1 135 PHE 135 135 135 PHE PHE A . n 
A 1 136 ALA 136 136 136 ALA ALA A . n 
A 1 137 ASN 137 137 137 ASN ASN A . n 
A 1 138 LYS 138 138 138 LYS LYS A . n 
A 1 139 MET 139 139 139 MET MET A . n 
A 1 140 ASP 140 140 140 ASP ASP A . n 
A 1 141 LYS 141 141 141 LYS LYS A . n 
A 1 142 THR 142 142 142 THR THR A . n 
A 1 143 GLY 143 143 143 GLY GLY A . n 
A 1 144 ALA 144 144 144 ALA ALA A . n 
A 1 145 ASP 145 145 145 ASP ASP A . n 
A 1 146 LEU 146 146 146 LEU LEU A . n 
A 1 147 TRP 147 147 147 TRP TRP A . n 
A 1 148 LEU 148 148 148 LEU LEU A . n 
A 1 149 VAL 149 149 149 VAL VAL A . n 
A 1 150 ILE 150 150 150 ILE ILE A . n 
A 1 151 ARG 151 151 151 ARG ARG A . n 
A 1 152 THR 152 152 152 THR THR A . n 
A 1 153 MET 153 153 153 MET MET A . n 
A 1 154 GLN 154 154 154 GLN GLN A . n 
A 1 155 GLU 155 155 155 GLU GLU A . n 
A 1 156 ARG 156 156 156 ARG ARG A . n 
A 1 157 LEU 157 157 157 LEU LEU A . n 
A 1 158 GLY 158 158 158 GLY GLY A . n 
A 1 159 ALA 159 159 159 ALA ALA A . n 
A 1 160 ARG 160 160 160 ARG ARG A . n 
A 1 161 PRO 161 161 161 PRO PRO A . n 
A 1 162 VAL 162 162 162 VAL VAL A . n 
A 1 163 VAL 163 163 163 VAL VAL A . n 
A 1 164 MET 164 164 164 MET MET A . n 
A 1 165 GLN 165 165 165 GLN GLN A . n 
A 1 166 LEU 166 166 166 LEU LEU A . n 
A 1 167 PRO 167 167 167 PRO PRO A . n 
A 1 168 ILE 168 168 168 ILE ILE A . n 
A 1 169 GLY 169 169 169 GLY GLY A . n 
A 1 170 ARG 170 170 170 ARG ARG A . n 
A 1 171 GLU 171 171 171 GLU GLU A . n 
A 1 172 ASP 172 172 172 ASP ASP A . n 
A 1 173 THR 173 173 173 THR THR A . n 
A 1 174 PHE 174 174 174 PHE PHE A . n 
A 1 175 SER 175 175 175 SER SER A . n 
A 1 176 GLY 176 176 176 GLY GLY A . n 
A 1 177 ILE 177 177 177 ILE ILE A . n 
A 1 178 ILE 178 178 178 ILE ILE A . n 
A 1 179 ASP 179 179 179 ASP ASP A . n 
A 1 180 VAL 180 180 180 VAL VAL A . n 
A 1 181 LEU 181 181 181 LEU LEU A . n 
A 1 182 ARG 182 182 182 ARG ARG A . n 
A 1 183 MET 183 183 183 MET MET A . n 
A 1 184 LYS 184 184 184 LYS LYS A . n 
A 1 185 ALA 185 185 185 ALA ALA A . n 
A 1 186 TYR 186 186 186 TYR TYR A . n 
A 1 187 THR 187 187 187 THR THR A . n 
A 1 188 TYR 188 188 188 TYR TYR A . n 
A 1 189 GLY 189 189 189 GLY GLY A . n 
A 1 190 ASN 190 190 190 ASN ASN A . n 
A 1 191 ASP 191 191 191 ASP ASP A . n 
A 1 192 LEU 192 192 192 LEU LEU A . n 
A 1 193 GLY 193 193 193 GLY GLY A . n 
A 1 194 THR 194 194 194 THR THR A . n 
A 1 195 ASP 195 195 195 ASP ASP A . n 
A 1 196 ILE 196 196 196 ILE ILE A . n 
A 1 197 ARG 197 197 197 ARG ARG A . n 
A 1 198 GLU 198 198 198 GLU GLU A . n 
A 1 199 ILE 199 199 199 ILE ILE A . n 
A 1 200 PRO 200 200 200 PRO PRO A . n 
A 1 201 ILE 201 201 201 ILE ILE A . n 
A 1 202 PRO 202 202 202 PRO PRO A . n 
A 1 203 GLU 203 203 203 GLU GLU A . n 
A 1 204 GLU 204 204 204 GLU GLU A . n 
A 1 205 TYR 205 205 205 TYR TYR A . n 
A 1 206 LEU 206 206 206 LEU LEU A . n 
A 1 207 ASP 207 207 207 ASP ASP A . n 
A 1 208 GLN 208 208 208 GLN GLN A . n 
A 1 209 ALA 209 209 209 ALA ALA A . n 
A 1 210 ARG 210 210 210 ARG ARG A . n 
A 1 211 GLU 211 211 211 GLU GLU A . n 
A 1 212 TYR 212 212 212 TYR TYR A . n 
A 1 213 HIS 213 213 213 HIS HIS A . n 
A 1 214 GLU 214 214 214 GLU GLU A . n 
A 1 215 LYS 215 215 215 LYS LYS A . n 
A 1 216 LEU 216 216 216 LEU LEU A . n 
A 1 217 VAL 217 217 217 VAL VAL A . n 
A 1 218 GLU 218 218 218 GLU GLU A . n 
A 1 219 VAL 219 219 219 VAL VAL A . n 
A 1 220 ALA 220 220 220 ALA ALA A . n 
A 1 221 ALA 221 221 221 ALA ALA A . n 
A 1 222 ASP 222 222 222 ASP ASP A . n 
A 1 223 PHE 223 223 223 PHE PHE A . n 
A 1 224 ASP 224 224 224 ASP ASP A . n 
A 1 225 GLU 225 225 225 GLU GLU A . n 
A 1 226 ASN 226 226 226 ASN ASN A . n 
A 1 227 ILE 227 227 227 ILE ILE A . n 
A 1 228 MET 228 228 228 MET MET A . n 
A 1 229 LEU 229 229 229 LEU LEU A . n 
A 1 230 LYS 230 230 230 LYS LYS A . n 
A 1 231 TYR 231 231 231 TYR TYR A . n 
A 1 232 LEU 232 232 232 LEU LEU A . n 
A 1 233 GLU 233 233 233 GLU GLU A . n 
A 1 234 GLY 234 234 234 GLY GLY A . n 
A 1 235 GLU 235 235 235 GLU GLU A . n 
A 1 236 GLU 236 236 236 GLU GLU A . n 
A 1 237 PRO 237 237 237 PRO PRO A . n 
A 1 238 THR 238 238 238 THR THR A . n 
A 1 239 GLU 239 239 239 GLU GLU A . n 
A 1 240 GLU 240 240 240 GLU GLU A . n 
A 1 241 GLU 241 241 241 GLU GLU A . n 
A 1 242 LEU 242 242 242 LEU LEU A . n 
A 1 243 VAL 243 243 243 VAL VAL A . n 
A 1 244 ALA 244 244 244 ALA ALA A . n 
A 1 245 ALA 245 245 245 ALA ALA A . n 
A 1 246 ILE 246 246 246 ILE ILE A . n 
A 1 247 ARG 247 247 247 ARG ARG A . n 
A 1 248 LYS 248 248 248 LYS LYS A . n 
A 1 249 GLY 249 249 249 GLY GLY A . n 
A 1 250 THR 250 250 250 THR THR A . n 
A 1 251 ILE 251 251 251 ILE ILE A . n 
A 1 252 ASP 252 252 252 ASP ASP A . n 
A 1 253 LEU 253 253 253 LEU LEU A . n 
A 1 254 LYS 254 254 254 LYS LYS A . n 
A 1 255 ILE 255 255 255 ILE ILE A . n 
A 1 256 THR 256 256 256 THR THR A . n 
A 1 257 PRO 257 257 257 PRO PRO A . n 
A 1 258 VAL 258 258 258 VAL VAL A . n 
A 1 259 PHE 259 259 259 PHE PHE A . n 
A 1 260 LEU 260 260 260 LEU LEU A . n 
A 1 261 GLY 261 261 261 GLY GLY A . n 
A 1 262 SER 262 262 262 SER SER A . n 
A 1 263 ALA 263 263 263 ALA ALA A . n 
A 1 264 LEU 264 264 264 LEU LEU A . n 
A 1 265 LYS 265 265 265 LYS LYS A . n 
A 1 266 ASN 266 266 266 ASN ASN A . n 
A 1 267 LYS 267 267 267 LYS LYS A . n 
A 1 268 GLY 268 268 268 GLY GLY A . n 
A 1 269 VAL 269 269 269 VAL VAL A . n 
A 1 270 GLN 270 270 270 GLN GLN A . n 
A 1 271 LEU 271 271 271 LEU LEU A . n 
A 1 272 LEU 272 272 272 LEU LEU A . n 
A 1 273 LEU 273 273 273 LEU LEU A . n 
A 1 274 ASP 274 274 274 ASP ASP A . n 
A 1 275 ALA 275 275 275 ALA ALA A . n 
A 1 276 VAL 276 276 276 VAL VAL A . n 
A 1 277 VAL 277 277 277 VAL VAL A . n 
A 1 278 ASP 278 278 278 ASP ASP A . n 
A 1 279 TYR 279 279 279 TYR TYR A . n 
A 1 280 LEU 280 280 280 LEU LEU A . n 
A 1 281 PRO 281 281 281 PRO PRO A . n 
A 1 282 SER 282 282 282 SER SER A . n 
A 1 283 PRO 283 283 283 PRO PRO A . n 
A 1 284 LEU 284 284 284 LEU LEU A . n 
A 1 285 ASP 285 285 285 ASP ASP A . n 
A 1 286 ILE 286 286 286 ILE ILE A . n 
A 1 287 PRO 287 287 287 PRO PRO A . n 
A 1 288 PRO 288 288 288 PRO PRO A . n 
A 1 289 ILE 289 289 289 ILE ILE A . n 
A 1 290 LYS 290 290 290 LYS LYS A . n 
A 1 291 GLY 291 291 291 GLY GLY A . n 
A 1 292 THR 292 292 292 THR THR A . n 
A 1 293 THR 293 293 293 THR THR A . n 
A 1 294 PRO 294 294 294 PRO PRO A . n 
A 1 295 GLU 295 295 295 GLU GLU A . n 
A 1 296 GLY 296 296 296 GLY GLY A . n 
A 1 297 GLU 297 297 297 GLU GLU A . n 
A 1 298 VAL 298 298 298 VAL VAL A . n 
A 1 299 VAL 299 299 299 VAL VAL A . n 
A 1 300 GLU 300 300 300 GLU GLU A . n 
A 1 301 ILE 301 301 301 ILE ILE A . n 
A 1 302 HIS 302 302 302 HIS HIS A . n 
A 1 303 PRO 303 303 303 PRO PRO A . n 
A 1 304 ASP 304 304 304 ASP ASP A . n 
A 1 305 PRO 305 305 305 PRO PRO A . n 
A 1 306 ASN 306 306 306 ASN ASN A . n 
A 1 307 GLY 307 307 307 GLY GLY A . n 
A 1 308 PRO 308 308 308 PRO PRO A . n 
A 1 309 LEU 309 309 309 LEU LEU A . n 
A 1 310 ALA 310 310 310 ALA ALA A . n 
A 1 311 ALA 311 311 311 ALA ALA A . n 
A 1 312 LEU 312 312 312 LEU LEU A . n 
A 1 313 ALA 313 313 313 ALA ALA A . n 
A 1 314 PHE 314 314 314 PHE PHE A . n 
A 1 315 LYS 315 315 315 LYS LYS A . n 
A 1 316 ILE 316 316 316 ILE ILE A . n 
A 1 317 MET 317 317 317 MET MET A . n 
A 1 318 ALA 318 318 318 ALA ALA A . n 
A 1 319 ASP 319 319 319 ASP ASP A . n 
A 1 320 PRO 320 320 320 PRO PRO A . n 
A 1 321 TYR 321 321 321 TYR TYR A . n 
A 1 322 VAL 322 322 322 VAL VAL A . n 
A 1 323 GLY 323 323 323 GLY GLY A . n 
A 1 324 ARG 324 324 324 ARG ARG A . n 
A 1 325 LEU 325 325 325 LEU LEU A . n 
A 1 326 THR 326 326 326 THR THR A . n 
A 1 327 PHE 327 327 327 PHE PHE A . n 
A 1 328 ILE 328 328 328 ILE ILE A . n 
A 1 329 ARG 329 329 329 ARG ARG A . n 
A 1 330 VAL 330 330 330 VAL VAL A . n 
A 1 331 TYR 331 331 331 TYR TYR A . n 
A 1 332 SER 332 332 332 SER SER A . n 
A 1 333 GLY 333 333 333 GLY GLY A . n 
A 1 334 THR 334 334 334 THR THR A . n 
A 1 335 LEU 335 335 335 LEU LEU A . n 
A 1 336 THR 336 336 336 THR THR A . n 
A 1 337 SER 337 337 337 SER SER A . n 
A 1 338 GLY 338 338 338 GLY GLY A . n 
A 1 339 SER 339 339 339 SER SER A . n 
A 1 340 TYR 340 340 340 TYR TYR A . n 
A 1 341 VAL 341 341 341 VAL VAL A . n 
A 1 342 TYR 342 342 342 TYR TYR A . n 
A 1 343 ASN 343 343 343 ASN ASN A . n 
A 1 344 THR 344 344 344 THR THR A . n 
A 1 345 THR 345 345 345 THR THR A . n 
A 1 346 LYS 346 346 346 LYS LYS A . n 
A 1 347 GLY 347 347 347 GLY GLY A . n 
A 1 348 ARG 348 348 348 ARG ARG A . n 
A 1 349 LYS 349 349 349 LYS LYS A . n 
A 1 350 GLU 350 350 350 GLU GLU A . n 
A 1 351 ARG 351 351 351 ARG ARG A . n 
A 1 352 VAL 352 352 352 VAL VAL A . n 
A 1 353 ALA 353 353 353 ALA ALA A . n 
A 1 354 ARG 354 354 354 ARG ARG A . n 
A 1 355 LEU 355 355 355 LEU LEU A . n 
A 1 356 LEU 356 356 356 LEU LEU A . n 
A 1 357 ARG 357 357 357 ARG ARG A . n 
A 1 358 MET 358 358 358 MET MET A . n 
A 1 359 HIS 359 359 359 HIS HIS A . n 
A 1 360 ALA 360 360 360 ALA ALA A . n 
A 1 361 ASN 361 361 361 ASN ASN A . n 
A 1 362 HIS 362 362 362 HIS HIS A . n 
A 1 363 ARG 363 363 363 ARG ARG A . n 
A 1 364 GLU 364 364 364 GLU GLU A . n 
A 1 365 GLU 365 365 365 GLU GLU A . n 
A 1 366 VAL 366 366 366 VAL VAL A . n 
A 1 367 GLU 367 367 367 GLU GLU A . n 
A 1 368 GLU 368 368 368 GLU GLU A . n 
A 1 369 LEU 369 369 369 LEU LEU A . n 
A 1 370 LYS 370 370 370 LYS LYS A . n 
A 1 371 ALA 371 371 371 ALA ALA A . n 
A 1 372 GLY 372 372 372 GLY GLY A . n 
A 1 373 ASP 373 373 373 ASP ASP A . n 
A 1 374 LEU 374 374 374 LEU LEU A . n 
A 1 375 GLY 375 375 375 GLY GLY A . n 
A 1 376 ALA 376 376 376 ALA ALA A . n 
A 1 377 VAL 377 377 377 VAL VAL A . n 
A 1 378 VAL 378 378 378 VAL VAL A . n 
A 1 379 GLY 379 379 379 GLY GLY A . n 
A 1 380 LEU 380 380 380 LEU LEU A . n 
A 1 381 LYS 381 381 381 LYS LYS A . n 
A 1 382 GLU 382 382 382 GLU GLU A . n 
A 1 383 THR 383 383 383 THR THR A . n 
A 1 384 ILE 384 384 384 ILE ILE A . n 
A 1 385 THR 385 385 385 THR THR A . n 
A 1 386 GLY 386 386 386 GLY GLY A . n 
A 1 387 ASP 387 387 387 ASP ASP A . n 
A 1 388 THR 388 388 388 THR THR A . n 
A 1 389 LEU 389 389 389 LEU LEU A . n 
A 1 390 VAL 390 390 390 VAL VAL A . n 
A 1 391 GLY 391 391 391 GLY GLY A . n 
A 1 392 GLU 392 392 392 GLU GLU A . n 
A 1 393 ASP 393 393 393 ASP ASP A . n 
A 1 394 ALA 394 394 394 ALA ALA A . n 
A 1 395 PRO 395 395 395 PRO PRO A . n 
A 1 396 ARG 396 396 396 ARG ARG A . n 
A 1 397 VAL 397 397 397 VAL VAL A . n 
A 1 398 ILE 398 398 398 ILE ILE A . n 
A 1 399 LEU 399 399 399 LEU LEU A . n 
A 1 400 GLU 400 400 400 GLU GLU A . n 
A 1 401 SER 401 401 401 SER SER A . n 
A 1 402 ILE 402 402 402 ILE ILE A . n 
A 1 403 GLU 403 403 403 GLU GLU A . n 
A 1 404 VAL 404 404 404 VAL VAL A . n 
A 1 405 PRO 405 405 405 PRO PRO A . n 
A 1 406 GLU 406 406 406 GLU GLU A . n 
A 1 407 PRO 407 407 407 PRO PRO A . n 
A 1 408 VAL 408 408 408 VAL VAL A . n 
A 1 409 ILE 409 409 409 ILE ILE A . n 
A 1 410 ASP 410 410 410 ASP ASP A . n 
A 1 411 VAL 411 411 411 VAL VAL A . n 
A 1 412 ALA 412 412 412 ALA ALA A . n 
A 1 413 ILE 413 413 413 ILE ILE A . n 
A 1 414 GLU 414 414 414 GLU GLU A . n 
A 1 415 PRO 415 415 415 PRO PRO A . n 
A 1 416 LYS 416 416 416 LYS LYS A . n 
A 1 417 THR 417 417 417 THR THR A . n 
A 1 418 LYS 418 418 418 LYS LYS A . n 
A 1 419 ALA 419 419 419 ALA ALA A . n 
A 1 420 ASP 420 420 420 ASP ASP A . n 
A 1 421 GLN 421 421 421 GLN GLN A . n 
A 1 422 GLU 422 422 422 GLU GLU A . n 
A 1 423 LYS 423 423 423 LYS LYS A . n 
A 1 424 LEU 424 424 424 LEU LEU A . n 
A 1 425 SER 425 425 425 SER SER A . n 
A 1 426 GLN 426 426 426 GLN GLN A . n 
A 1 427 ALA 427 427 427 ALA ALA A . n 
A 1 428 LEU 428 428 428 LEU LEU A . n 
A 1 429 ALA 429 429 429 ALA ALA A . n 
A 1 430 ARG 430 430 430 ARG ARG A . n 
A 1 431 LEU 431 431 431 LEU LEU A . n 
A 1 432 ALA 432 432 432 ALA ALA A . n 
A 1 433 GLU 433 433 433 GLU GLU A . n 
A 1 434 GLU 434 434 434 GLU GLU A . n 
A 1 435 ASP 435 435 435 ASP ASP A . n 
A 1 436 PRO 436 436 436 PRO PRO A . n 
A 1 437 THR 437 437 437 THR THR A . n 
A 1 438 PHE 438 438 438 PHE PHE A . n 
A 1 439 ARG 439 439 439 ARG ARG A . n 
A 1 440 VAL 440 440 440 VAL VAL A . n 
A 1 441 SER 441 441 441 SER SER A . n 
A 1 442 THR 442 442 442 THR THR A . n 
A 1 443 HIS 443 443 443 HIS HIS A . n 
A 1 444 PRO 444 444 444 PRO PRO A . n 
A 1 445 GLU 445 445 445 GLU GLU A . n 
A 1 446 THR 446 446 446 THR THR A . n 
A 1 447 GLY 447 447 447 GLY GLY A . n 
A 1 448 GLN 448 448 448 GLN GLN A . n 
A 1 449 THR 449 449 449 THR THR A . n 
A 1 450 ILE 450 450 450 ILE ILE A . n 
A 1 451 ILE 451 451 451 ILE ILE A . n 
A 1 452 SER 452 452 452 SER SER A . n 
A 1 453 GLY 453 453 453 GLY GLY A . n 
A 1 454 MET 454 454 454 MET MET A . n 
A 1 455 GLY 455 455 455 GLY GLY A . n 
A 1 456 GLU 456 456 456 GLU GLU A . n 
A 1 457 LEU 457 457 457 LEU LEU A . n 
A 1 458 HIS 458 458 458 HIS HIS A . n 
A 1 459 LEU 459 459 459 LEU LEU A . n 
A 1 460 GLU 460 460 460 GLU GLU A . n 
A 1 461 ILE 461 461 461 ILE ILE A . n 
A 1 462 ILE 462 462 462 ILE ILE A . n 
A 1 463 VAL 463 463 463 VAL VAL A . n 
A 1 464 ASP 464 464 464 ASP ASP A . n 
A 1 465 ARG 465 465 465 ARG ARG A . n 
A 1 466 LEU 466 466 466 LEU LEU A . n 
A 1 467 LYS 467 467 467 LYS LYS A . n 
A 1 468 ARG 468 468 468 ARG ARG A . n 
A 1 469 GLU 469 469 469 GLU GLU A . n 
A 1 470 PHE 470 470 470 PHE PHE A . n 
A 1 471 LYS 471 471 471 LYS LYS A . n 
A 1 472 VAL 472 472 472 VAL VAL A . n 
A 1 473 ASP 473 473 473 ASP ASP A . n 
A 1 474 ALA 474 474 474 ALA ALA A . n 
A 1 475 ASN 475 475 475 ASN ASN A . n 
A 1 476 VAL 476 476 476 VAL VAL A . n 
A 1 477 GLY 477 477 477 GLY GLY A . n 
A 1 478 LYS 478 478 478 LYS LYS A . n 
A 1 479 PRO 479 479 479 PRO PRO A . n 
A 1 480 GLN 480 480 480 GLN GLN A . n 
A 1 481 VAL 481 481 481 VAL VAL A . n 
A 1 482 ALA 482 482 482 ALA ALA A . n 
A 1 483 TYR 483 483 483 TYR TYR A . n 
A 1 484 ARG 484 484 484 ARG ARG A . n 
A 1 485 GLU 485 485 485 GLU GLU A . n 
A 1 486 THR 486 486 486 THR THR A . n 
A 1 487 ILE 487 487 487 ILE ILE A . n 
A 1 488 THR 488 488 488 THR THR A . n 
A 1 489 LYS 489 489 489 LYS LYS A . n 
A 1 490 PRO 490 490 490 PRO PRO A . n 
A 1 491 VAL 491 491 491 VAL VAL A . n 
A 1 492 ASP 492 492 492 ASP ASP A . n 
A 1 493 VAL 493 493 493 VAL VAL A . n 
A 1 494 GLU 494 494 494 GLU GLU A . n 
A 1 495 GLY 495 495 495 GLY GLY A . n 
A 1 496 LYS 496 496 496 LYS LYS A . n 
A 1 497 PHE 497 497 497 PHE PHE A . n 
A 1 498 ILE 498 498 498 ILE ILE A . n 
A 1 499 ARG 499 499 499 ARG ARG A . n 
A 1 500 GLN 500 500 500 GLN GLN A . n 
A 1 501 THR 501 501 501 THR THR A . n 
A 1 502 GLY 502 502 502 GLY GLY A . n 
A 1 503 GLY 503 503 503 GLY GLY A . n 
A 1 504 ARG 504 504 504 ARG ARG A . n 
A 1 505 GLY 505 505 505 GLY GLY A . n 
A 1 506 GLN 506 506 506 GLN GLN A . n 
A 1 507 TYR 507 507 507 TYR TYR A . n 
A 1 508 GLY 508 508 508 GLY GLY A . n 
A 1 509 HIS 509 509 509 HIS HIS A . n 
A 1 510 VAL 510 510 510 VAL VAL A . n 
A 1 511 LYS 511 511 511 LYS LYS A . n 
A 1 512 ILE 512 512 512 ILE ILE A . n 
A 1 513 LYS 513 513 513 LYS LYS A . n 
A 1 514 VAL 514 514 514 VAL VAL A . n 
A 1 515 GLU 515 515 515 GLU GLU A . n 
A 1 516 PRO 516 516 516 PRO PRO A . n 
A 1 517 LEU 517 517 517 LEU LEU A . n 
A 1 518 PRO 518 518 518 PRO PRO A . n 
A 1 519 ARG 519 519 519 ARG ARG A . n 
A 1 520 GLY 520 520 520 GLY GLY A . n 
A 1 521 SER 521 521 521 SER SER A . n 
A 1 522 GLY 522 522 522 GLY GLY A . n 
A 1 523 PHE 523 523 523 PHE PHE A . n 
A 1 524 GLU 524 524 524 GLU GLU A . n 
A 1 525 PHE 525 525 525 PHE PHE A . n 
A 1 526 VAL 526 526 526 VAL VAL A . n 
A 1 527 ASN 527 527 527 ASN ASN A . n 
A 1 528 ALA 528 528 528 ALA ALA A . n 
A 1 529 ILE 529 529 529 ILE ILE A . n 
A 1 530 VAL 530 530 530 VAL VAL A . n 
A 1 531 GLY 531 531 531 GLY GLY A . n 
A 1 532 GLY 532 532 532 GLY GLY A . n 
A 1 533 VAL 533 533 533 VAL VAL A . n 
A 1 534 ILE 534 534 534 ILE ILE A . n 
A 1 535 PRO 535 535 535 PRO PRO A . n 
A 1 536 LYS 536 536 536 LYS LYS A . n 
A 1 537 GLU 537 537 537 GLU GLU A . n 
A 1 538 TYR 538 538 538 TYR TYR A . n 
A 1 539 ILE 539 539 539 ILE ILE A . n 
A 1 540 PRO 540 540 540 PRO PRO A . n 
A 1 541 ALA 541 541 541 ALA ALA A . n 
A 1 542 VAL 542 542 542 VAL VAL A . n 
A 1 543 GLN 543 543 543 GLN GLN A . n 
A 1 544 LYS 544 544 544 LYS LYS A . n 
A 1 545 GLY 545 545 545 GLY GLY A . n 
A 1 546 ILE 546 546 546 ILE ILE A . n 
A 1 547 GLU 547 547 547 GLU GLU A . n 
A 1 548 GLU 548 548 548 GLU GLU A . n 
A 1 549 ALA 549 549 549 ALA ALA A . n 
A 1 550 MET 550 550 550 MET MET A . n 
A 1 551 GLN 551 551 551 GLN GLN A . n 
A 1 552 SER 552 552 552 SER SER A . n 
A 1 553 GLY 553 553 553 GLY GLY A . n 
A 1 554 PRO 554 554 554 PRO PRO A . n 
A 1 555 LEU 555 555 555 LEU LEU A . n 
A 1 556 ILE 556 556 556 ILE ILE A . n 
A 1 557 GLY 557 557 557 GLY GLY A . n 
A 1 558 PHE 558 558 558 PHE PHE A . n 
A 1 559 PRO 559 559 559 PRO PRO A . n 
A 1 560 VAL 560 560 560 VAL VAL A . n 
A 1 561 VAL 561 561 561 VAL VAL A . n 
A 1 562 ASP 562 562 562 ASP ASP A . n 
A 1 563 ILE 563 563 563 ILE ILE A . n 
A 1 564 LYS 564 564 564 LYS LYS A . n 
A 1 565 VAL 565 565 565 VAL VAL A . n 
A 1 566 THR 566 566 566 THR THR A . n 
A 1 567 LEU 567 567 567 LEU LEU A . n 
A 1 568 TYR 568 568 568 TYR TYR A . n 
A 1 569 ASP 569 569 569 ASP ASP A . n 
A 1 570 GLY 570 570 570 GLY GLY A . n 
A 1 571 SER 571 571 571 SER SER A . n 
A 1 572 TYR 572 572 572 TYR TYR A . n 
A 1 573 ALA 573 573 573 ALA ALA A . n 
A 1 574 GLU 574 574 574 GLU GLU A . n 
A 1 575 VAL 575 575 575 VAL VAL A . n 
A 1 576 ASP 576 576 576 ASP ASP A . n 
A 1 577 SER 577 577 577 SER SER A . n 
A 1 578 SER 578 578 578 SER SER A . n 
A 1 579 GLU 579 579 579 GLU GLU A . n 
A 1 580 MET 580 580 580 MET MET A . n 
A 1 581 ALA 581 581 581 ALA ALA A . n 
A 1 582 PHE 582 582 582 PHE PHE A . n 
A 1 583 LYS 583 583 583 LYS LYS A . n 
A 1 584 ILE 584 584 584 ILE ILE A . n 
A 1 585 ALA 585 585 585 ALA ALA A . n 
A 1 586 GLY 586 586 586 GLY GLY A . n 
A 1 587 SER 587 587 587 SER SER A . n 
A 1 588 MET 588 588 588 MET MET A . n 
A 1 589 ALA 589 589 589 ALA ALA A . n 
A 1 590 ILE 590 590 590 ILE ILE A . n 
A 1 591 LYS 591 591 591 LYS LYS A . n 
A 1 592 GLU 592 592 592 GLU GLU A . n 
A 1 593 ALA 593 593 593 ALA ALA A . n 
A 1 594 VAL 594 594 594 VAL VAL A . n 
A 1 595 GLN 595 595 595 GLN GLN A . n 
A 1 596 LYS 596 596 596 LYS LYS A . n 
A 1 597 GLY 597 597 597 GLY GLY A . n 
A 1 598 ASP 598 598 598 ASP ASP A . n 
A 1 599 PRO 599 599 599 PRO PRO A . n 
A 1 600 VAL 600 600 600 VAL VAL A . n 
A 1 601 ILE 601 601 601 ILE ILE A . n 
A 1 602 LEU 602 602 602 LEU LEU A . n 
A 1 603 GLU 603 603 603 GLU GLU A . n 
A 1 604 PRO 604 604 604 PRO PRO A . n 
A 1 605 ILE 605 605 605 ILE ILE A . n 
A 1 606 MET 606 606 606 MET MET A . n 
A 1 607 ARG 607 607 607 ARG ARG A . n 
A 1 608 VAL 608 608 608 VAL VAL A . n 
A 1 609 GLU 609 609 609 GLU GLU A . n 
A 1 610 VAL 610 610 610 VAL VAL A . n 
A 1 611 THR 611 611 611 THR THR A . n 
A 1 612 THR 612 612 612 THR THR A . n 
A 1 613 PRO 613 613 613 PRO PRO A . n 
A 1 614 GLU 614 614 614 GLU GLU A . n 
A 1 615 GLU 615 615 615 GLU GLU A . n 
A 1 616 TYR 616 616 616 TYR TYR A . n 
A 1 617 MET 617 617 617 MET MET A . n 
A 1 618 GLY 618 618 618 GLY GLY A . n 
A 1 619 ASP 619 619 619 ASP ASP A . n 
A 1 620 VAL 620 620 620 VAL VAL A . n 
A 1 621 ILE 621 621 621 ILE ILE A . n 
A 1 622 GLY 622 622 622 GLY GLY A . n 
A 1 623 ASP 623 623 623 ASP ASP A . n 
A 1 624 LEU 624 624 624 LEU LEU A . n 
A 1 625 ASN 625 625 625 ASN ASN A . n 
A 1 626 ALA 626 626 626 ALA ALA A . n 
A 1 627 ARG 627 627 627 ARG ARG A . n 
A 1 628 ARG 628 628 628 ARG ARG A . n 
A 1 629 GLY 629 629 629 GLY GLY A . n 
A 1 630 GLN 630 630 630 GLN GLN A . n 
A 1 631 ILE 631 631 631 ILE ILE A . n 
A 1 632 LEU 632 632 632 LEU LEU A . n 
A 1 633 GLY 633 633 633 GLY GLY A . n 
A 1 634 MET 634 634 634 MET MET A . n 
A 1 635 GLU 635 635 635 GLU GLU A . n 
A 1 636 PRO 636 636 636 PRO PRO A . n 
A 1 637 ARG 637 637 637 ARG ARG A . n 
A 1 638 GLY 638 638 638 GLY GLY A . n 
A 1 639 ASN 639 639 639 ASN ASN A . n 
A 1 640 ALA 640 640 640 ALA ALA A . n 
A 1 641 GLN 641 641 641 GLN GLN A . n 
A 1 642 VAL 642 642 642 VAL VAL A . n 
A 1 643 ILE 643 643 643 ILE ILE A . n 
A 1 644 ARG 644 644 644 ARG ARG A . n 
A 1 645 ALA 645 645 645 ALA ALA A . n 
A 1 646 PHE 646 646 646 PHE PHE A . n 
A 1 647 VAL 647 647 647 VAL VAL A . n 
A 1 648 PRO 648 648 648 PRO PRO A . n 
A 1 649 LEU 649 649 649 LEU LEU A . n 
A 1 650 ALA 650 650 650 ALA ALA A . n 
A 1 651 GLU 651 651 651 GLU GLU A . n 
A 1 652 MET 652 652 652 MET MET A . n 
A 1 653 PHE 653 653 653 PHE PHE A . n 
A 1 654 GLY 654 654 654 GLY GLY A . n 
A 1 655 TYR 655 655 655 TYR TYR A . n 
A 1 656 ALA 656 656 656 ALA ALA A . n 
A 1 657 THR 657 657 657 THR THR A . n 
A 1 658 ASP 658 658 658 ASP ASP A . n 
A 1 659 LEU 659 659 659 LEU LEU A . n 
A 1 660 ARG 660 660 660 ARG ARG A . n 
A 1 661 SER 661 661 661 SER SER A . n 
A 1 662 LYS 662 662 662 LYS LYS A . n 
A 1 663 THR 663 663 663 THR THR A . n 
A 1 664 GLN 664 664 664 GLN GLN A . n 
A 1 665 GLY 665 665 665 GLY GLY A . n 
A 1 666 ARG 666 666 666 ARG ARG A . n 
A 1 667 GLY 667 667 667 GLY GLY A . n 
A 1 668 SER 668 668 668 SER SER A . n 
A 1 669 PHE 669 669 669 PHE PHE A . n 
A 1 670 VAL 670 670 670 VAL VAL A . n 
A 1 671 MET 671 671 671 MET MET A . n 
A 1 672 PHE 672 672 672 PHE PHE A . n 
A 1 673 PHE 673 673 673 PHE PHE A . n 
A 1 674 ASP 674 674 674 ASP ASP A . n 
A 1 675 HIS 675 675 675 HIS HIS A . n 
A 1 676 TYR 676 676 676 TYR TYR A . n 
A 1 677 GLN 677 677 677 GLN GLN A . n 
A 1 678 GLU 678 678 678 GLU GLU A . n 
A 1 679 VAL 679 679 679 VAL VAL A . n 
A 1 680 PRO 680 680 680 PRO PRO A . n 
A 1 681 LYS 681 681 681 LYS LYS A . n 
A 1 682 GLN 682 682 682 GLN GLN A . n 
A 1 683 VAL 683 683 683 VAL VAL A . n 
A 1 684 GLN 684 684 684 GLN GLN A . n 
A 1 685 GLU 685 685 685 GLU GLU A . n 
A 1 686 LYS 686 686 686 LYS LYS A . n 
A 1 687 LEU 687 687 687 LEU LEU A . n 
A 1 688 ILE 688 688 688 ILE ILE A . n 
A 1 689 LYS 689 689 ?   ?   ?   A . n 
A 1 690 GLY 690 690 ?   ?   ?   A . n 
A 1 691 GLN 691 691 ?   ?   ?   A . n 
# 
_cell.entry_id           1PN6 
_cell.length_a           1 
_cell.length_b           1 
_cell.length_c           1 
_cell.angle_alpha        90 
_cell.angle_beta         90 
_cell.angle_gamma        90 
_cell.pdbx_unique_axis   ? 
_cell.Z_PDB              1 
_cell.length_a_esd       ? 
_cell.length_b_esd       ? 
_cell.length_c_esd       ? 
_cell.angle_alpha_esd    ? 
_cell.angle_beta_esd     ? 
_cell.angle_gamma_esd    ? 
# 
_symmetry.entry_id                         1PN6 
_symmetry.space_group_name_H-M             'P 1' 
_symmetry.pdbx_full_space_group_name_H-M   ? 
_symmetry.Int_Tables_number                1 
_symmetry.cell_setting                     ? 
# 
_exptl.entry_id          1PN6 
_exptl.method            'ELECTRON MICROSCOPY' 
_exptl.crystals_number   ? 
# 
_refine_hist.pdbx_refine_id                   'ELECTRON MICROSCOPY' 
_refine_hist.cycle_id                         LAST 
_refine_hist.pdbx_number_atoms_protein        655 
_refine_hist.pdbx_number_atoms_nucleic_acid   0 
_refine_hist.pdbx_number_atoms_ligand         0 
_refine_hist.number_atoms_solvent             0 
_refine_hist.number_atoms_total               655 
_refine_hist.d_res_high                       . 
_refine_hist.d_res_low                        . 
# 
_struct.entry_id                  1PN6 
_struct.title                     
;Domain-wise fitting of the crystal structure of T.thermophilus EF-G into the low resolution map of the release complex.Puromycin.EFG.GDPNP of E.coli 70S ribosome.
;
_struct.pdbx_model_details        ? 
_struct.pdbx_CASP_flag            ? 
_struct.pdbx_model_type_details   ? 
# 
_struct_keywords.entry_id        1PN6 
_struct_keywords.pdbx_keywords   'BIOSYNTHETIC PROTEIN' 
_struct_keywords.text            
'Elongation Factor-G, E.coli 70S ribosome, Post-termination complex, Fitting of crystal structure, Cryo-EM, BIOSYNTHETIC PROTEIN' 
# 
_struct_asym.id                            A 
_struct_asym.pdbx_blank_PDB_chainid_flag   N 
_struct_asym.pdbx_modified                 N 
_struct_asym.entity_id                     1 
_struct_asym.details                       ? 
# 
_struct_ref.id                         1 
_struct_ref.db_name                    UNP 
_struct_ref.db_code                    EFG_THETH 
_struct_ref.pdbx_db_accession          P13551 
_struct_ref.entity_id                  1 
_struct_ref.pdbx_seq_one_letter_code   
;MAVKVEYDLKRLRNIGIAAHIDAGKTTTTERILYYTGRIHKIGEVHEGAATMDFMEQERERGITITAAVTTCFWKDHRIN
IIDTPGHVDFTIEVERSMRVLDGAIVVFDSSQGVEPQSETVWRQAEKYKVPRIAFANKMDKTGADLWLVIRTMQERLGAR
PVVMQLPIGREDTFSGIIDVLRMKAYTYGNDLGTDIREIPIPEEYLDQAREYHEKLVEVAADFDENIMLKYLEGEEPTEE
ELVAAIRKGTIDLKITPVFLGSALKNKGVQLLLDAVVDYLPSPLDIPPIKGTTPEGEVVEIHPDPNGPLAALAFKIMADP
YVGRLTFIRVYSGTLTSGSYVYNTTKGRKERVARLLRMHANHREEVEELKAGDLGAVVGLKETITGDTLVGEDAPRVILE
SIEVPEPVIDVAIEPKTKADQEKLSQALARLAEEDPTFRVSTHPETGQTIISGMGELHLEIIVDRLKREFKVDANVGKPQ
VAYRETITKPVDVEGKFIRQTGGRGQYGHVKIKVEPLPRGSGFEFVNAIVGGVIPKEYIPAVQKGIEEAMQSGPLIGFPV
VDIKVTLYDGSYHEVDSSEMAFKIAGSMAIKEAVQKGDPVILEPIMRVEVTTPEEYMGDVIGDLNARRGQILGMEPRGNA
QVIRAFVPLAEMFGYATDLRSKTQGRGSFVMFFDHYQEVPKQVQEKLIKGQ
;
_struct_ref.pdbx_align_begin           1 
_struct_ref.pdbx_db_isoform            ? 
# 
_struct_ref_seq.align_id                      1 
_struct_ref_seq.ref_id                        1 
_struct_ref_seq.pdbx_PDB_id_code              1PN6 
_struct_ref_seq.pdbx_strand_id                A 
_struct_ref_seq.seq_align_beg                 1 
_struct_ref_seq.pdbx_seq_align_beg_ins_code   ? 
_struct_ref_seq.seq_align_end                 691 
_struct_ref_seq.pdbx_seq_align_end_ins_code   ? 
_struct_ref_seq.pdbx_db_accession             P13551 
_struct_ref_seq.db_align_beg                  1 
_struct_ref_seq.pdbx_db_align_beg_ins_code    ? 
_struct_ref_seq.db_align_end                  691 
_struct_ref_seq.pdbx_db_align_end_ins_code    ? 
_struct_ref_seq.pdbx_auth_seq_align_beg       1 
_struct_ref_seq.pdbx_auth_seq_align_end       691 
# 
_struct_ref_seq_dif.align_id                     1 
_struct_ref_seq_dif.pdbx_pdb_id_code             1PN6 
_struct_ref_seq_dif.mon_id                       ALA 
_struct_ref_seq_dif.pdbx_pdb_strand_id           A 
_struct_ref_seq_dif.seq_num                      573 
_struct_ref_seq_dif.pdbx_pdb_ins_code            ? 
_struct_ref_seq_dif.pdbx_seq_db_name             UNP 
_struct_ref_seq_dif.pdbx_seq_db_accession_code   P13551 
_struct_ref_seq_dif.db_mon_id                    HIS 
_struct_ref_seq_dif.pdbx_seq_db_seq_num          573 
_struct_ref_seq_dif.details                      'engineered mutation' 
_struct_ref_seq_dif.pdbx_auth_seq_num            573 
_struct_ref_seq_dif.pdbx_ordinal                 1 
# 
_pdbx_struct_assembly.id                   1 
_pdbx_struct_assembly.details              author_defined_assembly 
_pdbx_struct_assembly.method_details       ? 
_pdbx_struct_assembly.oligomeric_details   monomeric 
_pdbx_struct_assembly.oligomeric_count     1 
# 
_pdbx_struct_assembly_gen.assembly_id       1 
_pdbx_struct_assembly_gen.oper_expression   1 
_pdbx_struct_assembly_gen.asym_id_list      A 
# 
_pdbx_struct_oper_list.id                   1 
_pdbx_struct_oper_list.type                 'identity operation' 
_pdbx_struct_oper_list.name                 1_555 
_pdbx_struct_oper_list.symmetry_operation   x,y,z 
_pdbx_struct_oper_list.matrix[1][1]         1.0000000000 
_pdbx_struct_oper_list.matrix[1][2]         0.0000000000 
_pdbx_struct_oper_list.matrix[1][3]         0.0000000000 
_pdbx_struct_oper_list.vector[1]            0.0000000000 
_pdbx_struct_oper_list.matrix[2][1]         0.0000000000 
_pdbx_struct_oper_list.matrix[2][2]         1.0000000000 
_pdbx_struct_oper_list.matrix[2][3]         0.0000000000 
_pdbx_struct_oper_list.vector[2]            0.0000000000 
_pdbx_struct_oper_list.matrix[3][1]         0.0000000000 
_pdbx_struct_oper_list.matrix[3][2]         0.0000000000 
_pdbx_struct_oper_list.matrix[3][3]         1.0000000000 
_pdbx_struct_oper_list.vector[3]            0.0000000000 
# 
_pdbx_database_remark.id     999 
_pdbx_database_remark.text   'The structure contains C alpha atoms only' 
# 
_em_3d_fitting.id                1 
_em_3d_fitting.entry_id          1PN6 
_em_3d_fitting.ref_protocol      OTHER 
_em_3d_fitting.ref_space         REAL 
_em_3d_fitting.overall_b_value   ? 
_em_3d_fitting.target_criteria   ? 
_em_3d_fitting.details           'METHOD--Manual fitting in O' 
_em_3d_fitting.method            ? 
# 
_em_3d_fitting_list.3d_fitting_id                 1 
_em_3d_fitting_list.id                            1 
_em_3d_fitting_list.pdb_entry_id                  1FNM 
_em_3d_fitting_list.pdb_chain_id                  ? 
_em_3d_fitting_list.details                       ? 
_em_3d_fitting_list.initial_refinement_model_id   1 
_em_3d_fitting_list.chain_id                      ? 
_em_3d_fitting_list.chain_residue_range           ? 
_em_3d_fitting_list.pdb_chain_residue_range       ? 
_em_3d_fitting_list.source_name                   PDB 
_em_3d_fitting_list.type                          'experimental model' 
_em_3d_fitting_list.accession_code                1FNM 
# 
_em_3d_reconstruction.entry_id                    1PN6 
_em_3d_reconstruction.id                          1 
_em_3d_reconstruction.symmetry_type               POINT 
_em_3d_reconstruction.image_processing_id         1 
_em_3d_reconstruction.method                      '3D projection matching; conjugate gradients with regularization' 
_em_3d_reconstruction.nominal_pixel_size          ? 
_em_3d_reconstruction.actual_pixel_size           2.82 
_em_3d_reconstruction.resolution                  10.8 
_em_3d_reconstruction.magnification_calibration   TMV 
_em_3d_reconstruction.details                     
'SPIDER package. CRYSTAL STRUCTURE OF THERMUS THERMOPHILUS EF-G H573A AT 2.8A RESOLUTION.' 
_em_3d_reconstruction.resolution_method           ? 
_em_3d_reconstruction.num_class_averages          ? 
_em_3d_reconstruction.num_particles               ? 
_em_3d_reconstruction.algorithm                   ? 
# 
_em_buffer.id            1 
_em_buffer.specimen_id   1 
_em_buffer.name          ? 
_em_buffer.pH            7.5 
_em_buffer.details       ? 
# 
loop_
_em_entity_assembly.id 
_em_entity_assembly.name 
_em_entity_assembly.type 
_em_entity_assembly.parent_id 
_em_entity_assembly.synonym 
_em_entity_assembly.details 
_em_entity_assembly.entity_id_list 
_em_entity_assembly.source 
_em_entity_assembly.oligomeric_details 
1 'E.coli 70S ribosome' RIBOSOME 0 ? ? ? ? ? 
2 'ELONGATION FACTOR G' ?        1 ? ? ? ? ? 
# 
_em_imaging.entry_id                        1PN6 
_em_imaging.id                              1 
_em_imaging.specimen_id                     1 
_em_imaging.date                            2001-06-01 
_em_imaging.temperature                     93 
_em_imaging.microscope_model                'FEI TECNAI F20' 
_em_imaging.nominal_defocus_min             1500. 
_em_imaging.nominal_defocus_max             4000. 
_em_imaging.tilt_angle_min                  0 
_em_imaging.tilt_angle_max                  0 
_em_imaging.nominal_cs                      2.0 
_em_imaging.mode                            'BRIGHT FIELD' 
_em_imaging.illumination_mode               'FLOOD BEAM' 
_em_imaging.nominal_magnification           50000 
_em_imaging.calibrated_magnification        49696 
_em_imaging.electron_source                 'FIELD EMISSION GUN' 
_em_imaging.accelerating_voltage            200 
_em_imaging.details                         ? 
_em_imaging.specimen_holder_type            ? 
_em_imaging.specimen_holder_model           ? 
_em_imaging.citation_id                     ? 
_em_imaging.detector_distance               ? 
_em_imaging.recording_temperature_maximum   ? 
_em_imaging.recording_temperature_minimum   ? 
_em_imaging.astigmatism                     ? 
_em_imaging.electron_beam_tilt_params       ? 
# 
_em_sample_support.id               1 
_em_sample_support.specimen_id      1 
_em_sample_support.details          'Quantifoil holley-carbon film grids' 
_em_sample_support.film_material    ? 
_em_sample_support.grid_material    ? 
_em_sample_support.grid_mesh_size   ? 
_em_sample_support.grid_type        ? 
_em_sample_support.method           ? 
# 
_em_vitrification.entry_id              1PN6 
_em_vitrification.id                    1 
_em_vitrification.cryogen_name          ETHANE 
_em_vitrification.details               'Rapid-freezing in liquid ethane' 
_em_vitrification.citation_id           ? 
_em_vitrification.humidity              ? 
_em_vitrification.instrument            ? 
_em_vitrification.method                ? 
_em_vitrification.specimen_id           1 
_em_vitrification.temp                  ? 
_em_vitrification.time_resolved_state   ? 
# 
_em_experiment.entry_id                1PN6 
_em_experiment.id                      1 
_em_experiment.aggregation_state       PARTICLE 
_em_experiment.entity_assembly_id      1 
_em_experiment.reconstruction_method   'SINGLE PARTICLE' 
# 
_em_single_particle_entity.entry_id              1PN6 
_em_single_particle_entity.id                    1 
_em_single_particle_entity.point_symmetry        C1 
_em_single_particle_entity.image_processing_id   1 
# 
loop_
_pdbx_unobs_or_zero_occ_residues.id 
_pdbx_unobs_or_zero_occ_residues.PDB_model_num 
_pdbx_unobs_or_zero_occ_residues.polymer_flag 
_pdbx_unobs_or_zero_occ_residues.occupancy_flag 
_pdbx_unobs_or_zero_occ_residues.auth_asym_id 
_pdbx_unobs_or_zero_occ_residues.auth_comp_id 
_pdbx_unobs_or_zero_occ_residues.auth_seq_id 
_pdbx_unobs_or_zero_occ_residues.PDB_ins_code 
_pdbx_unobs_or_zero_occ_residues.label_asym_id 
_pdbx_unobs_or_zero_occ_residues.label_comp_id 
_pdbx_unobs_or_zero_occ_residues.label_seq_id 
1  1 Y 1 A MET 1   ? A MET 1   
2  1 Y 1 A ALA 2   ? A ALA 2   
3  1 Y 1 A VAL 3   ? A VAL 3   
4  1 Y 1 A LYS 4   ? A LYS 4   
5  1 Y 1 A VAL 5   ? A VAL 5   
6  1 Y 1 A HIS 40  ? A HIS 40  
7  1 Y 1 A LYS 41  ? A LYS 41  
8  1 Y 1 A ILE 42  ? A ILE 42  
9  1 Y 1 A GLY 43  ? A GLY 43  
10 1 Y 1 A GLU 44  ? A GLU 44  
11 1 Y 1 A VAL 45  ? A VAL 45  
12 1 Y 1 A HIS 46  ? A HIS 46  
13 1 Y 1 A GLU 47  ? A GLU 47  
14 1 Y 1 A GLY 48  ? A GLY 48  
15 1 Y 1 A ALA 49  ? A ALA 49  
16 1 Y 1 A ALA 50  ? A ALA 50  
17 1 Y 1 A THR 51  ? A THR 51  
18 1 Y 1 A MET 52  ? A MET 52  
19 1 Y 1 A ASP 53  ? A ASP 53  
20 1 Y 1 A PHE 54  ? A PHE 54  
21 1 Y 1 A MET 55  ? A MET 55  
22 1 Y 1 A GLU 56  ? A GLU 56  
23 1 Y 1 A GLN 57  ? A GLN 57  
24 1 Y 1 A GLU 58  ? A GLU 58  
25 1 Y 1 A ARG 59  ? A ARG 59  
26 1 Y 1 A GLU 60  ? A GLU 60  
27 1 Y 1 A ARG 61  ? A ARG 61  
28 1 Y 1 A GLY 62  ? A GLY 62  
29 1 Y 1 A ILE 63  ? A ILE 63  
30 1 Y 1 A THR 64  ? A THR 64  
31 1 Y 1 A ILE 65  ? A ILE 65  
32 1 Y 1 A THR 66  ? A THR 66  
33 1 Y 1 A ALA 67  ? A ALA 67  
34 1 Y 1 A LYS 689 ? A LYS 689 
35 1 Y 1 A GLY 690 ? A GLY 690 
36 1 Y 1 A GLN 691 ? A GLN 691 
# 
loop_
_chem_comp_atom.comp_id 
_chem_comp_atom.atom_id 
_chem_comp_atom.type_symbol 
_chem_comp_atom.pdbx_aromatic_flag 
_chem_comp_atom.pdbx_stereo_config 
_chem_comp_atom.pdbx_ordinal 
ALA N    N N N 1   
ALA CA   C N S 2   
ALA C    C N N 3   
ALA O    O N N 4   
ALA CB   C N N 5   
ALA OXT  O N N 6   
ALA H    H N N 7   
ALA H2   H N N 8   
ALA HA   H N N 9   
ALA HB1  H N N 10  
ALA HB2  H N N 11  
ALA HB3  H N N 12  
ALA HXT  H N N 13  
ARG N    N N N 14  
ARG CA   C N S 15  
ARG C    C N N 16  
ARG O    O N N 17  
ARG CB   C N N 18  
ARG CG   C N N 19  
ARG CD   C N N 20  
ARG NE   N N N 21  
ARG CZ   C N N 22  
ARG NH1  N N N 23  
ARG NH2  N N N 24  
ARG OXT  O N N 25  
ARG H    H N N 26  
ARG H2   H N N 27  
ARG HA   H N N 28  
ARG HB2  H N N 29  
ARG HB3  H N N 30  
ARG HG2  H N N 31  
ARG HG3  H N N 32  
ARG HD2  H N N 33  
ARG HD3  H N N 34  
ARG HE   H N N 35  
ARG HH11 H N N 36  
ARG HH12 H N N 37  
ARG HH21 H N N 38  
ARG HH22 H N N 39  
ARG HXT  H N N 40  
ASN N    N N N 41  
ASN CA   C N S 42  
ASN C    C N N 43  
ASN O    O N N 44  
ASN CB   C N N 45  
ASN CG   C N N 46  
ASN OD1  O N N 47  
ASN ND2  N N N 48  
ASN OXT  O N N 49  
ASN H    H N N 50  
ASN H2   H N N 51  
ASN HA   H N N 52  
ASN HB2  H N N 53  
ASN HB3  H N N 54  
ASN HD21 H N N 55  
ASN HD22 H N N 56  
ASN HXT  H N N 57  
ASP N    N N N 58  
ASP CA   C N S 59  
ASP C    C N N 60  
ASP O    O N N 61  
ASP CB   C N N 62  
ASP CG   C N N 63  
ASP OD1  O N N 64  
ASP OD2  O N N 65  
ASP OXT  O N N 66  
ASP H    H N N 67  
ASP H2   H N N 68  
ASP HA   H N N 69  
ASP HB2  H N N 70  
ASP HB3  H N N 71  
ASP HD2  H N N 72  
ASP HXT  H N N 73  
CYS N    N N N 74  
CYS CA   C N R 75  
CYS C    C N N 76  
CYS O    O N N 77  
CYS CB   C N N 78  
CYS SG   S N N 79  
CYS OXT  O N N 80  
CYS H    H N N 81  
CYS H2   H N N 82  
CYS HA   H N N 83  
CYS HB2  H N N 84  
CYS HB3  H N N 85  
CYS HG   H N N 86  
CYS HXT  H N N 87  
GLN N    N N N 88  
GLN CA   C N S 89  
GLN C    C N N 90  
GLN O    O N N 91  
GLN CB   C N N 92  
GLN CG   C N N 93  
GLN CD   C N N 94  
GLN OE1  O N N 95  
GLN NE2  N N N 96  
GLN OXT  O N N 97  
GLN H    H N N 98  
GLN H2   H N N 99  
GLN HA   H N N 100 
GLN HB2  H N N 101 
GLN HB3  H N N 102 
GLN HG2  H N N 103 
GLN HG3  H N N 104 
GLN HE21 H N N 105 
GLN HE22 H N N 106 
GLN HXT  H N N 107 
GLU N    N N N 108 
GLU CA   C N S 109 
GLU C    C N N 110 
GLU O    O N N 111 
GLU CB   C N N 112 
GLU CG   C N N 113 
GLU CD   C N N 114 
GLU OE1  O N N 115 
GLU OE2  O N N 116 
GLU OXT  O N N 117 
GLU H    H N N 118 
GLU H2   H N N 119 
GLU HA   H N N 120 
GLU HB2  H N N 121 
GLU HB3  H N N 122 
GLU HG2  H N N 123 
GLU HG3  H N N 124 
GLU HE2  H N N 125 
GLU HXT  H N N 126 
GLY N    N N N 127 
GLY CA   C N N 128 
GLY C    C N N 129 
GLY O    O N N 130 
GLY OXT  O N N 131 
GLY H    H N N 132 
GLY H2   H N N 133 
GLY HA2  H N N 134 
GLY HA3  H N N 135 
GLY HXT  H N N 136 
HIS N    N N N 137 
HIS CA   C N S 138 
HIS C    C N N 139 
HIS O    O N N 140 
HIS CB   C N N 141 
HIS CG   C Y N 142 
HIS ND1  N Y N 143 
HIS CD2  C Y N 144 
HIS CE1  C Y N 145 
HIS NE2  N Y N 146 
HIS OXT  O N N 147 
HIS H    H N N 148 
HIS H2   H N N 149 
HIS HA   H N N 150 
HIS HB2  H N N 151 
HIS HB3  H N N 152 
HIS HD1  H N N 153 
HIS HD2  H N N 154 
HIS HE1  H N N 155 
HIS HE2  H N N 156 
HIS HXT  H N N 157 
ILE N    N N N 158 
ILE CA   C N S 159 
ILE C    C N N 160 
ILE O    O N N 161 
ILE CB   C N S 162 
ILE CG1  C N N 163 
ILE CG2  C N N 164 
ILE CD1  C N N 165 
ILE OXT  O N N 166 
ILE H    H N N 167 
ILE H2   H N N 168 
ILE HA   H N N 169 
ILE HB   H N N 170 
ILE HG12 H N N 171 
ILE HG13 H N N 172 
ILE HG21 H N N 173 
ILE HG22 H N N 174 
ILE HG23 H N N 175 
ILE HD11 H N N 176 
ILE HD12 H N N 177 
ILE HD13 H N N 178 
ILE HXT  H N N 179 
LEU N    N N N 180 
LEU CA   C N S 181 
LEU C    C N N 182 
LEU O    O N N 183 
LEU CB   C N N 184 
LEU CG   C N N 185 
LEU CD1  C N N 186 
LEU CD2  C N N 187 
LEU OXT  O N N 188 
LEU H    H N N 189 
LEU H2   H N N 190 
LEU HA   H N N 191 
LEU HB2  H N N 192 
LEU HB3  H N N 193 
LEU HG   H N N 194 
LEU HD11 H N N 195 
LEU HD12 H N N 196 
LEU HD13 H N N 197 
LEU HD21 H N N 198 
LEU HD22 H N N 199 
LEU HD23 H N N 200 
LEU HXT  H N N 201 
LYS N    N N N 202 
LYS CA   C N S 203 
LYS C    C N N 204 
LYS O    O N N 205 
LYS CB   C N N 206 
LYS CG   C N N 207 
LYS CD   C N N 208 
LYS CE   C N N 209 
LYS NZ   N N N 210 
LYS OXT  O N N 211 
LYS H    H N N 212 
LYS H2   H N N 213 
LYS HA   H N N 214 
LYS HB2  H N N 215 
LYS HB3  H N N 216 
LYS HG2  H N N 217 
LYS HG3  H N N 218 
LYS HD2  H N N 219 
LYS HD3  H N N 220 
LYS HE2  H N N 221 
LYS HE3  H N N 222 
LYS HZ1  H N N 223 
LYS HZ2  H N N 224 
LYS HZ3  H N N 225 
LYS HXT  H N N 226 
MET N    N N N 227 
MET CA   C N S 228 
MET C    C N N 229 
MET O    O N N 230 
MET CB   C N N 231 
MET CG   C N N 232 
MET SD   S N N 233 
MET CE   C N N 234 
MET OXT  O N N 235 
MET H    H N N 236 
MET H2   H N N 237 
MET HA   H N N 238 
MET HB2  H N N 239 
MET HB3  H N N 240 
MET HG2  H N N 241 
MET HG3  H N N 242 
MET HE1  H N N 243 
MET HE2  H N N 244 
MET HE3  H N N 245 
MET HXT  H N N 246 
PHE N    N N N 247 
PHE CA   C N S 248 
PHE C    C N N 249 
PHE O    O N N 250 
PHE CB   C N N 251 
PHE CG   C Y N 252 
PHE CD1  C Y N 253 
PHE CD2  C Y N 254 
PHE CE1  C Y N 255 
PHE CE2  C Y N 256 
PHE CZ   C Y N 257 
PHE OXT  O N N 258 
PHE H    H N N 259 
PHE H2   H N N 260 
PHE HA   H N N 261 
PHE HB2  H N N 262 
PHE HB3  H N N 263 
PHE HD1  H N N 264 
PHE HD2  H N N 265 
PHE HE1  H N N 266 
PHE HE2  H N N 267 
PHE HZ   H N N 268 
PHE HXT  H N N 269 
PRO N    N N N 270 
PRO CA   C N S 271 
PRO C    C N N 272 
PRO O    O N N 273 
PRO CB   C N N 274 
PRO CG   C N N 275 
PRO CD   C N N 276 
PRO OXT  O N N 277 
PRO H    H N N 278 
PRO HA   H N N 279 
PRO HB2  H N N 280 
PRO HB3  H N N 281 
PRO HG2  H N N 282 
PRO HG3  H N N 283 
PRO HD2  H N N 284 
PRO HD3  H N N 285 
PRO HXT  H N N 286 
SER N    N N N 287 
SER CA   C N S 288 
SER C    C N N 289 
SER O    O N N 290 
SER CB   C N N 291 
SER OG   O N N 292 
SER OXT  O N N 293 
SER H    H N N 294 
SER H2   H N N 295 
SER HA   H N N 296 
SER HB2  H N N 297 
SER HB3  H N N 298 
SER HG   H N N 299 
SER HXT  H N N 300 
THR N    N N N 301 
THR CA   C N S 302 
THR C    C N N 303 
THR O    O N N 304 
THR CB   C N R 305 
THR OG1  O N N 306 
THR CG2  C N N 307 
THR OXT  O N N 308 
THR H    H N N 309 
THR H2   H N N 310 
THR HA   H N N 311 
THR HB   H N N 312 
THR HG1  H N N 313 
THR HG21 H N N 314 
THR HG22 H N N 315 
THR HG23 H N N 316 
THR HXT  H N N 317 
TRP N    N N N 318 
TRP CA   C N S 319 
TRP C    C N N 320 
TRP O    O N N 321 
TRP CB   C N N 322 
TRP CG   C Y N 323 
TRP CD1  C Y N 324 
TRP CD2  C Y N 325 
TRP NE1  N Y N 326 
TRP CE2  C Y N 327 
TRP CE3  C Y N 328 
TRP CZ2  C Y N 329 
TRP CZ3  C Y N 330 
TRP CH2  C Y N 331 
TRP OXT  O N N 332 
TRP H    H N N 333 
TRP H2   H N N 334 
TRP HA   H N N 335 
TRP HB2  H N N 336 
TRP HB3  H N N 337 
TRP HD1  H N N 338 
TRP HE1  H N N 339 
TRP HE3  H N N 340 
TRP HZ2  H N N 341 
TRP HZ3  H N N 342 
TRP HH2  H N N 343 
TRP HXT  H N N 344 
TYR N    N N N 345 
TYR CA   C N S 346 
TYR C    C N N 347 
TYR O    O N N 348 
TYR CB   C N N 349 
TYR CG   C Y N 350 
TYR CD1  C Y N 351 
TYR CD2  C Y N 352 
TYR CE1  C Y N 353 
TYR CE2  C Y N 354 
TYR CZ   C Y N 355 
TYR OH   O N N 356 
TYR OXT  O N N 357 
TYR H    H N N 358 
TYR H2   H N N 359 
TYR HA   H N N 360 
TYR HB2  H N N 361 
TYR HB3  H N N 362 
TYR HD1  H N N 363 
TYR HD2  H N N 364 
TYR HE1  H N N 365 
TYR HE2  H N N 366 
TYR HH   H N N 367 
TYR HXT  H N N 368 
VAL N    N N N 369 
VAL CA   C N S 370 
VAL C    C N N 371 
VAL O    O N N 372 
VAL CB   C N N 373 
VAL CG1  C N N 374 
VAL CG2  C N N 375 
VAL OXT  O N N 376 
VAL H    H N N 377 
VAL H2   H N N 378 
VAL HA   H N N 379 
VAL HB   H N N 380 
VAL HG11 H N N 381 
VAL HG12 H N N 382 
VAL HG13 H N N 383 
VAL HG21 H N N 384 
VAL HG22 H N N 385 
VAL HG23 H N N 386 
VAL HXT  H N N 387 
# 
loop_
_chem_comp_bond.comp_id 
_chem_comp_bond.atom_id_1 
_chem_comp_bond.atom_id_2 
_chem_comp_bond.value_order 
_chem_comp_bond.pdbx_aromatic_flag 
_chem_comp_bond.pdbx_stereo_config 
_chem_comp_bond.pdbx_ordinal 
ALA N   CA   sing N N 1   
ALA N   H    sing N N 2   
ALA N   H2   sing N N 3   
ALA CA  C    sing N N 4   
ALA CA  CB   sing N N 5   
ALA CA  HA   sing N N 6   
ALA C   O    doub N N 7   
ALA C   OXT  sing N N 8   
ALA CB  HB1  sing N N 9   
ALA CB  HB2  sing N N 10  
ALA CB  HB3  sing N N 11  
ALA OXT HXT  sing N N 12  
ARG N   CA   sing N N 13  
ARG N   H    sing N N 14  
ARG N   H2   sing N N 15  
ARG CA  C    sing N N 16  
ARG CA  CB   sing N N 17  
ARG CA  HA   sing N N 18  
ARG C   O    doub N N 19  
ARG C   OXT  sing N N 20  
ARG CB  CG   sing N N 21  
ARG CB  HB2  sing N N 22  
ARG CB  HB3  sing N N 23  
ARG CG  CD   sing N N 24  
ARG CG  HG2  sing N N 25  
ARG CG  HG3  sing N N 26  
ARG CD  NE   sing N N 27  
ARG CD  HD2  sing N N 28  
ARG CD  HD3  sing N N 29  
ARG NE  CZ   sing N N 30  
ARG NE  HE   sing N N 31  
ARG CZ  NH1  sing N N 32  
ARG CZ  NH2  doub N N 33  
ARG NH1 HH11 sing N N 34  
ARG NH1 HH12 sing N N 35  
ARG NH2 HH21 sing N N 36  
ARG NH2 HH22 sing N N 37  
ARG OXT HXT  sing N N 38  
ASN N   CA   sing N N 39  
ASN N   H    sing N N 40  
ASN N   H2   sing N N 41  
ASN CA  C    sing N N 42  
ASN CA  CB   sing N N 43  
ASN CA  HA   sing N N 44  
ASN C   O    doub N N 45  
ASN C   OXT  sing N N 46  
ASN CB  CG   sing N N 47  
ASN CB  HB2  sing N N 48  
ASN CB  HB3  sing N N 49  
ASN CG  OD1  doub N N 50  
ASN CG  ND2  sing N N 51  
ASN ND2 HD21 sing N N 52  
ASN ND2 HD22 sing N N 53  
ASN OXT HXT  sing N N 54  
ASP N   CA   sing N N 55  
ASP N   H    sing N N 56  
ASP N   H2   sing N N 57  
ASP CA  C    sing N N 58  
ASP CA  CB   sing N N 59  
ASP CA  HA   sing N N 60  
ASP C   O    doub N N 61  
ASP C   OXT  sing N N 62  
ASP CB  CG   sing N N 63  
ASP CB  HB2  sing N N 64  
ASP CB  HB3  sing N N 65  
ASP CG  OD1  doub N N 66  
ASP CG  OD2  sing N N 67  
ASP OD2 HD2  sing N N 68  
ASP OXT HXT  sing N N 69  
CYS N   CA   sing N N 70  
CYS N   H    sing N N 71  
CYS N   H2   sing N N 72  
CYS CA  C    sing N N 73  
CYS CA  CB   sing N N 74  
CYS CA  HA   sing N N 75  
CYS C   O    doub N N 76  
CYS C   OXT  sing N N 77  
CYS CB  SG   sing N N 78  
CYS CB  HB2  sing N N 79  
CYS CB  HB3  sing N N 80  
CYS SG  HG   sing N N 81  
CYS OXT HXT  sing N N 82  
GLN N   CA   sing N N 83  
GLN N   H    sing N N 84  
GLN N   H2   sing N N 85  
GLN CA  C    sing N N 86  
GLN CA  CB   sing N N 87  
GLN CA  HA   sing N N 88  
GLN C   O    doub N N 89  
GLN C   OXT  sing N N 90  
GLN CB  CG   sing N N 91  
GLN CB  HB2  sing N N 92  
GLN CB  HB3  sing N N 93  
GLN CG  CD   sing N N 94  
GLN CG  HG2  sing N N 95  
GLN CG  HG3  sing N N 96  
GLN CD  OE1  doub N N 97  
GLN CD  NE2  sing N N 98  
GLN NE2 HE21 sing N N 99  
GLN NE2 HE22 sing N N 100 
GLN OXT HXT  sing N N 101 
GLU N   CA   sing N N 102 
GLU N   H    sing N N 103 
GLU N   H2   sing N N 104 
GLU CA  C    sing N N 105 
GLU CA  CB   sing N N 106 
GLU CA  HA   sing N N 107 
GLU C   O    doub N N 108 
GLU C   OXT  sing N N 109 
GLU CB  CG   sing N N 110 
GLU CB  HB2  sing N N 111 
GLU CB  HB3  sing N N 112 
GLU CG  CD   sing N N 113 
GLU CG  HG2  sing N N 114 
GLU CG  HG3  sing N N 115 
GLU CD  OE1  doub N N 116 
GLU CD  OE2  sing N N 117 
GLU OE2 HE2  sing N N 118 
GLU OXT HXT  sing N N 119 
GLY N   CA   sing N N 120 
GLY N   H    sing N N 121 
GLY N   H2   sing N N 122 
GLY CA  C    sing N N 123 
GLY CA  HA2  sing N N 124 
GLY CA  HA3  sing N N 125 
GLY C   O    doub N N 126 
GLY C   OXT  sing N N 127 
GLY OXT HXT  sing N N 128 
HIS N   CA   sing N N 129 
HIS N   H    sing N N 130 
HIS N   H2   sing N N 131 
HIS CA  C    sing N N 132 
HIS CA  CB   sing N N 133 
HIS CA  HA   sing N N 134 
HIS C   O    doub N N 135 
HIS C   OXT  sing N N 136 
HIS CB  CG   sing N N 137 
HIS CB  HB2  sing N N 138 
HIS CB  HB3  sing N N 139 
HIS CG  ND1  sing Y N 140 
HIS CG  CD2  doub Y N 141 
HIS ND1 CE1  doub Y N 142 
HIS ND1 HD1  sing N N 143 
HIS CD2 NE2  sing Y N 144 
HIS CD2 HD2  sing N N 145 
HIS CE1 NE2  sing Y N 146 
HIS CE1 HE1  sing N N 147 
HIS NE2 HE2  sing N N 148 
HIS OXT HXT  sing N N 149 
ILE N   CA   sing N N 150 
ILE N   H    sing N N 151 
ILE N   H2   sing N N 152 
ILE CA  C    sing N N 153 
ILE CA  CB   sing N N 154 
ILE CA  HA   sing N N 155 
ILE C   O    doub N N 156 
ILE C   OXT  sing N N 157 
ILE CB  CG1  sing N N 158 
ILE CB  CG2  sing N N 159 
ILE CB  HB   sing N N 160 
ILE CG1 CD1  sing N N 161 
ILE CG1 HG12 sing N N 162 
ILE CG1 HG13 sing N N 163 
ILE CG2 HG21 sing N N 164 
ILE CG2 HG22 sing N N 165 
ILE CG2 HG23 sing N N 166 
ILE CD1 HD11 sing N N 167 
ILE CD1 HD12 sing N N 168 
ILE CD1 HD13 sing N N 169 
ILE OXT HXT  sing N N 170 
LEU N   CA   sing N N 171 
LEU N   H    sing N N 172 
LEU N   H2   sing N N 173 
LEU CA  C    sing N N 174 
LEU CA  CB   sing N N 175 
LEU CA  HA   sing N N 176 
LEU C   O    doub N N 177 
LEU C   OXT  sing N N 178 
LEU CB  CG   sing N N 179 
LEU CB  HB2  sing N N 180 
LEU CB  HB3  sing N N 181 
LEU CG  CD1  sing N N 182 
LEU CG  CD2  sing N N 183 
LEU CG  HG   sing N N 184 
LEU CD1 HD11 sing N N 185 
LEU CD1 HD12 sing N N 186 
LEU CD1 HD13 sing N N 187 
LEU CD2 HD21 sing N N 188 
LEU CD2 HD22 sing N N 189 
LEU CD2 HD23 sing N N 190 
LEU OXT HXT  sing N N 191 
LYS N   CA   sing N N 192 
LYS N   H    sing N N 193 
LYS N   H2   sing N N 194 
LYS CA  C    sing N N 195 
LYS CA  CB   sing N N 196 
LYS CA  HA   sing N N 197 
LYS C   O    doub N N 198 
LYS C   OXT  sing N N 199 
LYS CB  CG   sing N N 200 
LYS CB  HB2  sing N N 201 
LYS CB  HB3  sing N N 202 
LYS CG  CD   sing N N 203 
LYS CG  HG2  sing N N 204 
LYS CG  HG3  sing N N 205 
LYS CD  CE   sing N N 206 
LYS CD  HD2  sing N N 207 
LYS CD  HD3  sing N N 208 
LYS CE  NZ   sing N N 209 
LYS CE  HE2  sing N N 210 
LYS CE  HE3  sing N N 211 
LYS NZ  HZ1  sing N N 212 
LYS NZ  HZ2  sing N N 213 
LYS NZ  HZ3  sing N N 214 
LYS OXT HXT  sing N N 215 
MET N   CA   sing N N 216 
MET N   H    sing N N 217 
MET N   H2   sing N N 218 
MET CA  C    sing N N 219 
MET CA  CB   sing N N 220 
MET CA  HA   sing N N 221 
MET C   O    doub N N 222 
MET C   OXT  sing N N 223 
MET CB  CG   sing N N 224 
MET CB  HB2  sing N N 225 
MET CB  HB3  sing N N 226 
MET CG  SD   sing N N 227 
MET CG  HG2  sing N N 228 
MET CG  HG3  sing N N 229 
MET SD  CE   sing N N 230 
MET CE  HE1  sing N N 231 
MET CE  HE2  sing N N 232 
MET CE  HE3  sing N N 233 
MET OXT HXT  sing N N 234 
PHE N   CA   sing N N 235 
PHE N   H    sing N N 236 
PHE N   H2   sing N N 237 
PHE CA  C    sing N N 238 
PHE CA  CB   sing N N 239 
PHE CA  HA   sing N N 240 
PHE C   O    doub N N 241 
PHE C   OXT  sing N N 242 
PHE CB  CG   sing N N 243 
PHE CB  HB2  sing N N 244 
PHE CB  HB3  sing N N 245 
PHE CG  CD1  doub Y N 246 
PHE CG  CD2  sing Y N 247 
PHE CD1 CE1  sing Y N 248 
PHE CD1 HD1  sing N N 249 
PHE CD2 CE2  doub Y N 250 
PHE CD2 HD2  sing N N 251 
PHE CE1 CZ   doub Y N 252 
PHE CE1 HE1  sing N N 253 
PHE CE2 CZ   sing Y N 254 
PHE CE2 HE2  sing N N 255 
PHE CZ  HZ   sing N N 256 
PHE OXT HXT  sing N N 257 
PRO N   CA   sing N N 258 
PRO N   CD   sing N N 259 
PRO N   H    sing N N 260 
PRO CA  C    sing N N 261 
PRO CA  CB   sing N N 262 
PRO CA  HA   sing N N 263 
PRO C   O    doub N N 264 
PRO C   OXT  sing N N 265 
PRO CB  CG   sing N N 266 
PRO CB  HB2  sing N N 267 
PRO CB  HB3  sing N N 268 
PRO CG  CD   sing N N 269 
PRO CG  HG2  sing N N 270 
PRO CG  HG3  sing N N 271 
PRO CD  HD2  sing N N 272 
PRO CD  HD3  sing N N 273 
PRO OXT HXT  sing N N 274 
SER N   CA   sing N N 275 
SER N   H    sing N N 276 
SER N   H2   sing N N 277 
SER CA  C    sing N N 278 
SER CA  CB   sing N N 279 
SER CA  HA   sing N N 280 
SER C   O    doub N N 281 
SER C   OXT  sing N N 282 
SER CB  OG   sing N N 283 
SER CB  HB2  sing N N 284 
SER CB  HB3  sing N N 285 
SER OG  HG   sing N N 286 
SER OXT HXT  sing N N 287 
THR N   CA   sing N N 288 
THR N   H    sing N N 289 
THR N   H2   sing N N 290 
THR CA  C    sing N N 291 
THR CA  CB   sing N N 292 
THR CA  HA   sing N N 293 
THR C   O    doub N N 294 
THR C   OXT  sing N N 295 
THR CB  OG1  sing N N 296 
THR CB  CG2  sing N N 297 
THR CB  HB   sing N N 298 
THR OG1 HG1  sing N N 299 
THR CG2 HG21 sing N N 300 
THR CG2 HG22 sing N N 301 
THR CG2 HG23 sing N N 302 
THR OXT HXT  sing N N 303 
TRP N   CA   sing N N 304 
TRP N   H    sing N N 305 
TRP N   H2   sing N N 306 
TRP CA  C    sing N N 307 
TRP CA  CB   sing N N 308 
TRP CA  HA   sing N N 309 
TRP C   O    doub N N 310 
TRP C   OXT  sing N N 311 
TRP CB  CG   sing N N 312 
TRP CB  HB2  sing N N 313 
TRP CB  HB3  sing N N 314 
TRP CG  CD1  doub Y N 315 
TRP CG  CD2  sing Y N 316 
TRP CD1 NE1  sing Y N 317 
TRP CD1 HD1  sing N N 318 
TRP CD2 CE2  doub Y N 319 
TRP CD2 CE3  sing Y N 320 
TRP NE1 CE2  sing Y N 321 
TRP NE1 HE1  sing N N 322 
TRP CE2 CZ2  sing Y N 323 
TRP CE3 CZ3  doub Y N 324 
TRP CE3 HE3  sing N N 325 
TRP CZ2 CH2  doub Y N 326 
TRP CZ2 HZ2  sing N N 327 
TRP CZ3 CH2  sing Y N 328 
TRP CZ3 HZ3  sing N N 329 
TRP CH2 HH2  sing N N 330 
TRP OXT HXT  sing N N 331 
TYR N   CA   sing N N 332 
TYR N   H    sing N N 333 
TYR N   H2   sing N N 334 
TYR CA  C    sing N N 335 
TYR CA  CB   sing N N 336 
TYR CA  HA   sing N N 337 
TYR C   O    doub N N 338 
TYR C   OXT  sing N N 339 
TYR CB  CG   sing N N 340 
TYR CB  HB2  sing N N 341 
TYR CB  HB3  sing N N 342 
TYR CG  CD1  doub Y N 343 
TYR CG  CD2  sing Y N 344 
TYR CD1 CE1  sing Y N 345 
TYR CD1 HD1  sing N N 346 
TYR CD2 CE2  doub Y N 347 
TYR CD2 HD2  sing N N 348 
TYR CE1 CZ   doub Y N 349 
TYR CE1 HE1  sing N N 350 
TYR CE2 CZ   sing Y N 351 
TYR CE2 HE2  sing N N 352 
TYR CZ  OH   sing N N 353 
TYR OH  HH   sing N N 354 
TYR OXT HXT  sing N N 355 
VAL N   CA   sing N N 356 
VAL N   H    sing N N 357 
VAL N   H2   sing N N 358 
VAL CA  C    sing N N 359 
VAL CA  CB   sing N N 360 
VAL CA  HA   sing N N 361 
VAL C   O    doub N N 362 
VAL C   OXT  sing N N 363 
VAL CB  CG1  sing N N 364 
VAL CB  CG2  sing N N 365 
VAL CB  HB   sing N N 366 
VAL CG1 HG11 sing N N 367 
VAL CG1 HG12 sing N N 368 
VAL CG1 HG13 sing N N 369 
VAL CG2 HG21 sing N N 370 
VAL CG2 HG22 sing N N 371 
VAL CG2 HG23 sing N N 372 
VAL OXT HXT  sing N N 373 
# 
_em_ctf_correction.id        1 
_em_ctf_correction.details   'CTF correction of 3D-maps by Wiener filtration' 
_em_ctf_correction.type      . 
# 
_em_image_processing.id                   1 
_em_image_processing.image_recording_id   1 
_em_image_processing.details              ? 
# 
_em_image_recording.details                       ? 
_em_image_recording.id                            1 
_em_image_recording.avg_electron_dose_per_image   20 
_em_image_recording.film_or_detector_model        'KODAK SO-163 FILM' 
_em_image_recording.imaging_id                    1 
_em_image_recording.detector_mode                 ? 
_em_image_recording.average_exposure_time         ? 
_em_image_recording.num_diffraction_images        ? 
_em_image_recording.num_grids_imaged              ? 
_em_image_recording.num_real_images               ? 
# 
_em_specimen.experiment_id           1 
_em_specimen.id                      1 
_em_specimen.concentration           32 
_em_specimen.vitrification_applied   YES 
_em_specimen.staining_applied        NO 
_em_specimen.embedding_applied       NO 
_em_specimen.shadowing_applied       NO 
_em_specimen.details                 ? 
# 
_pdbx_coordinate_model.asym_id   A 
_pdbx_coordinate_model.type      'CA ATOMS ONLY' 
# 
_pdbx_initial_refinement_model.id               1 
_pdbx_initial_refinement_model.type             'experimental model' 
_pdbx_initial_refinement_model.source_name      PDB 
_pdbx_initial_refinement_model.accession_code   1FNM 
# 
_atom_sites.entry_id                    1PN6 
_atom_sites.fract_transf_matrix[1][1]   1.000000 
_atom_sites.fract_transf_matrix[1][2]   0.000000 
_atom_sites.fract_transf_matrix[1][3]   0.000000 
_atom_sites.fract_transf_matrix[2][1]   0.000000 
_atom_sites.fract_transf_matrix[2][2]   1.000000 
_atom_sites.fract_transf_matrix[2][3]   0.000000 
_atom_sites.fract_transf_matrix[3][1]   0.000000 
_atom_sites.fract_transf_matrix[3][2]   0.000000 
_atom_sites.fract_transf_matrix[3][3]   1.000000 
_atom_sites.fract_transf_vector[1]      0.00000 
_atom_sites.fract_transf_vector[2]      0.00000 
_atom_sites.fract_transf_vector[3]      0.00000 
# 
_atom_type.symbol   C 
# 
loop_
_atom_site.group_PDB 
_atom_site.id 
_atom_site.type_symbol 
_atom_site.label_atom_id 
_atom_site.label_alt_id 
_atom_site.label_comp_id 
_atom_site.label_asym_id 
_atom_site.label_entity_id 
_atom_site.label_seq_id 
_atom_site.pdbx_PDB_ins_code 
_atom_site.Cartn_x 
_atom_site.Cartn_y 
_atom_site.Cartn_z 
_atom_site.occupancy 
_atom_site.B_iso_or_equiv 
_atom_site.pdbx_formal_charge 
_atom_site.auth_seq_id 
_atom_site.auth_comp_id 
_atom_site.auth_asym_id 
_atom_site.auth_atom_id 
_atom_site.pdbx_PDB_model_num 
ATOM 1   C CA . GLU A 1 6   ? 30.933  1.912   -23.981 1.00 49.39  ? 6   GLU A CA 1 
ATOM 2   C CA . TYR A 1 7   ? 29.161  -0.229  -21.360 1.00 39.98  ? 7   TYR A CA 1 
ATOM 3   C CA . ASP A 1 8   ? 30.499  0.480   -17.839 1.00 48.72  ? 8   ASP A CA 1 
ATOM 4   C CA . LEU A 1 9   ? 28.447  -0.277  -14.691 1.00 43.63  ? 9   LEU A CA 1 
ATOM 5   C CA . LYS A 1 10  ? 30.417  2.319   -12.686 1.00 53.23  ? 10  LYS A CA 1 
ATOM 6   C CA . ARG A 1 11  ? 29.333  5.008   -15.207 1.00 37.97  ? 11  ARG A CA 1 
ATOM 7   C CA . LEU A 1 12  ? 25.765  3.640   -15.531 1.00 40.19  ? 12  LEU A CA 1 
ATOM 8   C CA . ARG A 1 13  ? 22.960  5.483   -13.660 1.00 42.30  ? 13  ARG A CA 1 
ATOM 9   C CA . ASN A 1 14  ? 19.284  4.361   -13.472 1.00 36.42  ? 14  ASN A CA 1 
ATOM 10  C CA . ILE A 1 15  ? 17.283  7.359   -12.200 1.00 28.02  ? 15  ILE A CA 1 
ATOM 11  C CA . GLY A 1 16  ? 13.589  7.969   -11.387 1.00 30.89  ? 16  GLY A CA 1 
ATOM 12  C CA . ILE A 1 17  ? 12.231  11.530  -11.181 1.00 37.79  ? 17  ILE A CA 1 
ATOM 13  C CA . ALA A 1 18  ? 9.501   11.559  -8.464  1.00 31.86  ? 18  ALA A CA 1 
ATOM 14  C CA . ALA A 1 19  ? 7.306   14.490  -7.357  1.00 20.69  ? 19  ALA A CA 1 
ATOM 15  C CA . HIS A 1 20  ? 3.882   15.716  -6.257  1.00 34.62  ? 20  HIS A CA 1 
ATOM 16  C CA . ILE A 1 21  ? 1.408   16.174  -9.162  1.00 39.39  ? 21  ILE A CA 1 
ATOM 17  C CA . ASP A 1 22  ? 2.287   19.241  -11.324 1.00 29.96  ? 22  ASP A CA 1 
ATOM 18  C CA . ALA A 1 23  ? 5.528   19.800  -9.300  1.00 28.55  ? 23  ALA A CA 1 
ATOM 19  C CA . GLY A 1 24  ? 7.779   20.003  -12.382 1.00 22.86  ? 24  GLY A CA 1 
ATOM 20  C CA . LYS A 1 25  ? 8.462   16.246  -12.924 1.00 35.06  ? 25  LYS A CA 1 
ATOM 21  C CA . THR A 1 26  ? 7.796   16.370  -16.666 1.00 34.26  ? 26  THR A CA 1 
ATOM 22  C CA . THR A 1 27  ? 9.549   19.757  -16.950 1.00 36.68  ? 27  THR A CA 1 
ATOM 23  C CA . THR A 1 28  ? 12.695  18.420  -15.223 1.00 31.09  ? 28  THR A CA 1 
ATOM 24  C CA . THR A 1 29  ? 12.742  15.202  -17.334 1.00 32.15  ? 29  THR A CA 1 
ATOM 25  C CA . GLU A 1 30  ? 12.089  17.106  -20.596 1.00 41.62  ? 30  GLU A CA 1 
ATOM 26  C CA . ARG A 1 31  ? 14.807  19.666  -19.814 1.00 35.41  ? 31  ARG A CA 1 
ATOM 27  C CA . ILE A 1 32  ? 17.262  16.880  -18.867 1.00 36.54  ? 32  ILE A CA 1 
ATOM 28  C CA . LEU A 1 33  ? 16.541  15.257  -22.271 1.00 45.95  ? 33  LEU A CA 1 
ATOM 29  C CA . TYR A 1 34  ? 17.029  18.637  -24.038 1.00 37.31  ? 34  TYR A CA 1 
ATOM 30  C CA . TYR A 1 35  ? 20.320  19.387  -22.223 1.00 36.52  ? 35  TYR A CA 1 
ATOM 31  C CA . THR A 1 36  ? 21.815  15.887  -22.541 1.00 35.08  ? 36  THR A CA 1 
ATOM 32  C CA . GLY A 1 37  ? 20.588  15.974  -26.171 1.00 42.56  ? 37  GLY A CA 1 
ATOM 33  C CA . ARG A 1 38  ? 23.036  18.835  -27.004 1.00 46.59  ? 38  ARG A CA 1 
ATOM 34  C CA . ILE A 1 39  ? 25.755  16.514  -28.400 1.00 58.71  ? 39  ILE A CA 1 
ATOM 35  C CA . ALA A 1 68  ? 8.765   3.723   -19.715 1.00 43.01  ? 68  ALA A CA 1 
ATOM 36  C CA . VAL A 1 69  ? 12.508  4.474   -19.856 1.00 33.92  ? 69  VAL A CA 1 
ATOM 37  C CA . THR A 1 70  ? 14.655  6.868   -21.929 1.00 41.16  ? 70  THR A CA 1 
ATOM 38  C CA . THR A 1 71  ? 18.450  6.566   -22.244 1.00 39.56  ? 71  THR A CA 1 
ATOM 39  C CA . CYS A 1 72  ? 20.612  9.696   -22.322 1.00 34.87  ? 72  CYS A CA 1 
ATOM 40  C CA . PHE A 1 73  ? 24.222  10.539  -21.369 1.00 34.43  ? 73  PHE A CA 1 
ATOM 41  C CA . TRP A 1 74  ? 26.137  13.121  -19.308 1.00 23.79  ? 74  TRP A CA 1 
ATOM 42  C CA . LYS A 1 75  ? 29.898  13.609  -18.636 1.00 27.48  ? 75  LYS A CA 1 
ATOM 43  C CA . ASP A 1 76  ? 30.708  10.168  -20.150 1.00 35.33  ? 76  ASP A CA 1 
ATOM 44  C CA . HIS A 1 77  ? 28.076  8.336   -18.027 1.00 37.55  ? 77  HIS A CA 1 
ATOM 45  C CA . ARG A 1 78  ? 24.858  6.687   -19.282 1.00 24.13  ? 78  ARG A CA 1 
ATOM 46  C CA . ILE A 1 79  ? 21.710  7.924   -17.527 1.00 32.03  ? 79  ILE A CA 1 
ATOM 47  C CA . ASN A 1 80  ? 18.679  5.659   -17.966 1.00 24.63  ? 80  ASN A CA 1 
ATOM 48  C CA . ILE A 1 81  ? 15.695  7.778   -16.910 1.00 33.05  ? 81  ILE A CA 1 
ATOM 49  C CA . ILE A 1 82  ? 12.985  5.372   -15.715 1.00 26.15  ? 82  ILE A CA 1 
ATOM 50  C CA . ASP A 1 83  ? 9.562   7.002   -16.099 1.00 40.11  ? 83  ASP A CA 1 
ATOM 51  C CA . THR A 1 84  ? 7.613   6.716   -12.820 1.00 28.54  ? 84  THR A CA 1 
ATOM 52  C CA . PRO A 1 85  ? 3.769   6.395   -12.728 1.00 33.63  ? 85  PRO A CA 1 
ATOM 53  C CA . GLY A 1 86  ? 1.385   9.291   -13.442 1.00 47.88  ? 86  GLY A CA 1 
ATOM 54  C CA . HIS A 1 87  ? 0.257   9.356   -9.771  1.00 58.86  ? 87  HIS A CA 1 
ATOM 55  C CA . VAL A 1 88  ? 1.263   7.697   -6.473  1.00 36.97  ? 88  VAL A CA 1 
ATOM 56  C CA . ASP A 1 89  ? -2.139  5.919   -6.361  1.00 48.13  ? 89  ASP A CA 1 
ATOM 57  C CA . PHE A 1 90  ? -0.841  3.631   -9.177  1.00 48.73  ? 90  PHE A CA 1 
ATOM 58  C CA . THR A 1 91  ? 0.824   1.863   -6.213  1.00 38.67  ? 91  THR A CA 1 
ATOM 59  C CA . ILE A 1 92  ? 2.014   -1.362  -7.879  1.00 34.31  ? 92  ILE A CA 1 
ATOM 60  C CA . GLU A 1 93  ? 3.655   0.715   -10.625 1.00 47.39  ? 93  GLU A CA 1 
ATOM 61  C CA . VAL A 1 94  ? 5.380   2.870   -7.983  1.00 41.82  ? 94  VAL A CA 1 
ATOM 62  C CA . GLU A 1 95  ? 6.712   -0.276  -6.245  1.00 45.34  ? 95  GLU A CA 1 
ATOM 63  C CA . ARG A 1 96  ? 7.663   -1.788  -9.635  1.00 46.82  ? 96  ARG A CA 1 
ATOM 64  C CA . SER A 1 97  ? 9.359   1.458   -10.795 1.00 46.75  ? 97  SER A CA 1 
ATOM 65  C CA . MET A 1 98  ? 11.306  1.706   -7.488  1.00 39.75  ? 98  MET A CA 1 
ATOM 66  C CA . ARG A 1 99  ? 12.777  -1.807  -7.990  1.00 30.01  ? 99  ARG A CA 1 
ATOM 67  C CA . VAL A 1 100 ? 13.311  -1.013  -11.718 1.00 37.64  ? 100 VAL A CA 1 
ATOM 68  C CA . LEU A 1 101 ? 15.404  2.192   -11.113 1.00 46.28  ? 101 LEU A CA 1 
ATOM 69  C CA . ASP A 1 102 ? 18.600  2.498   -8.983  1.00 33.03  ? 102 ASP A CA 1 
ATOM 70  C CA . GLY A 1 103 ? 18.232  6.037   -7.500  1.00 38.30  ? 103 GLY A CA 1 
ATOM 71  C CA . ALA A 1 104 ? 15.607  8.838   -7.324  1.00 42.13  ? 104 ALA A CA 1 
ATOM 72  C CA . ILE A 1 105 ? 15.290  12.621  -7.820  1.00 29.49  ? 105 ILE A CA 1 
ATOM 73  C CA . VAL A 1 106 ? 12.588  13.982  -5.486  1.00 31.52  ? 106 VAL A CA 1 
ATOM 74  C CA . VAL A 1 107 ? 11.326  17.217  -7.088  1.00 35.07  ? 107 VAL A CA 1 
ATOM 75  C CA . PHE A 1 108 ? 9.722   19.660  -4.609  1.00 28.62  ? 108 PHE A CA 1 
ATOM 76  C CA . ASP A 1 109 ? 7.698   22.730  -5.627  1.00 31.73  ? 109 ASP A CA 1 
ATOM 77  C CA . SER A 1 110 ? 9.705   25.344  -3.684  1.00 44.49  ? 110 SER A CA 1 
ATOM 78  C CA . SER A 1 111 ? 6.510   27.284  -2.808  1.00 57.92  ? 111 SER A CA 1 
ATOM 79  C CA . GLN A 1 112 ? 4.952   24.193  -1.123  1.00 41.50  ? 112 GLN A CA 1 
ATOM 80  C CA . GLY A 1 113 ? 7.889   22.051  0.071   1.00 48.41  ? 113 GLY A CA 1 
ATOM 81  C CA . VAL A 1 114 ? 7.089   18.395  0.882   1.00 69.33  ? 114 VAL A CA 1 
ATOM 82  C CA . GLU A 1 115 ? 3.419   17.901  -0.081  1.00 46.15  ? 115 GLU A CA 1 
ATOM 83  C CA . PRO A 1 116 ? 1.433   14.725  0.861   1.00 47.77  ? 116 PRO A CA 1 
ATOM 84  C CA . GLN A 1 117 ? 2.309   13.002  -2.441  1.00 44.78  ? 117 GLN A CA 1 
ATOM 85  C CA . SER A 1 118 ? 5.943   14.116  -1.936  1.00 51.20  ? 118 SER A CA 1 
ATOM 86  C CA . GLU A 1 119 ? 5.770   12.294  1.416   1.00 40.80  ? 119 GLU A CA 1 
ATOM 87  C CA . THR A 1 120 ? 4.188   9.255   -0.336  1.00 40.42  ? 120 THR A CA 1 
ATOM 88  C CA . VAL A 1 121 ? 7.008   8.960   -2.922  1.00 35.06  ? 121 VAL A CA 1 
ATOM 89  C CA . TRP A 1 122 ? 9.491   9.486   -0.072  1.00 47.65  ? 122 TRP A CA 1 
ATOM 90  C CA . ARG A 1 123 ? 7.974   6.625   1.979   1.00 28.54  ? 123 ARG A CA 1 
ATOM 91  C CA . GLN A 1 124 ? 8.103   4.383   -1.110  1.00 37.50  ? 124 GLN A CA 1 
ATOM 92  C CA . ALA A 1 125 ? 11.737  5.487   -1.694  1.00 40.74  ? 125 ALA A CA 1 
ATOM 93  C CA . GLU A 1 126 ? 12.490  4.596   1.959   1.00 58.77  ? 126 GLU A CA 1 
ATOM 94  C CA . LYS A 1 127 ? 10.569  1.263   1.715   1.00 50.97  ? 127 LYS A CA 1 
ATOM 95  C CA . TYR A 1 128 ? 12.563  0.183   -1.367  1.00 42.66  ? 128 TYR A CA 1 
ATOM 96  C CA . LYS A 1 129 ? 15.708  1.786   0.198   1.00 55.38  ? 129 LYS A CA 1 
ATOM 97  C CA . VAL A 1 130 ? 16.554  3.653   -3.032  1.00 27.75  ? 130 VAL A CA 1 
ATOM 98  C CA . PRO A 1 131 ? 19.198  6.445   -2.711  1.00 23.55  ? 131 PRO A CA 1 
ATOM 99  C CA . ARG A 1 132 ? 17.942  9.903   -3.702  1.00 35.61  ? 132 ARG A CA 1 
ATOM 100 C CA . ILE A 1 133 ? 18.596  13.639  -4.082  1.00 32.50  ? 133 ILE A CA 1 
ATOM 101 C CA . ALA A 1 134 ? 16.171  16.576  -3.664  1.00 25.22  ? 134 ALA A CA 1 
ATOM 102 C CA . PHE A 1 135 ? 15.446  19.309  -6.262  1.00 22.69  ? 135 PHE A CA 1 
ATOM 103 C CA . ALA A 1 136 ? 13.770  22.483  -4.938  1.00 35.28  ? 136 ALA A CA 1 
ATOM 104 C CA . ASN A 1 137 ? 12.112  23.355  -8.266  1.00 47.15  ? 137 ASN A CA 1 
ATOM 105 C CA . LYS A 1 138 ? 10.350  26.571  -9.407  1.00 47.84  ? 138 LYS A CA 1 
ATOM 106 C CA . MET A 1 139 ? 12.809  28.916  -7.617  1.00 40.04  ? 139 MET A CA 1 
ATOM 107 C CA . ASP A 1 140 ? 11.429  31.677  -9.877  1.00 38.61  ? 140 ASP A CA 1 
ATOM 108 C CA . LYS A 1 141 ? 7.905   31.348  -8.435  1.00 43.95  ? 141 LYS A CA 1 
ATOM 109 C CA . THR A 1 142 ? 6.081   33.707  -6.044  1.00 43.59  ? 142 THR A CA 1 
ATOM 110 C CA . GLY A 1 143 ? 6.826   32.437  -2.513  1.00 47.93  ? 143 GLY A CA 1 
ATOM 111 C CA . ALA A 1 144 ? 9.464   29.886  -3.598  1.00 36.97  ? 144 ALA A CA 1 
ATOM 112 C CA . ASP A 1 145 ? 11.649  29.232  -0.514  1.00 40.17  ? 145 ASP A CA 1 
ATOM 113 C CA . LEU A 1 146 ? 14.524  26.701  -0.334  1.00 37.64  ? 146 LEU A CA 1 
ATOM 114 C CA . TRP A 1 147 ? 14.336  26.986  3.472   1.00 39.22  ? 147 TRP A CA 1 
ATOM 115 C CA . LEU A 1 148 ? 10.666  25.915  3.392   1.00 42.54  ? 148 LEU A CA 1 
ATOM 116 C CA . VAL A 1 149 ? 11.779  22.818  1.448   1.00 42.13  ? 149 VAL A CA 1 
ATOM 117 C CA . ILE A 1 150 ? 14.617  22.114  3.944   1.00 35.30  ? 150 ILE A CA 1 
ATOM 118 C CA . ARG A 1 151 ? 12.532  22.664  7.100   1.00 42.57  ? 151 ARG A CA 1 
ATOM 119 C CA . THR A 1 152 ? 9.442   20.815  5.857   1.00 36.63  ? 152 THR A CA 1 
ATOM 120 C CA . MET A 1 153 ? 11.663  17.910  4.648   1.00 26.53  ? 153 MET A CA 1 
ATOM 121 C CA . GLN A 1 154 ? 13.264  17.750  8.123   1.00 23.72  ? 154 GLN A CA 1 
ATOM 122 C CA . GLU A 1 155 ? 9.922   17.839  9.963   1.00 30.32  ? 155 GLU A CA 1 
ATOM 123 C CA . ARG A 1 156 ? 7.826   15.560  7.718   1.00 59.13  ? 156 ARG A CA 1 
ATOM 124 C CA . LEU A 1 157 ? 10.303  13.211  6.065   1.00 48.65  ? 157 LEU A CA 1 
ATOM 125 C CA . GLY A 1 158 ? 13.145  12.883  8.567   1.00 49.19  ? 158 GLY A CA 1 
ATOM 126 C CA . ALA A 1 159 ? 15.355  13.326  5.495   1.00 55.99  ? 159 ALA A CA 1 
ATOM 127 C CA . ARG A 1 160 ? 18.478  14.936  7.015   1.00 22.65  ? 160 ARG A CA 1 
ATOM 128 C CA . PRO A 1 161 ? 18.814  17.312  4.035   1.00 36.02  ? 161 PRO A CA 1 
ATOM 129 C CA . VAL A 1 162 ? 22.228  18.833  3.211   1.00 34.27  ? 162 VAL A CA 1 
ATOM 130 C CA . VAL A 1 163 ? 22.247  22.151  1.296   1.00 20.04  ? 163 VAL A CA 1 
ATOM 131 C CA . MET A 1 164 ? 24.506  21.613  -1.745  1.00 31.78  ? 164 MET A CA 1 
ATOM 132 C CA . GLN A 1 165 ? 23.870  25.109  -3.153  1.00 28.08  ? 165 GLN A CA 1 
ATOM 133 C CA . LEU A 1 166 ? 22.085  28.463  -2.542  1.00 34.22  ? 166 LEU A CA 1 
ATOM 134 C CA . PRO A 1 167 ? 20.126  30.562  -5.101  1.00 30.26  ? 167 PRO A CA 1 
ATOM 135 C CA . ILE A 1 168 ? 21.184  34.035  -6.311  1.00 45.20  ? 168 ILE A CA 1 
ATOM 136 C CA . GLY A 1 169 ? 18.007  36.172  -6.369  1.00 25.71  ? 169 GLY A CA 1 
ATOM 137 C CA . ARG A 1 170 ? 14.626  35.073  -4.916  1.00 42.34  ? 170 ARG A CA 1 
ATOM 138 C CA . GLU A 1 171 ? 11.496  35.330  -7.154  1.00 40.85  ? 171 GLU A CA 1 
ATOM 139 C CA . ASP A 1 172 ? 11.889  36.705  -10.746 1.00 53.55  ? 172 ASP A CA 1 
ATOM 140 C CA . THR A 1 173 ? 15.248  38.048  -9.536  1.00 58.60  ? 173 THR A CA 1 
ATOM 141 C CA . PHE A 1 174 ? 16.435  34.366  -9.444  1.00 31.38  ? 174 PHE A CA 1 
ATOM 142 C CA . SER A 1 175 ? 19.486  34.770  -11.712 1.00 30.04  ? 175 SER A CA 1 
ATOM 143 C CA . GLY A 1 176 ? 22.037  32.209  -10.499 1.00 26.49  ? 176 GLY A CA 1 
ATOM 144 C CA . ILE A 1 177 ? 23.180  29.527  -8.043  1.00 26.00  ? 177 ILE A CA 1 
ATOM 145 C CA . ILE A 1 178 ? 26.118  29.127  -5.581  1.00 39.91  ? 178 ILE A CA 1 
ATOM 146 C CA . ASP A 1 179 ? 27.762  25.675  -5.220  1.00 30.67  ? 179 ASP A CA 1 
ATOM 147 C CA . VAL A 1 180 ? 29.030  25.720  -1.607  1.00 43.03  ? 180 VAL A CA 1 
ATOM 148 C CA . LEU A 1 181 ? 30.806  22.339  -1.887  1.00 31.25  ? 181 LEU A CA 1 
ATOM 149 C CA . ARG A 1 182 ? 32.975  23.798  -4.670  1.00 37.99  ? 182 ARG A CA 1 
ATOM 150 C CA . MET A 1 183 ? 32.773  27.464  -3.483  1.00 35.72  ? 183 MET A CA 1 
ATOM 151 C CA . LYS A 1 184 ? 31.891  28.794  -6.955  1.00 43.34  ? 184 LYS A CA 1 
ATOM 152 C CA . ALA A 1 185 ? 28.767  30.359  -8.511  1.00 25.20  ? 185 ALA A CA 1 
ATOM 153 C CA . TYR A 1 186 ? 26.860  30.230  -11.803 1.00 42.19  ? 186 TYR A CA 1 
ATOM 154 C CA . THR A 1 187 ? 24.452  32.735  -13.408 1.00 31.78  ? 187 THR A CA 1 
ATOM 155 C CA . TYR A 1 188 ? 22.030  32.249  -16.327 1.00 41.39  ? 188 TYR A CA 1 
ATOM 156 C CA . GLY A 1 189 ? 21.929  35.155  -18.807 1.00 40.69  ? 189 GLY A CA 1 
ATOM 157 C CA . ASN A 1 190 ? 18.586  34.046  -20.331 1.00 42.26  ? 190 ASN A CA 1 
ATOM 158 C CA . ASP A 1 191 ? 15.674  31.771  -19.313 1.00 39.21  ? 191 ASP A CA 1 
ATOM 159 C CA . LEU A 1 192 ? 16.507  29.490  -22.319 1.00 37.39  ? 192 LEU A CA 1 
ATOM 160 C CA . GLY A 1 193 ? 19.683  27.804  -20.956 1.00 45.88  ? 193 GLY A CA 1 
ATOM 161 C CA . THR A 1 194 ? 21.886  28.903  -23.894 1.00 42.69  ? 194 THR A CA 1 
ATOM 162 C CA . ASP A 1 195 ? 23.867  31.367  -21.704 1.00 50.43  ? 195 ASP A CA 1 
ATOM 163 C CA . ILE A 1 196 ? 25.307  30.020  -18.426 1.00 38.60  ? 196 ILE A CA 1 
ATOM 164 C CA . ARG A 1 197 ? 28.350  31.798  -16.923 1.00 30.87  ? 197 ARG A CA 1 
ATOM 165 C CA . GLU A 1 198 ? 30.451  30.517  -14.012 1.00 49.22  ? 198 GLU A CA 1 
ATOM 166 C CA . ILE A 1 199 ? 31.387  33.395  -11.656 1.00 59.04  ? 199 ILE A CA 1 
ATOM 167 C CA . PRO A 1 200 ? 32.988  34.014  -8.244  1.00 64.18  ? 200 PRO A CA 1 
ATOM 168 C CA . ILE A 1 201 ? 30.409  34.082  -5.421  1.00 46.98  ? 201 ILE A CA 1 
ATOM 169 C CA . PRO A 1 202 ? 29.061  37.684  -5.146  1.00 66.03  ? 202 PRO A CA 1 
ATOM 170 C CA . GLU A 1 203 ? 30.242  39.154  -1.804  1.00 59.93  ? 203 GLU A CA 1 
ATOM 171 C CA . GLU A 1 204 ? 26.624  39.566  -0.576  1.00 47.28  ? 204 GLU A CA 1 
ATOM 172 C CA . TYR A 1 205 ? 26.239  35.749  -0.421  1.00 37.76  ? 205 TYR A CA 1 
ATOM 173 C CA . LEU A 1 206 ? 29.886  34.875  0.403   1.00 38.93  ? 206 LEU A CA 1 
ATOM 174 C CA . ASP A 1 207 ? 29.404  34.637  4.192   1.00 29.55  ? 207 ASP A CA 1 
ATOM 175 C CA . GLN A 1 208 ? 26.317  32.426  3.727   1.00 39.32  ? 208 GLN A CA 1 
ATOM 176 C CA . ALA A 1 209 ? 28.268  30.318  1.208   1.00 28.37  ? 209 ALA A CA 1 
ATOM 177 C CA . ARG A 1 210 ? 31.137  29.880  3.703   1.00 35.76  ? 210 ARG A CA 1 
ATOM 178 C CA . GLU A 1 211 ? 28.608  29.009  6.468   1.00 32.53  ? 211 GLU A CA 1 
ATOM 179 C CA . TYR A 1 212 ? 26.799  26.330  4.444   1.00 30.84  ? 212 TYR A CA 1 
ATOM 180 C CA . HIS A 1 213 ? 30.141  25.045  3.090   1.00 31.70  ? 213 HIS A CA 1 
ATOM 181 C CA . GLU A 1 214 ? 31.354  24.624  6.706   1.00 44.95  ? 214 GLU A CA 1 
ATOM 182 C CA . LYS A 1 215 ? 28.108  22.745  7.476   1.00 40.72  ? 215 LYS A CA 1 
ATOM 183 C CA . LEU A 1 216 ? 28.590  20.623  4.313   1.00 38.46  ? 216 LEU A CA 1 
ATOM 184 C CA . VAL A 1 217 ? 32.120  19.702  5.493   1.00 36.90  ? 217 VAL A CA 1 
ATOM 185 C CA . GLU A 1 218 ? 30.662  18.940  8.974   1.00 48.78  ? 218 GLU A CA 1 
ATOM 186 C CA . VAL A 1 219 ? 28.176  16.599  7.250   1.00 37.60  ? 219 VAL A CA 1 
ATOM 187 C CA . ALA A 1 220 ? 30.762  15.009  4.888   1.00 36.39  ? 220 ALA A CA 1 
ATOM 188 C CA . ALA A 1 221 ? 33.110  14.411  7.867   1.00 44.64  ? 221 ALA A CA 1 
ATOM 189 C CA . ASP A 1 222 ? 30.587  11.928  9.319   1.00 29.76  ? 222 ASP A CA 1 
ATOM 190 C CA . PHE A 1 223 ? 31.249  9.630   6.314   1.00 35.17  ? 223 PHE A CA 1 
ATOM 191 C CA . ASP A 1 224 ? 35.084  9.890   6.259   1.00 43.92  ? 224 ASP A CA 1 
ATOM 192 C CA . GLU A 1 225 ? 37.545  9.995   9.183   1.00 40.84  ? 225 GLU A CA 1 
ATOM 193 C CA . ASN A 1 226 ? 40.083  11.785  6.928   1.00 48.10  ? 226 ASN A CA 1 
ATOM 194 C CA . ILE A 1 227 ? 37.577  14.611  6.419   1.00 38.13  ? 227 ILE A CA 1 
ATOM 195 C CA . MET A 1 228 ? 36.795  14.465  10.171  1.00 55.75  ? 228 MET A CA 1 
ATOM 196 C CA . LEU A 1 229 ? 40.515  14.970  10.985  1.00 62.46  ? 229 LEU A CA 1 
ATOM 197 C CA . LYS A 1 230 ? 40.847  17.828  8.471   1.00 40.19  ? 230 LYS A CA 1 
ATOM 198 C CA . TYR A 1 231 ? 37.593  19.429  9.730   1.00 39.36  ? 231 TYR A CA 1 
ATOM 199 C CA . LEU A 1 232 ? 38.807  19.212  13.369  1.00 50.16  ? 232 LEU A CA 1 
ATOM 200 C CA . GLU A 1 233 ? 42.174  20.643  12.201  1.00 47.94  ? 233 GLU A CA 1 
ATOM 201 C CA . GLY A 1 234 ? 40.312  23.533  10.460  1.00 47.05  ? 234 GLY A CA 1 
ATOM 202 C CA . GLU A 1 235 ? 41.869  22.288  7.183   1.00 47.39  ? 235 GLU A CA 1 
ATOM 203 C CA . GLU A 1 236 ? 39.939  22.309  3.878   1.00 48.00  ? 236 GLU A CA 1 
ATOM 204 C CA . PRO A 1 237 ? 39.525  18.737  2.495   1.00 41.58  ? 237 PRO A CA 1 
ATOM 205 C CA . THR A 1 238 ? 39.615  18.460  -1.315  1.00 38.00  ? 238 THR A CA 1 
ATOM 206 C CA . GLU A 1 239 ? 36.475  18.407  -3.482  1.00 48.97  ? 239 GLU A CA 1 
ATOM 207 C CA . GLU A 1 240 ? 36.975  14.717  -4.349  1.00 39.70  ? 240 GLU A CA 1 
ATOM 208 C CA . GLU A 1 241 ? 36.920  13.702  -0.656  1.00 51.53  ? 241 GLU A CA 1 
ATOM 209 C CA . LEU A 1 242 ? 33.785  15.778  -0.034  1.00 38.87  ? 242 LEU A CA 1 
ATOM 210 C CA . VAL A 1 243 ? 32.048  14.400  -3.172  1.00 33.84  ? 243 VAL A CA 1 
ATOM 211 C CA . ALA A 1 244 ? 32.977  10.803  -2.229  1.00 26.13  ? 244 ALA A CA 1 
ATOM 212 C CA . ALA A 1 245 ? 31.830  11.276  1.391   1.00 32.73  ? 245 ALA A CA 1 
ATOM 213 C CA . ILE A 1 246 ? 28.518  12.877  0.338   1.00 41.67  ? 246 ILE A CA 1 
ATOM 214 C CA . ARG A 1 247 ? 28.015  10.140  -2.319  1.00 25.04  ? 247 ARG A CA 1 
ATOM 215 C CA . LYS A 1 248 ? 28.652  7.463   0.351   1.00 24.02  ? 248 LYS A CA 1 
ATOM 216 C CA . GLY A 1 249 ? 26.316  9.163   2.866   1.00 22.97  ? 249 GLY A CA 1 
ATOM 217 C CA . THR A 1 250 ? 23.585  9.488   0.207   1.00 32.22  ? 250 THR A CA 1 
ATOM 218 C CA . ILE A 1 251 ? 23.955  5.869   -0.976  1.00 37.13  ? 251 ILE A CA 1 
ATOM 219 C CA . ASP A 1 252 ? 23.850  4.814   2.717   1.00 47.26  ? 252 ASP A CA 1 
ATOM 220 C CA . LEU A 1 253 ? 20.535  6.800   3.107   1.00 56.55  ? 253 LEU A CA 1 
ATOM 221 C CA . LYS A 1 254 ? 22.250  8.836   5.898   1.00 35.51  ? 254 LYS A CA 1 
ATOM 222 C CA . ILE A 1 255 ? 21.579  12.297  4.316   1.00 30.80  ? 255 ILE A CA 1 
ATOM 223 C CA . THR A 1 256 ? 19.834  13.732  1.261   1.00 30.84  ? 256 THR A CA 1 
ATOM 224 C CA . PRO A 1 257 ? 21.741  16.226  -0.967  1.00 29.43  ? 257 PRO A CA 1 
ATOM 225 C CA . VAL A 1 258 ? 19.425  19.184  -1.750  1.00 29.32  ? 258 VAL A CA 1 
ATOM 226 C CA . PHE A 1 259 ? 19.739  21.249  -4.953  1.00 36.83  ? 259 PHE A CA 1 
ATOM 227 C CA . LEU A 1 260 ? 17.468  24.031  -6.291  1.00 26.94  ? 260 LEU A CA 1 
ATOM 228 C CA . GLY A 1 261 ? 16.438  25.387  -9.703  1.00 26.65  ? 261 GLY A CA 1 
ATOM 229 C CA . SER A 1 262 ? 13.791  26.509  -12.198 1.00 37.04  ? 262 SER A CA 1 
ATOM 230 C CA . ALA A 1 263 ? 13.649  23.866  -14.948 1.00 34.80  ? 263 ALA A CA 1 
ATOM 231 C CA . LEU A 1 264 ? 11.059  25.798  -17.014 1.00 37.79  ? 264 LEU A CA 1 
ATOM 232 C CA . LYS A 1 265 ? 13.373  28.852  -16.985 1.00 26.25  ? 265 LYS A CA 1 
ATOM 233 C CA . ASN A 1 266 ? 16.415  26.594  -17.649 1.00 33.75  ? 266 ASN A CA 1 
ATOM 234 C CA . LYS A 1 267 ? 18.118  27.013  -14.238 1.00 43.04  ? 267 LYS A CA 1 
ATOM 235 C CA . GLY A 1 268 ? 19.630  24.326  -11.946 1.00 35.23  ? 268 GLY A CA 1 
ATOM 236 C CA . VAL A 1 269 ? 19.162  21.440  -14.420 1.00 31.74  ? 269 VAL A CA 1 
ATOM 237 C CA . GLN A 1 270 ? 22.814  21.253  -15.643 1.00 24.26  ? 270 GLN A CA 1 
ATOM 238 C CA . LEU A 1 271 ? 24.000  21.238  -11.997 1.00 23.56  ? 271 LEU A CA 1 
ATOM 239 C CA . LEU A 1 272 ? 21.272  18.642  -11.290 1.00 31.58  ? 272 LEU A CA 1 
ATOM 240 C CA . LEU A 1 273 ? 22.836  16.450  -14.036 1.00 25.33  ? 273 LEU A CA 1 
ATOM 241 C CA . ASP A 1 274 ? 26.241  16.919  -12.339 1.00 30.08  ? 274 ASP A CA 1 
ATOM 242 C CA . ALA A 1 275 ? 24.559  15.965  -9.042  1.00 17.75  ? 275 ALA A CA 1 
ATOM 243 C CA . VAL A 1 276 ? 23.025  12.831  -10.612 1.00 34.32  ? 276 VAL A CA 1 
ATOM 244 C CA . VAL A 1 277 ? 26.340  11.515  -11.953 1.00 40.54  ? 277 VAL A CA 1 
ATOM 245 C CA . ASP A 1 278 ? 28.204  12.580  -8.769  1.00 41.02  ? 278 ASP A CA 1 
ATOM 246 C CA . TYR A 1 279 ? 25.823  11.208  -6.116  1.00 36.43  ? 279 TYR A CA 1 
ATOM 247 C CA . LEU A 1 280 ? 23.363  8.643   -7.581  1.00 28.66  ? 280 LEU A CA 1 
ATOM 248 C CA . PRO A 1 281 ? 24.299  4.905   -7.522  1.00 30.05  ? 281 PRO A CA 1 
ATOM 249 C CA . SER A 1 282 ? 25.554  2.481   -10.133 1.00 22.21  ? 282 SER A CA 1 
ATOM 250 C CA . PRO A 1 283 ? 24.015  -1.056  -9.938  1.00 42.30  ? 283 PRO A CA 1 
ATOM 251 C CA . LEU A 1 284 ? 27.186  -2.008  -7.977  1.00 36.98  ? 284 LEU A CA 1 
ATOM 252 C CA . ASP A 1 285 ? 26.479  0.551   -5.234  1.00 42.85  ? 285 ASP A CA 1 
ATOM 253 C CA . ILE A 1 286 ? 22.939  -0.488  -4.278  1.00 35.59  ? 286 ILE A CA 1 
ATOM 254 C CA . PRO A 1 287 ? 22.469  -3.960  -2.723  1.00 32.46  ? 287 PRO A CA 1 
ATOM 255 C CA . PRO A 1 288 ? 21.683  -6.622  -5.379  1.00 46.64  ? 288 PRO A CA 1 
ATOM 256 C CA . ILE A 1 289 ? 18.015  -7.134  -6.279  1.00 37.18  ? 289 ILE A CA 1 
ATOM 257 C CA . LYS A 1 290 ? 16.328  -10.049 -4.484  1.00 52.60  ? 290 LYS A CA 1 
ATOM 258 C CA . GLY A 1 291 ? 14.120  -12.570 -6.333  1.00 31.72  ? 291 GLY A CA 1 
ATOM 259 C CA . THR A 1 292 ? 12.767  -16.066 -5.532  1.00 45.76  ? 292 THR A CA 1 
ATOM 260 C CA . THR A 1 293 ? 13.210  -19.586 -7.022  1.00 29.16  ? 293 THR A CA 1 
ATOM 261 C CA . PRO A 1 294 ? 10.350  -22.055 -7.791  1.00 35.92  ? 294 PRO A CA 1 
ATOM 262 C CA . GLU A 1 295 ? 11.520  -23.778 -4.568  1.00 46.40  ? 295 GLU A CA 1 
ATOM 263 C CA . GLY A 1 296 ? 10.688  -20.532 -2.682  1.00 62.78  ? 296 GLY A CA 1 
ATOM 264 C CA . GLU A 1 297 ? 14.408  -19.866 -2.042  1.00 58.57  ? 297 GLU A CA 1 
ATOM 265 C CA . VAL A 1 298 ? 15.056  -16.111 -1.837  1.00 69.44  ? 298 VAL A CA 1 
ATOM 266 C CA . VAL A 1 299 ? 18.142  -15.346 -3.994  1.00 34.45  ? 299 VAL A CA 1 
ATOM 267 C CA . GLU A 1 300 ? 20.228  -12.179 -4.461  1.00 33.50  ? 300 GLU A CA 1 
ATOM 268 C CA . ILE A 1 301 ? 20.687  -11.587 -8.217  1.00 43.27  ? 301 ILE A CA 1 
ATOM 269 C CA . HIS A 1 302 ? 24.098  -9.867  -8.389  1.00 30.98  ? 302 HIS A CA 1 
ATOM 270 C CA . PRO A 1 303 ? 24.586  -7.568  -11.448 1.00 48.67  ? 303 PRO A CA 1 
ATOM 271 C CA . ASP A 1 304 ? 27.237  -9.786  -13.119 1.00 39.91  ? 304 ASP A CA 1 
ATOM 272 C CA . PRO A 1 305 ? 27.183  -9.075  -16.934 1.00 32.90  ? 305 PRO A CA 1 
ATOM 273 C CA . ASN A 1 306 ? 28.843  -12.489 -17.426 1.00 49.13  ? 306 ASN A CA 1 
ATOM 274 C CA . GLY A 1 307 ? 26.258  -14.065 -15.066 1.00 43.67  ? 307 GLY A CA 1 
ATOM 275 C CA . PRO A 1 308 ? 23.035  -15.869 -16.037 1.00 31.78  ? 308 PRO A CA 1 
ATOM 276 C CA . LEU A 1 309 ? 20.526  -13.464 -17.624 1.00 40.48  ? 309 LEU A CA 1 
ATOM 277 C CA . ALA A 1 310 ? 17.756  -12.403 -15.264 1.00 37.94  ? 310 ALA A CA 1 
ATOM 278 C CA . ALA A 1 311 ? 15.513  -9.525  -16.420 1.00 41.00  ? 311 ALA A CA 1 
ATOM 279 C CA . LEU A 1 312 ? 12.150  -8.069  -15.324 1.00 30.77  ? 312 LEU A CA 1 
ATOM 280 C CA . ALA A 1 313 ? 9.638   -6.779  -17.920 1.00 32.79  ? 313 ALA A CA 1 
ATOM 281 C CA . PHE A 1 314 ? 8.101   -3.663  -16.313 1.00 39.84  ? 314 PHE A CA 1 
ATOM 282 C CA . LYS A 1 315 ? 6.136   -1.848  -19.082 1.00 48.12  ? 315 LYS A CA 1 
ATOM 283 C CA . ILE A 1 316 ? 4.307   -2.816  -22.311 1.00 43.00  ? 316 ILE A CA 1 
ATOM 284 C CA . MET A 1 317 ? 3.728   -0.015  -24.894 1.00 49.97  ? 317 MET A CA 1 
ATOM 285 C CA . ALA A 1 318 ? 2.151   -0.106  -28.377 1.00 57.54  ? 318 ALA A CA 1 
ATOM 286 C CA . ASP A 1 319 ? 4.605   1.826   -30.573 1.00 82.21  ? 319 ASP A CA 1 
ATOM 287 C CA . PRO A 1 320 ? 2.552   2.579   -33.762 1.00 91.59  ? 320 PRO A CA 1 
ATOM 288 C CA . TYR A 1 321 ? 5.498   1.339   -35.893 1.00 83.65  ? 321 TYR A CA 1 
ATOM 289 C CA . VAL A 1 322 ? 6.806   -2.010  -34.462 1.00 62.01  ? 322 VAL A CA 1 
ATOM 290 C CA . GLY A 1 323 ? 3.839   -2.734  -32.151 1.00 64.83  ? 323 GLY A CA 1 
ATOM 291 C CA . ARG A 1 324 ? 4.122   -3.803  -28.512 1.00 93.84  ? 324 ARG A CA 1 
ATOM 292 C CA . LEU A 1 325 ? 7.492   -2.838  -27.033 1.00 46.61  ? 325 LEU A CA 1 
ATOM 293 C CA . THR A 1 326 ? 8.182   -4.660  -23.747 1.00 41.18  ? 326 THR A CA 1 
ATOM 294 C CA . PHE A 1 327 ? 10.459  -2.468  -21.567 1.00 38.49  ? 327 PHE A CA 1 
ATOM 295 C CA . ILE A 1 328 ? 12.757  -4.430  -19.230 1.00 33.12  ? 328 ILE A CA 1 
ATOM 296 C CA . ARG A 1 329 ? 15.357  -4.026  -16.477 1.00 30.56  ? 329 ARG A CA 1 
ATOM 297 C CA . VAL A 1 330 ? 18.235  -6.475  -17.035 1.00 31.48  ? 330 VAL A CA 1 
ATOM 298 C CA . TYR A 1 331 ? 19.523  -7.291  -13.535 1.00 37.47  ? 331 TYR A CA 1 
ATOM 299 C CA . SER A 1 332 ? 22.131  -10.033 -14.125 1.00 33.11  ? 332 SER A CA 1 
ATOM 300 C CA . GLY A 1 333 ? 23.738  -11.441 -17.284 1.00 25.85  ? 333 GLY A CA 1 
ATOM 301 C CA . THR A 1 334 ? 23.063  -10.223 -20.824 1.00 29.77  ? 334 THR A CA 1 
ATOM 302 C CA . LEU A 1 335 ? 19.913  -9.953  -23.012 1.00 42.60  ? 335 LEU A CA 1 
ATOM 303 C CA . THR A 1 336 ? 20.989  -10.475 -26.659 1.00 42.02  ? 336 THR A CA 1 
ATOM 304 C CA . SER A 1 337 ? 18.942  -9.495  -29.749 1.00 37.84  ? 337 SER A CA 1 
ATOM 305 C CA . GLY A 1 338 ? 17.589  -12.359 -31.880 1.00 49.83  ? 338 GLY A CA 1 
ATOM 306 C CA . SER A 1 339 ? 18.179  -14.946 -29.109 1.00 43.45  ? 339 SER A CA 1 
ATOM 307 C CA . TYR A 1 340 ? 15.473  -16.509 -26.880 1.00 46.12  ? 340 TYR A CA 1 
ATOM 308 C CA . VAL A 1 341 ? 14.697  -16.144 -23.159 1.00 29.06  ? 341 VAL A CA 1 
ATOM 309 C CA . TYR A 1 342 ? 12.757  -18.391 -20.774 1.00 36.67  ? 342 TYR A CA 1 
ATOM 310 C CA . ASN A 1 343 ? 9.838   -16.425 -19.308 1.00 49.30  ? 343 ASN A CA 1 
ATOM 311 C CA . THR A 1 344 ? 9.796   -18.044 -15.843 1.00 46.04  ? 344 THR A CA 1 
ATOM 312 C CA . THR A 1 345 ? 6.497   -16.542 -14.627 1.00 62.07  ? 345 THR A CA 1 
ATOM 313 C CA . LYS A 1 346 ? 4.610   -18.427 -17.390 1.00 91.39  ? 346 LYS A CA 1 
ATOM 314 C CA . GLY A 1 347 ? 7.438   -20.938 -17.996 1.00 53.43  ? 347 GLY A CA 1 
ATOM 315 C CA . ARG A 1 348 ? 8.155   -20.810 -21.767 1.00 48.38  ? 348 ARG A CA 1 
ATOM 316 C CA . LYS A 1 349 ? 10.737  -19.941 -24.469 1.00 45.84  ? 349 LYS A CA 1 
ATOM 317 C CA . GLU A 1 350 ? 9.954   -16.368 -25.652 1.00 47.21  ? 350 GLU A CA 1 
ATOM 318 C CA . ARG A 1 351 ? 11.438  -14.737 -28.786 1.00 39.15  ? 351 ARG A CA 1 
ATOM 319 C CA . VAL A 1 352 ? 13.474  -11.543 -28.302 1.00 25.52  ? 352 VAL A CA 1 
ATOM 320 C CA . ALA A 1 353 ? 13.454  -10.309 -31.921 1.00 33.37  ? 353 ALA A CA 1 
ATOM 321 C CA . ARG A 1 354 ? 15.055  -6.850  -31.693 1.00 28.57  ? 354 ARG A CA 1 
ATOM 322 C CA . LEU A 1 355 ? 16.350  -4.701  -28.813 1.00 49.38  ? 355 LEU A CA 1 
ATOM 323 C CA . LEU A 1 356 ? 15.825  -0.906  -28.897 1.00 38.96  ? 356 LEU A CA 1 
ATOM 324 C CA . ARG A 1 357 ? 16.887  1.947   -26.620 1.00 36.21  ? 357 ARG A CA 1 
ATOM 325 C CA . MET A 1 358 ? 14.587  4.989   -26.640 1.00 49.75  ? 358 MET A CA 1 
ATOM 326 C CA . HIS A 1 359 ? 16.444  8.332   -26.801 1.00 38.58  ? 359 HIS A CA 1 
ATOM 327 C CA . ALA A 1 360 ? 15.020  11.875  -26.465 1.00 51.91  ? 360 ALA A CA 1 
ATOM 328 C CA . ASN A 1 361 ? 13.934  12.238  -30.128 1.00 57.86  ? 361 ASN A CA 1 
ATOM 329 C CA . HIS A 1 362 ? 14.793  8.840   -31.686 1.00 56.59  ? 362 HIS A CA 1 
ATOM 330 C CA . ARG A 1 363 ? 15.229  5.073   -31.195 1.00 47.59  ? 363 ARG A CA 1 
ATOM 331 C CA . GLU A 1 364 ? 18.515  3.116   -31.404 1.00 33.98  ? 364 GLU A CA 1 
ATOM 332 C CA . GLU A 1 365 ? 18.555  -0.613  -32.231 1.00 30.90  ? 365 GLU A CA 1 
ATOM 333 C CA . VAL A 1 366 ? 21.249  -2.342  -30.094 1.00 33.10  ? 366 VAL A CA 1 
ATOM 334 C CA . GLU A 1 367 ? 22.830  -5.816  -30.175 1.00 38.26  ? 367 GLU A CA 1 
ATOM 335 C CA . GLU A 1 368 ? 22.314  -6.392  -26.422 1.00 41.62  ? 368 GLU A CA 1 
ATOM 336 C CA . LEU A 1 369 ? 21.436  -5.025  -22.974 1.00 31.33  ? 369 LEU A CA 1 
ATOM 337 C CA . LYS A 1 370 ? 23.684  -6.128  -20.057 1.00 23.62  ? 370 LYS A CA 1 
ATOM 338 C CA . ALA A 1 371 ? 23.442  -6.456  -16.239 1.00 27.86  ? 371 ALA A CA 1 
ATOM 339 C CA . GLY A 1 372 ? 21.948  -3.400  -14.526 1.00 34.23  ? 372 GLY A CA 1 
ATOM 340 C CA . ASP A 1 373 ? 20.929  -1.784  -17.856 1.00 31.64  ? 373 ASP A CA 1 
ATOM 341 C CA . LEU A 1 374 ? 17.452  -1.112  -19.317 1.00 27.04  ? 374 LEU A CA 1 
ATOM 342 C CA . GLY A 1 375 ? 15.945  -1.085  -22.824 1.00 34.00  ? 375 GLY A CA 1 
ATOM 343 C CA . ALA A 1 376 ? 12.943  -2.252  -24.892 1.00 43.98  ? 376 ALA A CA 1 
ATOM 344 C CA . VAL A 1 377 ? 12.504  -5.640  -26.603 1.00 29.64  ? 377 VAL A CA 1 
ATOM 345 C CA . VAL A 1 378 ? 10.370  -6.322  -29.693 1.00 60.29  ? 378 VAL A CA 1 
ATOM 346 C CA . GLY A 1 379 ? 8.661   -9.755  -29.548 1.00 69.24  ? 379 GLY A CA 1 
ATOM 347 C CA . LEU A 1 380 ? 7.826   -11.490 -26.226 1.00 64.87  ? 380 LEU A CA 1 
ATOM 348 C CA . LYS A 1 381 ? 4.085   -11.689 -27.137 1.00 59.21  ? 381 LYS A CA 1 
ATOM 349 C CA . GLU A 1 382 ? 3.152   -13.986 -24.218 1.00 50.29  ? 382 GLU A CA 1 
ATOM 350 C CA . THR A 1 383 ? 5.074   -11.824 -21.640 1.00 48.52  ? 383 THR A CA 1 
ATOM 351 C CA . ILE A 1 384 ? 3.300   -9.066  -19.586 1.00 41.42  ? 384 ILE A CA 1 
ATOM 352 C CA . THR A 1 385 ? 4.219   -6.248  -17.129 1.00 42.17  ? 385 THR A CA 1 
ATOM 353 C CA . GLY A 1 386 ? 5.662   -7.982  -14.030 1.00 29.29  ? 386 GLY A CA 1 
ATOM 354 C CA . ASP A 1 387 ? 6.983   -11.144 -15.726 1.00 40.81  ? 387 ASP A CA 1 
ATOM 355 C CA . THR A 1 388 ? 10.551  -12.361 -15.198 1.00 38.22  ? 388 THR A CA 1 
ATOM 356 C CA . LEU A 1 389 ? 12.733  -13.543 -18.114 1.00 33.18  ? 389 LEU A CA 1 
ATOM 357 C CA . VAL A 1 390 ? 15.895  -15.644 -17.605 1.00 26.05  ? 390 VAL A CA 1 
ATOM 358 C CA . GLY A 1 391 ? 18.693  -16.727 -19.994 1.00 78.68  ? 391 GLY A CA 1 
ATOM 359 C CA . GLU A 1 392 ? 17.123  -20.041 -21.141 1.00 32.60  ? 392 GLU A CA 1 
ATOM 360 C CA . ASP A 1 393 ? 19.672  -22.187 -19.218 1.00 47.99  ? 393 ASP A CA 1 
ATOM 361 C CA . ALA A 1 394 ? 19.552  -20.027 -16.059 1.00 38.43  ? 394 ALA A CA 1 
ATOM 362 C CA . PRO A 1 395 ? 18.028  -20.355 -12.521 1.00 42.15  ? 395 PRO A CA 1 
ATOM 363 C CA . ARG A 1 396 ? 14.239  -20.015 -12.980 1.00 56.56  ? 396 ARG A CA 1 
ATOM 364 C CA . VAL A 1 397 ? 13.907  -17.009 -10.622 1.00 54.44  ? 397 VAL A CA 1 
ATOM 365 C CA . ILE A 1 398 ? 10.942  -14.620 -10.377 1.00 37.54  ? 398 ILE A CA 1 
ATOM 366 C CA . LEU A 1 399 ? 11.492  -11.010 -9.203  1.00 37.94  ? 399 LEU A CA 1 
ATOM 367 C CA . GLU A 1 400 ? 7.844   -10.304 -8.204  1.00 50.07  ? 400 GLU A CA 1 
ATOM 368 C CA . SER A 1 401 ? 5.330   -12.243 -6.080  1.00 60.64  ? 401 SER A CA 1 
ATOM 369 C CA . ILE A 1 402 ? 2.137   -13.533 -7.742  1.00 96.30  ? 402 ILE A CA 1 
ATOM 370 C CA . GLU A 1 403 ? -0.019  -11.945 -4.940  1.00 78.27  ? 403 GLU A CA 1 
ATOM 371 C CA . VAL A 1 404 ? -0.572  -8.587  -3.285  1.00 85.65  ? 404 VAL A CA 1 
ATOM 372 C CA . PRO A 1 405 ? -0.476  -6.890  0.187   1.00 100.52 ? 405 PRO A CA 1 
ATOM 373 C CA . GLU A 1 406 ? -3.350  -6.744  2.711   1.00 88.29  ? 406 GLU A CA 1 
ATOM 374 C CA . PRO A 1 407 ? -6.481  -4.634  2.087   1.00 40.15  ? 407 PRO A CA 1 
ATOM 375 C CA . VAL A 1 408 ? -8.190  -3.197  5.205   1.00 54.95  ? 408 VAL A CA 1 
ATOM 376 C CA . ILE A 1 409 ? -11.235 -1.572  3.455   1.00 56.80  ? 409 ILE A CA 1 
ATOM 377 C CA . ASP A 1 410 ? -14.215 -3.438  1.816   1.00 49.11  ? 410 ASP A CA 1 
ATOM 378 C CA . VAL A 1 411 ? -16.318 -0.871  -0.195  1.00 39.80  ? 411 VAL A CA 1 
ATOM 379 C CA . ALA A 1 412 ? -19.665 -2.337  -1.380  1.00 39.13  ? 412 ALA A CA 1 
ATOM 380 C CA . ILE A 1 413 ? -21.253 -1.186  -4.690  1.00 55.59  ? 413 ILE A CA 1 
ATOM 381 C CA . GLU A 1 414 ? -24.499 -1.895  -6.646  1.00 57.34  ? 414 GLU A CA 1 
ATOM 382 C CA . PRO A 1 415 ? -24.517 -1.308  -10.470 1.00 66.42  ? 415 PRO A CA 1 
ATOM 383 C CA . LYS A 1 416 ? -27.809 0.194   -11.703 1.00 138.75 ? 416 LYS A CA 1 
ATOM 384 C CA . THR A 1 417 ? -29.117 -1.088  -15.039 1.00 89.76  ? 417 THR A CA 1 
ATOM 385 C CA . LYS A 1 418 ? -27.593 -4.587  -15.478 1.00 82.10  ? 418 LYS A CA 1 
ATOM 386 C CA . ALA A 1 419 ? -25.937 -2.894  -18.509 1.00 70.84  ? 419 ALA A CA 1 
ATOM 387 C CA . ASP A 1 420 ? -23.805 -1.001  -15.948 1.00 115.56 ? 420 ASP A CA 1 
ATOM 388 C CA . GLN A 1 421 ? -23.185 -4.394  -14.227 1.00 103.80 ? 421 GLN A CA 1 
ATOM 389 C CA . GLU A 1 422 ? -21.833 -5.920  -17.456 1.00 91.92  ? 422 GLU A CA 1 
ATOM 390 C CA . LYS A 1 423 ? -19.331 -3.082  -17.938 1.00 87.21  ? 423 LYS A CA 1 
ATOM 391 C CA . LEU A 1 424 ? -18.625 -2.972  -14.154 1.00 65.14  ? 424 LEU A CA 1 
ATOM 392 C CA . SER A 1 425 ? -17.288 -6.553  -14.379 1.00 72.76  ? 425 SER A CA 1 
ATOM 393 C CA . GLN A 1 426 ? -15.371 -5.773  -17.567 1.00 76.64  ? 426 GLN A CA 1 
ATOM 394 C CA . ALA A 1 427 ? -13.899 -2.510  -16.158 1.00 73.29  ? 427 ALA A CA 1 
ATOM 395 C CA . LEU A 1 428 ? -12.910 -4.024  -12.786 1.00 63.86  ? 428 LEU A CA 1 
ATOM 396 C CA . ALA A 1 429 ? -11.120 -6.835  -14.644 1.00 119.16 ? 429 ALA A CA 1 
ATOM 397 C CA . ARG A 1 430 ? -8.870  -4.339  -16.506 1.00 74.03  ? 430 ARG A CA 1 
ATOM 398 C CA . LEU A 1 431 ? -8.356  -1.906  -13.620 1.00 77.15  ? 431 LEU A CA 1 
ATOM 399 C CA . ALA A 1 432 ? -7.294  -4.850  -11.404 1.00 97.87  ? 432 ALA A CA 1 
ATOM 400 C CA . GLU A 1 433 ? -4.442  -5.568  -13.873 1.00 108.48 ? 433 GLU A CA 1 
ATOM 401 C CA . GLU A 1 434 ? -3.319  -1.917  -13.741 1.00 104.70 ? 434 GLU A CA 1 
ATOM 402 C CA . ASP A 1 435 ? -3.603  -1.778  -9.924  1.00 126.51 ? 435 ASP A CA 1 
ATOM 403 C CA . PRO A 1 436 ? -3.956  -5.290  -8.369  1.00 102.90 ? 436 PRO A CA 1 
ATOM 404 C CA . THR A 1 437 ? -3.580  -3.523  -4.963  1.00 55.22  ? 437 THR A CA 1 
ATOM 405 C CA . PHE A 1 438 ? -7.360  -3.825  -4.631  1.00 44.34  ? 438 PHE A CA 1 
ATOM 406 C CA . ARG A 1 439 ? -9.342  -7.108  -4.625  1.00 55.70  ? 439 ARG A CA 1 
ATOM 407 C CA . VAL A 1 440 ? -12.996 -7.893  -5.509  1.00 73.27  ? 440 VAL A CA 1 
ATOM 408 C CA . SER A 1 441 ? -15.438 -10.233 -3.707  1.00 49.26  ? 441 SER A CA 1 
ATOM 409 C CA . THR A 1 442 ? -19.211 -10.932 -3.510  1.00 64.30  ? 442 THR A CA 1 
ATOM 410 C CA . HIS A 1 443 ? -21.032 -10.364 -0.196  1.00 52.18  ? 443 HIS A CA 1 
ATOM 411 C CA . PRO A 1 444 ? -22.016 -13.733 1.427   1.00 99.56  ? 444 PRO A CA 1 
ATOM 412 C CA . GLU A 1 445 ? -25.658 -12.655 2.059   1.00 72.00  ? 445 GLU A CA 1 
ATOM 413 C CA . THR A 1 446 ? -26.289 -9.315  0.278   1.00 61.71  ? 446 THR A CA 1 
ATOM 414 C CA . GLY A 1 447 ? -24.673 -10.485 -3.007  1.00 66.54  ? 447 GLY A CA 1 
ATOM 415 C CA . GLN A 1 448 ? -23.217 -6.946  -3.361  1.00 75.45  ? 448 GLN A CA 1 
ATOM 416 C CA . THR A 1 449 ? -19.944 -6.522  -5.265  1.00 45.47  ? 449 THR A CA 1 
ATOM 417 C CA . ILE A 1 450 ? -17.277 -5.594  -2.677  1.00 45.58  ? 450 ILE A CA 1 
ATOM 418 C CA . ILE A 1 451 ? -14.152 -3.725  -3.890  1.00 36.55  ? 451 ILE A CA 1 
ATOM 419 C CA . SER A 1 452 ? -11.503 -4.235  -1.160  1.00 53.69  ? 452 SER A CA 1 
ATOM 420 C CA . GLY A 1 453 ? -8.482  -1.903  -0.766  1.00 37.76  ? 453 GLY A CA 1 
ATOM 421 C CA . MET A 1 454 ? -5.970  -0.160  1.513   1.00 51.07  ? 454 MET A CA 1 
ATOM 422 C CA . GLY A 1 455 ? -7.506  3.233   2.439   1.00 56.28  ? 455 GLY A CA 1 
ATOM 423 C CA . GLU A 1 456 ? -10.806 5.035   1.679   1.00 84.18  ? 456 GLU A CA 1 
ATOM 424 C CA . LEU A 1 457 ? -8.984  7.494   -0.633  1.00 54.29  ? 457 LEU A CA 1 
ATOM 425 C CA . HIS A 1 458 ? -7.837  4.544   -2.801  1.00 49.94  ? 458 HIS A CA 1 
ATOM 426 C CA . LEU A 1 459 ? -11.445 3.362   -3.046  1.00 68.68  ? 459 LEU A CA 1 
ATOM 427 C CA . GLU A 1 460 ? -12.560 6.948   -3.878  1.00 48.79  ? 460 GLU A CA 1 
ATOM 428 C CA . ILE A 1 461 ? -10.196 7.127   -6.897  1.00 62.12  ? 461 ILE A CA 1 
ATOM 429 C CA . ILE A 1 462 ? -11.238 3.572   -7.947  1.00 61.28  ? 462 ILE A CA 1 
ATOM 430 C CA . VAL A 1 463 ? -14.940 4.589   -7.743  1.00 63.99  ? 463 VAL A CA 1 
ATOM 431 C CA . ASP A 1 464 ? -14.148 7.820   -9.641  1.00 58.14  ? 464 ASP A CA 1 
ATOM 432 C CA . ARG A 1 465 ? -12.348 5.845   -12.392 1.00 65.48  ? 465 ARG A CA 1 
ATOM 433 C CA . LEU A 1 466 ? -15.372 3.500   -12.605 1.00 86.92  ? 466 LEU A CA 1 
ATOM 434 C CA . LYS A 1 467 ? -17.849 6.427   -12.763 1.00 48.57  ? 467 LYS A CA 1 
ATOM 435 C CA . ARG A 1 468 ? -15.693 8.414   -15.260 1.00 59.51  ? 468 ARG A CA 1 
ATOM 436 C CA . GLU A 1 469 ? -13.131 6.315   -17.206 1.00 59.93  ? 469 GLU A CA 1 
ATOM 437 C CA . PHE A 1 470 ? -15.635 3.470   -17.663 1.00 58.85  ? 470 PHE A CA 1 
ATOM 438 C CA . LYS A 1 471 ? -18.922 5.451   -17.128 1.00 69.74  ? 471 LYS A CA 1 
ATOM 439 C CA . VAL A 1 472 ? -20.058 2.764   -14.634 1.00 69.62  ? 472 VAL A CA 1 
ATOM 440 C CA . ASP A 1 473 ? -22.889 4.302   -12.572 1.00 67.97  ? 473 ASP A CA 1 
ATOM 441 C CA . ALA A 1 474 ? -23.659 2.450   -9.318  1.00 42.30  ? 474 ALA A CA 1 
ATOM 442 C CA . ASN A 1 475 ? -24.925 2.980   -5.777  1.00 95.39  ? 475 ASN A CA 1 
ATOM 443 C CA . VAL A 1 476 ? -21.754 3.142   -3.622  1.00 47.26  ? 476 VAL A CA 1 
ATOM 444 C CA . GLY A 1 477 ? -21.363 1.684   -0.091  1.00 58.57  ? 477 GLY A CA 1 
ATOM 445 C CA . LYS A 1 478 ? -18.835 1.589   2.763   1.00 63.84  ? 478 LYS A CA 1 
ATOM 446 C CA . PRO A 1 479 ? -16.449 -0.877  4.594   1.00 53.67  ? 479 PRO A CA 1 
ATOM 447 C CA . GLN A 1 480 ? -17.725 -3.481  7.174   1.00 55.19  ? 480 GLN A CA 1 
ATOM 448 C CA . VAL A 1 481 ? -16.880 -6.812  9.041   1.00 39.48  ? 481 VAL A CA 1 
ATOM 449 C CA . ALA A 1 482 ? -18.711 -9.689  10.879  1.00 45.76  ? 482 ALA A CA 1 
ATOM 450 C CA . TYR A 1 483 ? -21.686 -11.060 12.923  1.00 47.80  ? 483 TYR A CA 1 
ATOM 451 C CA . ARG A 1 484 ? -23.105 -14.218 14.779  1.00 37.88  ? 484 ARG A CA 1 
ATOM 452 C CA . GLU A 1 485 ? -25.846 -14.840 17.629  1.00 42.12  ? 485 GLU A CA 1 
ATOM 453 C CA . THR A 1 486 ? -26.544 -16.206 21.271  1.00 24.70  ? 486 THR A CA 1 
ATOM 454 C CA . ILE A 1 487 ? -28.739 -15.955 24.497  1.00 28.36  ? 487 ILE A CA 1 
ATOM 455 C CA . THR A 1 488 ? -29.087 -15.657 28.320  1.00 34.30  ? 488 THR A CA 1 
ATOM 456 C CA . LYS A 1 489 ? -31.803 -16.412 30.795  1.00 33.60  ? 489 LYS A CA 1 
ATOM 457 C CA . PRO A 1 490 ? -33.088 -19.765 32.261  1.00 44.22  ? 490 PRO A CA 1 
ATOM 458 C CA . VAL A 1 491 ? -36.694 -20.980 31.691  1.00 34.61  ? 491 VAL A CA 1 
ATOM 459 C CA . ASP A 1 492 ? -38.958 -24.055 32.044  1.00 41.09  ? 492 ASP A CA 1 
ATOM 460 C CA . VAL A 1 493 ? -41.460 -24.543 29.175  1.00 36.12  ? 493 VAL A CA 1 
ATOM 461 C CA . GLU A 1 494 ? -43.289 -27.207 27.150  1.00 36.88  ? 494 GLU A CA 1 
ATOM 462 C CA . GLY A 1 495 ? -44.310 -27.962 23.562  1.00 30.02  ? 495 GLY A CA 1 
ATOM 463 C CA . LYS A 1 496 ? -47.481 -29.833 22.524  1.00 44.46  ? 496 LYS A CA 1 
ATOM 464 C CA . PHE A 1 497 ? -48.238 -31.050 18.988  1.00 55.33  ? 497 PHE A CA 1 
ATOM 465 C CA . ILE A 1 498 ? -51.756 -32.578 19.040  1.00 52.72  ? 498 ILE A CA 1 
ATOM 466 C CA . ARG A 1 499 ? -53.329 -32.584 15.530  1.00 36.53  ? 499 ARG A CA 1 
ATOM 467 C CA . GLN A 1 500 ? -55.133 -34.940 13.088  1.00 53.64  ? 500 GLN A CA 1 
ATOM 468 C CA . THR A 1 501 ? -52.285 -34.259 10.618  1.00 58.08  ? 501 THR A CA 1 
ATOM 469 C CA . GLY A 1 502 ? -53.320 -36.148 7.468   1.00 102.82 ? 502 GLY A CA 1 
ATOM 470 C CA . GLY A 1 503 ? -56.277 -37.873 9.147   1.00 117.18 ? 503 GLY A CA 1 
ATOM 471 C CA . ARG A 1 504 ? -54.211 -39.836 11.685  1.00 74.00  ? 504 ARG A CA 1 
ATOM 472 C CA . GLY A 1 505 ? -53.831 -38.418 15.194  1.00 42.96  ? 505 GLY A CA 1 
ATOM 473 C CA . GLN A 1 506 ? -50.356 -36.944 15.768  1.00 31.91  ? 506 GLN A CA 1 
ATOM 474 C CA . TYR A 1 507 ? -49.674 -36.476 19.526  1.00 34.47  ? 507 TYR A CA 1 
ATOM 475 C CA . GLY A 1 508 ? -46.367 -35.388 21.130  1.00 26.60  ? 508 GLY A CA 1 
ATOM 476 C CA . HIS A 1 509 ? -45.919 -33.488 24.434  1.00 33.76  ? 509 HIS A CA 1 
ATOM 477 C CA . VAL A 1 510 ? -42.510 -32.471 25.852  1.00 30.26  ? 510 VAL A CA 1 
ATOM 478 C CA . LYS A 1 511 ? -41.546 -30.382 28.923  1.00 49.31  ? 511 LYS A CA 1 
ATOM 479 C CA . ILE A 1 512 ? -38.019 -28.913 28.949  1.00 34.16  ? 512 ILE A CA 1 
ATOM 480 C CA . LYS A 1 513 ? -35.856 -26.881 31.315  1.00 38.29  ? 513 LYS A CA 1 
ATOM 481 C CA . VAL A 1 514 ? -33.540 -24.599 29.309  1.00 31.95  ? 514 VAL A CA 1 
ATOM 482 C CA . GLU A 1 515 ? -30.591 -22.645 30.747  1.00 33.30  ? 515 GLU A CA 1 
ATOM 483 C CA . PRO A 1 516 ? -27.538 -20.936 29.174  1.00 34.44  ? 516 PRO A CA 1 
ATOM 484 C CA . LEU A 1 517 ? -24.144 -22.466 28.498  1.00 42.25  ? 517 LEU A CA 1 
ATOM 485 C CA . PRO A 1 518 ? -21.096 -20.170 29.082  1.00 41.32  ? 518 PRO A CA 1 
ATOM 486 C CA . ARG A 1 519 ? -20.114 -17.821 26.251  1.00 34.93  ? 519 ARG A CA 1 
ATOM 487 C CA . GLY A 1 520 ? -18.602 -20.139 23.595  1.00 35.48  ? 520 GLY A CA 1 
ATOM 488 C CA . SER A 1 521 ? -19.570 -23.539 25.087  1.00 35.39  ? 521 SER A CA 1 
ATOM 489 C CA . GLY A 1 522 ? -21.581 -24.624 21.998  1.00 25.07  ? 522 GLY A CA 1 
ATOM 490 C CA . PHE A 1 523 ? -24.632 -26.628 23.198  1.00 37.45  ? 523 PHE A CA 1 
ATOM 491 C CA . GLU A 1 524 ? -25.732 -29.341 25.656  1.00 40.20  ? 524 GLU A CA 1 
ATOM 492 C CA . PHE A 1 525 ? -28.759 -31.681 25.711  1.00 34.05  ? 525 PHE A CA 1 
ATOM 493 C CA . VAL A 1 526 ? -29.723 -33.870 28.709  1.00 47.71  ? 526 VAL A CA 1 
ATOM 494 C CA . ASN A 1 527 ? -32.386 -36.597 28.743  1.00 37.29  ? 527 ASN A CA 1 
ATOM 495 C CA . ALA A 1 528 ? -33.845 -36.759 32.288  1.00 40.63  ? 528 ALA A CA 1 
ATOM 496 C CA . ILE A 1 529 ? -37.006 -38.723 31.358  1.00 33.40  ? 529 ILE A CA 1 
ATOM 497 C CA . VAL A 1 530 ? -37.443 -41.264 34.189  1.00 80.22  ? 530 VAL A CA 1 
ATOM 498 C CA . GLY A 1 531 ? -40.332 -43.773 33.868  1.00 67.52  ? 531 GLY A CA 1 
ATOM 499 C CA . GLY A 1 532 ? -40.512 -43.849 30.035  1.00 38.15  ? 532 GLY A CA 1 
ATOM 500 C CA . VAL A 1 533 ? -42.772 -40.748 30.156  1.00 42.62  ? 533 VAL A CA 1 
ATOM 501 C CA . ILE A 1 534 ? -41.551 -40.197 26.600  1.00 45.17  ? 534 ILE A CA 1 
ATOM 502 C CA . PRO A 1 535 ? -40.928 -43.643 24.997  1.00 41.72  ? 535 PRO A CA 1 
ATOM 503 C CA . LYS A 1 536 ? -37.205 -43.936 24.115  1.00 50.61  ? 536 LYS A CA 1 
ATOM 504 C CA . GLU A 1 537 ? -38.282 -44.060 20.419  1.00 62.94  ? 537 GLU A CA 1 
ATOM 505 C CA . TYR A 1 538 ? -38.798 -40.291 20.409  1.00 38.77  ? 538 TYR A CA 1 
ATOM 506 C CA . ILE A 1 539 ? -35.694 -39.115 22.353  1.00 42.04  ? 539 ILE A CA 1 
ATOM 507 C CA . PRO A 1 540 ? -33.688 -38.657 19.076  1.00 55.21  ? 540 PRO A CA 1 
ATOM 508 C CA . ALA A 1 541 ? -36.750 -37.090 17.373  1.00 38.14  ? 541 ALA A CA 1 
ATOM 509 C CA . VAL A 1 542 ? -37.278 -34.347 19.983  1.00 46.52  ? 542 VAL A CA 1 
ATOM 510 C CA . GLN A 1 543 ? -33.506 -33.610 19.810  1.00 44.61  ? 543 GLN A CA 1 
ATOM 511 C CA . LYS A 1 544 ? -33.713 -33.397 15.983  1.00 32.99  ? 544 LYS A CA 1 
ATOM 512 C CA . GLY A 1 545 ? -36.629 -30.957 16.401  1.00 38.94  ? 545 GLY A CA 1 
ATOM 513 C CA . ILE A 1 546 ? -34.647 -28.850 18.884  1.00 31.95  ? 546 ILE A CA 1 
ATOM 514 C CA . GLU A 1 547 ? -31.580 -28.929 16.569  1.00 48.16  ? 547 GLU A CA 1 
ATOM 515 C CA . GLU A 1 548 ? -33.575 -27.770 13.524  1.00 50.11  ? 548 GLU A CA 1 
ATOM 516 C CA . ALA A 1 549 ? -35.494 -25.102 15.481  1.00 38.96  ? 549 ALA A CA 1 
ATOM 517 C CA . MET A 1 550 ? -32.276 -23.652 17.001  1.00 52.83  ? 550 MET A CA 1 
ATOM 518 C CA . GLN A 1 551 ? -31.296 -22.628 13.419  1.00 53.29  ? 551 GLN A CA 1 
ATOM 519 C CA . SER A 1 552 ? -33.821 -19.739 13.668  1.00 42.38  ? 552 SER A CA 1 
ATOM 520 C CA . GLY A 1 553 ? -33.526 -17.905 17.008  1.00 49.60  ? 553 GLY A CA 1 
ATOM 521 C CA . PRO A 1 554 ? -36.801 -15.951 16.851  1.00 49.18  ? 554 PRO A CA 1 
ATOM 522 C CA . LEU A 1 555 ? -35.983 -12.222 16.897  1.00 35.22  ? 555 LEU A CA 1 
ATOM 523 C CA . ILE A 1 556 ? -33.604 -12.273 13.871  1.00 51.70  ? 556 ILE A CA 1 
ATOM 524 C CA . GLY A 1 557 ? -33.800 -15.892 12.576  1.00 32.24  ? 557 GLY A CA 1 
ATOM 525 C CA . PHE A 1 558 ? -30.116 -16.835 13.180  1.00 45.63  ? 558 PHE A CA 1 
ATOM 526 C CA . PRO A 1 559 ? -28.517 -19.988 14.740  1.00 47.43  ? 559 PRO A CA 1 
ATOM 527 C CA . VAL A 1 560 ? -28.827 -20.196 18.546  1.00 43.58  ? 560 VAL A CA 1 
ATOM 528 C CA . VAL A 1 561 ? -25.728 -21.474 20.388  1.00 23.90  ? 561 VAL A CA 1 
ATOM 529 C CA . ASP A 1 562 ? -24.740 -21.833 24.091  1.00 33.35  ? 562 ASP A CA 1 
ATOM 530 C CA . ILE A 1 563 ? -27.737 -23.512 25.797  1.00 47.87  ? 563 ILE A CA 1 
ATOM 531 C CA . LYS A 1 564 ? -28.252 -26.566 28.037  1.00 31.90  ? 564 LYS A CA 1 
ATOM 532 C CA . VAL A 1 565 ? -31.610 -28.259 27.293  1.00 32.13  ? 565 VAL A CA 1 
ATOM 533 C CA . THR A 1 566 ? -32.820 -30.716 29.974  1.00 35.90  ? 566 THR A CA 1 
ATOM 534 C CA . LEU A 1 567 ? -35.786 -32.808 28.750  1.00 48.63  ? 567 LEU A CA 1 
ATOM 535 C CA . TYR A 1 568 ? -37.434 -33.664 32.094  1.00 44.97  ? 568 TYR A CA 1 
ATOM 536 C CA . ASP A 1 569 ? -41.108 -34.580 31.466  1.00 36.80  ? 569 ASP A CA 1 
ATOM 537 C CA . GLY A 1 570 ? -43.791 -34.784 28.705  1.00 48.51  ? 570 GLY A CA 1 
ATOM 538 C CA . SER A 1 571 ? -46.373 -37.351 27.560  1.00 31.88  ? 571 SER A CA 1 
ATOM 539 C CA . TYR A 1 572 ? -47.169 -39.647 24.599  1.00 31.04  ? 572 TYR A CA 1 
ATOM 540 C CA . ALA A 1 573 ? -50.394 -41.198 23.263  1.00 41.34  ? 573 ALA A CA 1 
ATOM 541 C CA . GLU A 1 574 ? -50.128 -44.966 22.578  1.00 39.83  ? 574 GLU A CA 1 
ATOM 542 C CA . VAL A 1 575 ? -51.384 -44.918 18.954  1.00 46.83  ? 575 VAL A CA 1 
ATOM 543 C CA . ASP A 1 576 ? -51.419 -41.191 18.133  1.00 46.53  ? 576 ASP A CA 1 
ATOM 544 C CA . SER A 1 577 ? -47.702 -40.529 18.735  1.00 29.15  ? 577 SER A CA 1 
ATOM 545 C CA . SER A 1 578 ? -44.840 -40.700 16.218  1.00 40.53  ? 578 SER A CA 1 
ATOM 546 C CA . GLU A 1 579 ? -41.282 -39.348 15.937  1.00 39.94  ? 579 GLU A CA 1 
ATOM 547 C CA . MET A 1 580 ? -42.675 -36.460 13.837  1.00 41.74  ? 580 MET A CA 1 
ATOM 548 C CA . ALA A 1 581 ? -45.081 -35.312 16.575  1.00 35.30  ? 581 ALA A CA 1 
ATOM 549 C CA . PHE A 1 582 ? -42.278 -35.319 19.153  1.00 34.05  ? 582 PHE A CA 1 
ATOM 550 C CA . LYS A 1 583 ? -39.981 -33.573 16.636  1.00 36.81  ? 583 LYS A CA 1 
ATOM 551 C CA . ILE A 1 584 ? -42.502 -30.747 16.147  1.00 45.82  ? 584 ILE A CA 1 
ATOM 552 C CA . ALA A 1 585 ? -43.210 -30.651 19.917  1.00 37.94  ? 585 ALA A CA 1 
ATOM 553 C CA . GLY A 1 586 ? -39.419 -30.321 20.454  1.00 39.20  ? 586 GLY A CA 1 
ATOM 554 C CA . SER A 1 587 ? -39.299 -27.490 17.905  1.00 45.95  ? 587 SER A CA 1 
ATOM 555 C CA . MET A 1 588 ? -42.256 -25.635 19.504  1.00 36.25  ? 588 MET A CA 1 
ATOM 556 C CA . ALA A 1 589 ? -40.787 -26.190 22.984  1.00 37.51  ? 589 ALA A CA 1 
ATOM 557 C CA . ILE A 1 590 ? -37.368 -24.747 22.080  1.00 34.20  ? 590 ILE A CA 1 
ATOM 558 C CA . LYS A 1 591 ? -38.945 -21.837 20.122  1.00 32.85  ? 591 LYS A CA 1 
ATOM 559 C CA . GLU A 1 592 ? -40.942 -20.992 23.260  1.00 40.67  ? 592 GLU A CA 1 
ATOM 560 C CA . ALA A 1 593 ? -37.891 -21.552 25.488  1.00 50.12  ? 593 ALA A CA 1 
ATOM 561 C CA . VAL A 1 594 ? -35.699 -19.164 23.466  1.00 36.26  ? 594 VAL A CA 1 
ATOM 562 C CA . GLN A 1 595 ? -38.573 -16.626 23.108  1.00 36.16  ? 595 GLN A CA 1 
ATOM 563 C CA . LYS A 1 596 ? -38.857 -16.427 26.911  1.00 33.33  ? 596 LYS A CA 1 
ATOM 564 C CA . GLY A 1 597 ? -35.142 -17.031 27.692  1.00 46.65  ? 597 GLY A CA 1 
ATOM 565 C CA . ASP A 1 598 ? -33.796 -13.491 26.913  1.00 42.37  ? 598 ASP A CA 1 
ATOM 566 C CA . PRO A 1 599 ? -31.591 -13.545 23.735  1.00 32.05  ? 599 PRO A CA 1 
ATOM 567 C CA . VAL A 1 600 ? -28.142 -11.755 23.888  1.00 41.56  ? 600 VAL A CA 1 
ATOM 568 C CA . ILE A 1 601 ? -26.996 -10.434 20.573  1.00 35.84  ? 601 ILE A CA 1 
ATOM 569 C CA . LEU A 1 602 ? -23.667 -8.557  19.173  1.00 35.90  ? 602 LEU A CA 1 
ATOM 570 C CA . GLU A 1 603 ? -21.281 -6.549  17.333  1.00 46.32  ? 603 GLU A CA 1 
ATOM 571 C CA . PRO A 1 604 ? -20.230 -3.977  14.549  1.00 32.28  ? 604 PRO A CA 1 
ATOM 572 C CA . ILE A 1 605 ? -17.390 -1.411  13.653  1.00 54.10  ? 605 ILE A CA 1 
ATOM 573 C CA . MET A 1 606 ? -15.928 2.089   12.722  1.00 36.75  ? 606 MET A CA 1 
ATOM 574 C CA . ARG A 1 607 ? -12.202 2.864   11.872  1.00 47.62  ? 607 ARG A CA 1 
ATOM 575 C CA . VAL A 1 608 ? -9.878  4.834   14.234  1.00 56.62  ? 608 VAL A CA 1 
ATOM 576 C CA . GLU A 1 609 ? -6.242  5.827   14.788  1.00 57.30  ? 609 GLU A CA 1 
ATOM 577 C CA . VAL A 1 610 ? -5.339  6.879   18.389  1.00 53.89  ? 610 VAL A CA 1 
ATOM 578 C CA . THR A 1 611 ? -2.092  8.808   19.042  1.00 58.14  ? 611 THR A CA 1 
ATOM 579 C CA . THR A 1 612 ? -1.156  8.208   22.715  1.00 46.38  ? 612 THR A CA 1 
ATOM 580 C CA . PRO A 1 613 ? 2.129   8.960   24.608  1.00 60.07  ? 613 PRO A CA 1 
ATOM 581 C CA . GLU A 1 614 ? 3.958   5.595   24.848  1.00 59.32  ? 614 GLU A CA 1 
ATOM 582 C CA . GLU A 1 615 ? 3.252   5.173   28.592  1.00 78.52  ? 615 GLU A CA 1 
ATOM 583 C CA . TYR A 1 616 ? -0.553  5.142   28.041  1.00 96.05  ? 616 TYR A CA 1 
ATOM 584 C CA . MET A 1 617 ? -0.492  2.051   25.772  1.00 72.85  ? 617 MET A CA 1 
ATOM 585 C CA . GLY A 1 618 ? -2.344  -0.777  27.582  1.00 68.02  ? 618 GLY A CA 1 
ATOM 586 C CA . ASP A 1 619 ? -4.857  1.752   28.974  1.00 81.69  ? 619 ASP A CA 1 
ATOM 587 C CA . VAL A 1 620 ? -5.928  2.743   25.448  1.00 77.64  ? 620 VAL A CA 1 
ATOM 588 C CA . ILE A 1 621 ? -5.889  -0.865  24.151  1.00 64.12  ? 621 ILE A CA 1 
ATOM 589 C CA . GLY A 1 622 ? -8.146  -1.761  27.108  1.00 66.04  ? 622 GLY A CA 1 
ATOM 590 C CA . ASP A 1 623 ? -10.411 1.259   26.474  1.00 60.85  ? 623 ASP A CA 1 
ATOM 591 C CA . LEU A 1 624 ? -10.748 0.402   22.753  1.00 49.71  ? 624 LEU A CA 1 
ATOM 592 C CA . ASN A 1 625 ? -11.538 -3.239  23.617  1.00 58.78  ? 625 ASN A CA 1 
ATOM 593 C CA . ALA A 1 626 ? -14.107 -1.997  26.197  1.00 51.88  ? 626 ALA A CA 1 
ATOM 594 C CA . ARG A 1 627 ? -15.471 0.201   23.364  1.00 46.12  ? 627 ARG A CA 1 
ATOM 595 C CA . ARG A 1 628 ? -15.987 -3.198  21.607  1.00 42.81  ? 628 ARG A CA 1 
ATOM 596 C CA . GLY A 1 629 ? -13.008 -2.601  19.277  1.00 43.84  ? 629 GLY A CA 1 
ATOM 597 C CA . GLN A 1 630 ? -10.305 -4.708  17.566  1.00 55.62  ? 630 GLN A CA 1 
ATOM 598 C CA . ILE A 1 631 ? -6.733  -3.327  17.399  1.00 55.15  ? 631 ILE A CA 1 
ATOM 599 C CA . LEU A 1 632 ? -4.843  -3.553  14.057  1.00 68.65  ? 632 LEU A CA 1 
ATOM 600 C CA . GLY A 1 633 ? -1.288  -2.748  15.305  1.00 109.91 ? 633 GLY A CA 1 
ATOM 601 C CA . MET A 1 634 ? 0.418   0.197   17.045  1.00 81.25  ? 634 MET A CA 1 
ATOM 602 C CA . GLU A 1 635 ? 3.143   2.165   15.178  1.00 64.59  ? 635 GLU A CA 1 
ATOM 603 C CA . PRO A 1 636 ? 5.469   4.841   16.701  1.00 58.81  ? 636 PRO A CA 1 
ATOM 604 C CA . ARG A 1 637 ? 5.304   8.529   15.689  1.00 58.54  ? 637 ARG A CA 1 
ATOM 605 C CA . GLY A 1 638 ? 8.115   10.563  17.300  1.00 55.71  ? 638 GLY A CA 1 
ATOM 606 C CA . ASN A 1 639 ? 7.711   9.511   20.976  1.00 45.08  ? 639 ASN A CA 1 
ATOM 607 C CA . ALA A 1 640 ? 3.965   8.661   20.842  1.00 53.77  ? 640 ALA A CA 1 
ATOM 608 C CA . GLN A 1 641 ? 2.326   5.387   19.737  1.00 70.39  ? 641 GLN A CA 1 
ATOM 609 C CA . VAL A 1 642 ? -0.320  5.462   16.973  1.00 51.86  ? 642 VAL A CA 1 
ATOM 610 C CA . ILE A 1 643 ? -2.726  2.593   17.742  1.00 69.88  ? 643 ILE A CA 1 
ATOM 611 C CA . ARG A 1 644 ? -4.615  1.652   14.542  1.00 78.98  ? 644 ARG A CA 1 
ATOM 612 C CA . ALA A 1 645 ? -8.009  0.166   15.483  1.00 55.53  ? 645 ALA A CA 1 
ATOM 613 C CA . PHE A 1 646 ? -11.510 -0.759  14.414  1.00 73.13  ? 646 PHE A CA 1 
ATOM 614 C CA . VAL A 1 647 ? -14.019 0.414   17.112  1.00 37.29  ? 647 VAL A CA 1 
ATOM 615 C CA . PRO A 1 648 ? -17.845 1.108   16.747  1.00 37.54  ? 648 PRO A CA 1 
ATOM 616 C CA . LEU A 1 649 ? -19.547 4.574   16.364  1.00 42.98  ? 649 LEU A CA 1 
ATOM 617 C CA . ALA A 1 650 ? -22.230 3.679   18.930  1.00 55.40  ? 650 ALA A CA 1 
ATOM 618 C CA . GLU A 1 651 ? -19.502 3.738   21.636  1.00 44.26  ? 651 GLU A CA 1 
ATOM 619 C CA . MET A 1 652 ? -17.405 6.637   20.219  1.00 45.76  ? 652 MET A CA 1 
ATOM 620 C CA . PHE A 1 653 ? -19.901 9.254   21.502  1.00 53.97  ? 653 PHE A CA 1 
ATOM 621 C CA . GLY A 1 654 ? -17.785 11.429  23.841  1.00 61.76  ? 654 GLY A CA 1 
ATOM 622 C CA . TYR A 1 655 ? -14.673 9.199   23.268  1.00 57.02  ? 655 TYR A CA 1 
ATOM 623 C CA . ALA A 1 656 ? -12.439 12.311  23.291  1.00 62.62  ? 656 ALA A CA 1 
ATOM 624 C CA . THR A 1 657 ? -13.221 12.978  26.986  1.00 79.44  ? 657 THR A CA 1 
ATOM 625 C CA . ASP A 1 658 ? -12.344 9.418   28.092  1.00 59.23  ? 658 ASP A CA 1 
ATOM 626 C CA . LEU A 1 659 ? -9.293  9.415   25.793  1.00 52.87  ? 659 LEU A CA 1 
ATOM 627 C CA . ARG A 1 660 ? -8.287  12.712  27.479  1.00 61.98  ? 660 ARG A CA 1 
ATOM 628 C CA . SER A 1 661 ? -8.927  11.316  30.981  1.00 75.87  ? 661 SER A CA 1 
ATOM 629 C CA . LYS A 1 662 ? -6.971  8.066   30.469  1.00 48.62  ? 662 LYS A CA 1 
ATOM 630 C CA . THR A 1 663 ? -4.070  9.787   28.627  1.00 62.68  ? 663 THR A CA 1 
ATOM 631 C CA . GLN A 1 664 ? -3.982  12.675  31.182  1.00 56.61  ? 664 GLN A CA 1 
ATOM 632 C CA . GLY A 1 665 ? -5.001  15.142  28.421  1.00 48.71  ? 665 GLY A CA 1 
ATOM 633 C CA . ARG A 1 666 ? -2.095  14.184  26.113  1.00 66.37  ? 666 ARG A CA 1 
ATOM 634 C CA . GLY A 1 667 ? -3.628  11.578  23.750  1.00 47.62  ? 667 GLY A CA 1 
ATOM 635 C CA . SER A 1 668 ? -5.494  12.427  20.506  1.00 50.34  ? 668 SER A CA 1 
ATOM 636 C CA . PHE A 1 669 ? -7.150  10.491  17.639  1.00 48.35  ? 669 PHE A CA 1 
ATOM 637 C CA . VAL A 1 670 ? -8.722  10.537  14.184  1.00 53.43  ? 670 VAL A CA 1 
ATOM 638 C CA . MET A 1 671 ? -11.816 8.494   13.194  1.00 41.35  ? 671 MET A CA 1 
ATOM 639 C CA . PHE A 1 672 ? -13.056 7.390   9.749   1.00 59.03  ? 672 PHE A CA 1 
ATOM 640 C CA . PHE A 1 673 ? -16.091 5.523   8.471   1.00 51.58  ? 673 PHE A CA 1 
ATOM 641 C CA . ASP A 1 674 ? -16.954 1.767   8.314   1.00 58.15  ? 674 ASP A CA 1 
ATOM 642 C CA . HIS A 1 675 ? -20.591 1.052   7.163   1.00 46.81  ? 675 HIS A CA 1 
ATOM 643 C CA . TYR A 1 676 ? -23.198 -0.226  9.049   1.00 40.50  ? 676 TYR A CA 1 
ATOM 644 C CA . GLN A 1 677 ? -22.390 -3.911  9.655   1.00 48.88  ? 677 GLN A CA 1 
ATOM 645 C CA . GLU A 1 678 ? -25.881 -4.931  10.972  1.00 49.45  ? 678 GLU A CA 1 
ATOM 646 C CA . VAL A 1 679 ? -26.281 -2.674  14.039  1.00 58.34  ? 679 VAL A CA 1 
ATOM 647 C CA . PRO A 1 680 ? -25.006 -4.243  17.314  1.00 49.15  ? 680 PRO A CA 1 
ATOM 648 C CA . LYS A 1 681 ? -27.420 -7.131  17.428  1.00 43.99  ? 681 LYS A CA 1 
ATOM 649 C CA . GLN A 1 682 ? -27.355 -6.625  21.265  1.00 88.39  ? 682 GLN A CA 1 
ATOM 650 C CA . VAL A 1 683 ? -28.422 -3.003  20.871  1.00 56.78  ? 683 VAL A CA 1 
ATOM 651 C CA . GLN A 1 684 ? -30.898 -4.029  18.134  1.00 75.16  ? 684 GLN A CA 1 
ATOM 652 C CA . GLU A 1 685 ? -33.111 -5.103  21.093  1.00 94.95  ? 685 GLU A CA 1 
ATOM 653 C CA . LYS A 1 686 ? -32.584 -1.541  22.457  1.00 61.45  ? 686 LYS A CA 1 
ATOM 654 C CA . LEU A 1 687 ? -33.219 0.250   19.112  1.00 68.00  ? 687 LEU A CA 1 
ATOM 655 C CA . ILE A 1 688 ? -36.318 -1.869  18.368  1.00 63.24  ? 688 ILE A CA 1 
# 
